data_8RCY
# 
_entry.id   8RCY 
# 
_audit_conform.dict_name       mmcif_pdbx.dic 
_audit_conform.dict_version    5.397 
_audit_conform.dict_location   http://mmcif.pdb.org/dictionaries/ascii/mmcif_pdbx.dic 
# 
loop_
_database_2.database_id 
_database_2.database_code 
_database_2.pdbx_database_accession 
_database_2.pdbx_DOI 
PDB   8RCY         pdb_00008rcy 10.2210/pdb8rcy/pdb 
WWPDB D_1292133895 ?            ?                   
# 
_pdbx_audit_revision_history.ordinal             1 
_pdbx_audit_revision_history.data_content_type   'Structure model' 
_pdbx_audit_revision_history.major_revision      1 
_pdbx_audit_revision_history.minor_revision      0 
_pdbx_audit_revision_history.revision_date       2024-10-16 
# 
_pdbx_audit_revision_details.ordinal             1 
_pdbx_audit_revision_details.revision_ordinal    1 
_pdbx_audit_revision_details.data_content_type   'Structure model' 
_pdbx_audit_revision_details.provider            repository 
_pdbx_audit_revision_details.type                'Initial release' 
_pdbx_audit_revision_details.description         ? 
_pdbx_audit_revision_details.details             ? 
# 
_pdbx_database_status.status_code                     REL 
_pdbx_database_status.status_code_sf                  REL 
_pdbx_database_status.status_code_mr                  ? 
_pdbx_database_status.entry_id                        8RCY 
_pdbx_database_status.recvd_initial_deposition_date   2023-12-07 
_pdbx_database_status.SG_entry                        N 
_pdbx_database_status.deposit_site                    PDBE 
_pdbx_database_status.process_site                    PDBE 
_pdbx_database_status.status_code_cs                  ? 
_pdbx_database_status.status_code_nmr_data            ? 
_pdbx_database_status.methods_development_category    ? 
_pdbx_database_status.pdb_format_compatible           N 
# 
_pdbx_contact_author.id                 2 
_pdbx_contact_author.email              franck.fieschi@ibs.fr 
_pdbx_contact_author.name_first         Franck 
_pdbx_contact_author.name_last          Fieschi 
_pdbx_contact_author.name_mi            ? 
_pdbx_contact_author.role               'principal investigator/group leader' 
_pdbx_contact_author.identifier_ORCID   0000-0003-1194-8107 
# 
loop_
_audit_author.name 
_audit_author.pdbx_ordinal 
_audit_author.identifier_ORCID 
'Thepaut, M.'   1 0000-0003-4792-8271 
'Bouchikri, C.' 2 ?                   
'Pollastri, S.' 3 0000-0002-8118-7238 
'Bernardi, A.'  4 0000-0002-1258-2007 
'Fieschi, F.'   5 0000-0003-1194-8107 
# 
_citation.abstract                  ? 
_citation.abstract_id_CAS           ? 
_citation.book_id_ISBN              ? 
_citation.book_publisher            ? 
_citation.book_publisher_city       ? 
_citation.book_title                ? 
_citation.coordinate_linkage        ? 
_citation.country                   UK 
_citation.database_id_Medline       ? 
_citation.details                   ? 
_citation.id                        primary 
_citation.journal_abbrev            'Chem Sci' 
_citation.journal_id_ASTM           ? 
_citation.journal_id_CSD            ? 
_citation.journal_id_ISSN           2041-6520 
_citation.journal_full              ? 
_citation.journal_issue             ? 
_citation.journal_volume            15 
_citation.language                  ? 
_citation.page_first                15352 
_citation.page_last                 15366 
_citation.title                     
'Unprecedented selectivity for homologous lectin targets: differential targeting of the viral receptors L-SIGN and DC-SIGN.' 
_citation.year                      2024 
_citation.database_id_CSD           ? 
_citation.pdbx_database_id_DOI      10.1039/d4sc02980a 
_citation.pdbx_database_id_PubMed   39246372 
_citation.pdbx_database_id_patent   ? 
_citation.unpublished_flag          ? 
# 
loop_
_citation_author.citation_id 
_citation_author.name 
_citation_author.ordinal 
_citation_author.identifier_ORCID 
primary 'Delaunay, C.'        1  ?                   
primary 'Pollastri, S.'       2  0000-0002-8118-7238 
primary 'Thepaut, M.'         3  ?                   
primary 'Cavazzoli, G.'       4  ?                   
primary 'Belvisi, L.'         5  0000-0002-3593-2970 
primary 'Bouchikri, C.'       6  ?                   
primary 'Labiod, N.'          7  ?                   
primary 'Lasala, F.'          8  ?                   
primary 'Gimeno, A.'          9  ?                   
primary 'Franconetti, A.'     10 0000-0002-7972-8795 
primary 'Jimenez-Barbero, J.' 11 0000-0001-5421-8513 
primary 'Arda, A.'            12 ?                   
primary 'Delgado, R.'         13 ?                   
primary 'Bernardi, A.'        14 0000-0002-1258-2007 
primary 'Fieschi, F.'         15 0000-0003-1194-8107 
# 
loop_
_entity.id 
_entity.type 
_entity.src_method 
_entity.pdbx_description 
_entity.formula_weight 
_entity.pdbx_number_of_molecules 
_entity.pdbx_ec 
_entity.pdbx_mutation 
_entity.pdbx_fragment 
_entity.details 
1 polymer     man 'C-type lectin domain family 4 member M' 15823.151 1   ? ? ? 
;CSO at position 133 of the sequence is the result of a Cys oxidation after production of the original sequence (i.e. Cys was into the original clone).
;
2 non-polymer syn 'CALCIUM ION' 40.078    1   ? ? ? ? 
3 non-polymer syn 'CHLORIDE ION' 35.453    1   ? ? ? ? 
4 non-polymer syn 
'1-[[1-[(2S,3S,4R,5S,6R)-2-(2-chloroethyloxy)-6-(hydroxymethyl)-4,5-bis(oxidanyl)oxan-3-yl]-1,2,3-triazol-4-yl]methyl]guanidine' 
364.785   1   ? ? ? ? 
5 water       nat water 18.015    138 ? ? ? ? 
# 
_entity_name_com.entity_id   1 
_entity_name_com.name        
;CD209 antigen-like protein 1,DC-SIGN-related protein,DC-SIGNR,Dendritic cell-specific ICAM-3-grabbing non-integrin 2,DC-SIGN2,Liver/lymph node-specific ICAM-3-grabbing non-integrin,L-SIGN
;
# 
_entity_poly.entity_id                      1 
_entity_poly.type                           'polypeptide(L)' 
_entity_poly.nstd_linkage                   no 
_entity_poly.nstd_monomer                   yes 
_entity_poly.pdbx_seq_one_letter_code       
;GGGRHCPKDWTFFQGNCYFMSNSQRNWHDSVTACQEVRAQLVVIKTAEEQNFLQLQTSRSNRFSWMGLSDLNQEGTWQWV
DGSPLSPSFQRYWNSGEPNNSGNEDCAEFSGSGWNDNRCDVDNYWICKKPAA(CSO)FRDE
;
_entity_poly.pdbx_seq_one_letter_code_can   
;GGGRHCPKDWTFFQGNCYFMSNSQRNWHDSVTACQEVRAQLVVIKTAEEQNFLQLQTSRSNRFSWMGLSDLNQEGTWQWV
DGSPLSPSFQRYWNSGEPNNSGNEDCAEFSGSGWNDNRCDVDNYWICKKPAACFRDE
;
_entity_poly.pdbx_strand_id                 A 
_entity_poly.pdbx_target_identifier         ? 
# 
loop_
_pdbx_entity_nonpoly.entity_id 
_pdbx_entity_nonpoly.name 
_pdbx_entity_nonpoly.comp_id 
2 'CALCIUM ION'                                                                                                                    
CA    
3 'CHLORIDE ION'                                                                                                                   
CL    
4 '1-[[1-[(2S,3S,4R,5S,6R)-2-(2-chloroethyloxy)-6-(hydroxymethyl)-4,5-bis(oxidanyl)oxan-3-yl]-1,2,3-triazol-4-yl]methyl]guanidine' 
A1H0Q 
5 water                                                                                                                            
HOH   
# 
loop_
_entity_poly_seq.entity_id 
_entity_poly_seq.num 
_entity_poly_seq.mon_id 
_entity_poly_seq.hetero 
1 1   GLY n 
1 2   GLY n 
1 3   GLY n 
1 4   ARG n 
1 5   HIS n 
1 6   CYS n 
1 7   PRO n 
1 8   LYS n 
1 9   ASP n 
1 10  TRP n 
1 11  THR n 
1 12  PHE n 
1 13  PHE n 
1 14  GLN n 
1 15  GLY n 
1 16  ASN n 
1 17  CYS n 
1 18  TYR n 
1 19  PHE n 
1 20  MET n 
1 21  SER n 
1 22  ASN n 
1 23  SER n 
1 24  GLN n 
1 25  ARG n 
1 26  ASN n 
1 27  TRP n 
1 28  HIS n 
1 29  ASP n 
1 30  SER n 
1 31  VAL n 
1 32  THR n 
1 33  ALA n 
1 34  CYS n 
1 35  GLN n 
1 36  GLU n 
1 37  VAL n 
1 38  ARG n 
1 39  ALA n 
1 40  GLN n 
1 41  LEU n 
1 42  VAL n 
1 43  VAL n 
1 44  ILE n 
1 45  LYS n 
1 46  THR n 
1 47  ALA n 
1 48  GLU n 
1 49  GLU n 
1 50  GLN n 
1 51  ASN n 
1 52  PHE n 
1 53  LEU n 
1 54  GLN n 
1 55  LEU n 
1 56  GLN n 
1 57  THR n 
1 58  SER n 
1 59  ARG n 
1 60  SER n 
1 61  ASN n 
1 62  ARG n 
1 63  PHE n 
1 64  SER n 
1 65  TRP n 
1 66  MET n 
1 67  GLY n 
1 68  LEU n 
1 69  SER n 
1 70  ASP n 
1 71  LEU n 
1 72  ASN n 
1 73  GLN n 
1 74  GLU n 
1 75  GLY n 
1 76  THR n 
1 77  TRP n 
1 78  GLN n 
1 79  TRP n 
1 80  VAL n 
1 81  ASP n 
1 82  GLY n 
1 83  SER n 
1 84  PRO n 
1 85  LEU n 
1 86  SER n 
1 87  PRO n 
1 88  SER n 
1 89  PHE n 
1 90  GLN n 
1 91  ARG n 
1 92  TYR n 
1 93  TRP n 
1 94  ASN n 
1 95  SER n 
1 96  GLY n 
1 97  GLU n 
1 98  PRO n 
1 99  ASN n 
1 100 ASN n 
1 101 SER n 
1 102 GLY n 
1 103 ASN n 
1 104 GLU n 
1 105 ASP n 
1 106 CYS n 
1 107 ALA n 
1 108 GLU n 
1 109 PHE n 
1 110 SER n 
1 111 GLY n 
1 112 SER n 
1 113 GLY n 
1 114 TRP n 
1 115 ASN n 
1 116 ASP n 
1 117 ASN n 
1 118 ARG n 
1 119 CYS n 
1 120 ASP n 
1 121 VAL n 
1 122 ASP n 
1 123 ASN n 
1 124 TYR n 
1 125 TRP n 
1 126 ILE n 
1 127 CYS n 
1 128 LYS n 
1 129 LYS n 
1 130 PRO n 
1 131 ALA n 
1 132 ALA n 
1 133 CSO n 
1 134 PHE n 
1 135 ARG n 
1 136 ASP n 
1 137 GLU n 
# 
_entity_src_gen.entity_id                          1 
_entity_src_gen.pdbx_src_id                        1 
_entity_src_gen.pdbx_alt_source_flag               sample 
_entity_src_gen.pdbx_seq_type                      'Biological sequence' 
_entity_src_gen.pdbx_beg_seq_num                   1 
_entity_src_gen.pdbx_end_seq_num                   137 
_entity_src_gen.gene_src_common_name               human 
_entity_src_gen.gene_src_genus                     ? 
_entity_src_gen.pdbx_gene_src_gene                 'CLEC4M, CD209L, CD209L1, CD299' 
_entity_src_gen.gene_src_species                   ? 
_entity_src_gen.gene_src_strain                    ? 
_entity_src_gen.gene_src_tissue                    ? 
_entity_src_gen.gene_src_tissue_fraction           ? 
_entity_src_gen.gene_src_details                   ? 
_entity_src_gen.pdbx_gene_src_fragment             ? 
_entity_src_gen.pdbx_gene_src_scientific_name      'Homo sapiens' 
_entity_src_gen.pdbx_gene_src_ncbi_taxonomy_id     9606 
_entity_src_gen.pdbx_gene_src_variant              ? 
_entity_src_gen.pdbx_gene_src_cell_line            ? 
_entity_src_gen.pdbx_gene_src_atcc                 ? 
_entity_src_gen.pdbx_gene_src_organ                ? 
_entity_src_gen.pdbx_gene_src_organelle            ? 
_entity_src_gen.pdbx_gene_src_cell                 ? 
_entity_src_gen.pdbx_gene_src_cellular_location    ? 
_entity_src_gen.host_org_common_name               ? 
_entity_src_gen.pdbx_host_org_scientific_name      'Escherichia coli' 
_entity_src_gen.pdbx_host_org_ncbi_taxonomy_id     562 
_entity_src_gen.host_org_genus                     ? 
_entity_src_gen.pdbx_host_org_gene                 ? 
_entity_src_gen.pdbx_host_org_organ                ? 
_entity_src_gen.host_org_species                   ? 
_entity_src_gen.pdbx_host_org_tissue               ? 
_entity_src_gen.pdbx_host_org_tissue_fraction      ? 
_entity_src_gen.pdbx_host_org_strain               ? 
_entity_src_gen.pdbx_host_org_variant              ? 
_entity_src_gen.pdbx_host_org_cell_line            ? 
_entity_src_gen.pdbx_host_org_atcc                 ? 
_entity_src_gen.pdbx_host_org_culture_collection   ? 
_entity_src_gen.pdbx_host_org_cell                 ? 
_entity_src_gen.pdbx_host_org_organelle            ? 
_entity_src_gen.pdbx_host_org_cellular_location    ? 
_entity_src_gen.pdbx_host_org_vector_type          ? 
_entity_src_gen.pdbx_host_org_vector               ? 
_entity_src_gen.host_org_details                   ? 
_entity_src_gen.expression_system_id               ? 
_entity_src_gen.plasmid_name                       ? 
_entity_src_gen.plasmid_details                    ? 
_entity_src_gen.pdbx_description                   ? 
# 
loop_
_chem_comp.id 
_chem_comp.type 
_chem_comp.mon_nstd_flag 
_chem_comp.name 
_chem_comp.pdbx_synonyms 
_chem_comp.formula 
_chem_comp.formula_weight 
A1H0Q non-polymer         . 
'1-[[1-[(2S,3S,4R,5S,6R)-2-(2-chloroethyloxy)-6-(hydroxymethyl)-4,5-bis(oxidanyl)oxan-3-yl]-1,2,3-triazol-4-yl]methyl]guanidine' ? 
'C12 H21 Cl N6 O5' 364.785 
ALA   'L-peptide linking' y ALANINE ? 'C3 H7 N O2'       89.093  
ARG   'L-peptide linking' y ARGININE ? 'C6 H15 N4 O2 1'   175.209 
ASN   'L-peptide linking' y ASPARAGINE ? 'C4 H8 N2 O3'      132.118 
ASP   'L-peptide linking' y 'ASPARTIC ACID' ? 'C4 H7 N O4'       133.103 
CA    non-polymer         . 'CALCIUM ION' ? 'Ca 2'             40.078  
CL    non-polymer         . 'CHLORIDE ION' ? 'Cl -1'            35.453  
CSO   'L-peptide linking' n S-HYDROXYCYSTEINE ? 'C3 H7 N O3 S'     137.158 
CYS   'L-peptide linking' y CYSTEINE ? 'C3 H7 N O2 S'     121.158 
GLN   'L-peptide linking' y GLUTAMINE ? 'C5 H10 N2 O3'     146.144 
GLU   'L-peptide linking' y 'GLUTAMIC ACID' ? 'C5 H9 N O4'       147.129 
GLY   'peptide linking'   y GLYCINE ? 'C2 H5 N O2'       75.067  
HIS   'L-peptide linking' y HISTIDINE ? 'C6 H10 N3 O2 1'   156.162 
HOH   non-polymer         . WATER ? 'H2 O'             18.015  
ILE   'L-peptide linking' y ISOLEUCINE ? 'C6 H13 N O2'      131.173 
LEU   'L-peptide linking' y LEUCINE ? 'C6 H13 N O2'      131.173 
LYS   'L-peptide linking' y LYSINE ? 'C6 H15 N2 O2 1'   147.195 
MET   'L-peptide linking' y METHIONINE ? 'C5 H11 N O2 S'    149.211 
PHE   'L-peptide linking' y PHENYLALANINE ? 'C9 H11 N O2'      165.189 
PRO   'L-peptide linking' y PROLINE ? 'C5 H9 N O2'       115.130 
SER   'L-peptide linking' y SERINE ? 'C3 H7 N O3'       105.093 
THR   'L-peptide linking' y THREONINE ? 'C4 H9 N O3'       119.119 
TRP   'L-peptide linking' y TRYPTOPHAN ? 'C11 H12 N2 O2'    204.225 
TYR   'L-peptide linking' y TYROSINE ? 'C9 H11 N O3'      181.189 
VAL   'L-peptide linking' y VALINE ? 'C5 H11 N O2'      117.146 
# 
loop_
_pdbx_poly_seq_scheme.asym_id 
_pdbx_poly_seq_scheme.entity_id 
_pdbx_poly_seq_scheme.seq_id 
_pdbx_poly_seq_scheme.mon_id 
_pdbx_poly_seq_scheme.ndb_seq_num 
_pdbx_poly_seq_scheme.pdb_seq_num 
_pdbx_poly_seq_scheme.auth_seq_num 
_pdbx_poly_seq_scheme.pdb_mon_id 
_pdbx_poly_seq_scheme.auth_mon_id 
_pdbx_poly_seq_scheme.pdb_strand_id 
_pdbx_poly_seq_scheme.pdb_ins_code 
_pdbx_poly_seq_scheme.hetero 
A 1 1   GLY 1   263 ?   ?   ?   A . n 
A 1 2   GLY 2   264 ?   ?   ?   A . n 
A 1 3   GLY 3   265 ?   ?   ?   A . n 
A 1 4   ARG 4   266 266 ARG ARG A . n 
A 1 5   HIS 5   267 267 HIS HIS A . n 
A 1 6   CYS 6   268 268 CYS CYS A . n 
A 1 7   PRO 7   269 269 PRO PRO A . n 
A 1 8   LYS 8   270 270 LYS LYS A . n 
A 1 9   ASP 9   271 271 ASP ASP A . n 
A 1 10  TRP 10  272 272 TRP TRP A . n 
A 1 11  THR 11  273 273 THR THR A . n 
A 1 12  PHE 12  274 274 PHE PHE A . n 
A 1 13  PHE 13  275 275 PHE PHE A . n 
A 1 14  GLN 14  276 276 GLN GLN A . n 
A 1 15  GLY 15  277 277 GLY GLY A . n 
A 1 16  ASN 16  278 278 ASN ASN A . n 
A 1 17  CYS 17  279 279 CYS CYS A . n 
A 1 18  TYR 18  280 280 TYR TYR A . n 
A 1 19  PHE 19  281 281 PHE PHE A . n 
A 1 20  MET 20  282 282 MET MET A . n 
A 1 21  SER 21  283 283 SER SER A . n 
A 1 22  ASN 22  284 284 ASN ASN A . n 
A 1 23  SER 23  285 285 SER SER A . n 
A 1 24  GLN 24  286 286 GLN GLN A . n 
A 1 25  ARG 25  287 287 ARG ARG A . n 
A 1 26  ASN 26  288 288 ASN ASN A . n 
A 1 27  TRP 27  289 289 TRP TRP A . n 
A 1 28  HIS 28  290 290 HIS HIS A . n 
A 1 29  ASP 29  291 291 ASP ASP A . n 
A 1 30  SER 30  292 292 SER SER A . n 
A 1 31  VAL 31  293 293 VAL VAL A . n 
A 1 32  THR 32  294 294 THR THR A . n 
A 1 33  ALA 33  295 295 ALA ALA A . n 
A 1 34  CYS 34  296 296 CYS CYS A . n 
A 1 35  GLN 35  297 297 GLN GLN A . n 
A 1 36  GLU 36  298 298 GLU GLU A . n 
A 1 37  VAL 37  299 299 VAL VAL A . n 
A 1 38  ARG 38  300 300 ARG ARG A . n 
A 1 39  ALA 39  301 301 ALA ALA A . n 
A 1 40  GLN 40  302 302 GLN GLN A . n 
A 1 41  LEU 41  303 303 LEU LEU A . n 
A 1 42  VAL 42  304 304 VAL VAL A . n 
A 1 43  VAL 43  305 305 VAL VAL A . n 
A 1 44  ILE 44  306 306 ILE ILE A . n 
A 1 45  LYS 45  307 307 LYS LYS A . n 
A 1 46  THR 46  308 308 THR THR A . n 
A 1 47  ALA 47  309 309 ALA ALA A . n 
A 1 48  GLU 48  310 310 GLU GLU A . n 
A 1 49  GLU 49  311 311 GLU GLU A . n 
A 1 50  GLN 50  312 312 GLN GLN A . n 
A 1 51  ASN 51  313 313 ASN ASN A . n 
A 1 52  PHE 52  314 314 PHE PHE A . n 
A 1 53  LEU 53  315 315 LEU LEU A . n 
A 1 54  GLN 54  316 316 GLN GLN A . n 
A 1 55  LEU 55  317 317 LEU LEU A . n 
A 1 56  GLN 56  318 318 GLN GLN A . n 
A 1 57  THR 57  319 319 THR THR A . n 
A 1 58  SER 58  320 320 SER SER A . n 
A 1 59  ARG 59  321 321 ARG ARG A . n 
A 1 60  SER 60  322 322 SER SER A . n 
A 1 61  ASN 61  323 323 ASN ASN A . n 
A 1 62  ARG 62  324 324 ARG ARG A . n 
A 1 63  PHE 63  325 325 PHE PHE A . n 
A 1 64  SER 64  326 326 SER SER A . n 
A 1 65  TRP 65  327 327 TRP TRP A . n 
A 1 66  MET 66  328 328 MET MET A . n 
A 1 67  GLY 67  329 329 GLY GLY A . n 
A 1 68  LEU 68  330 330 LEU LEU A . n 
A 1 69  SER 69  331 331 SER SER A . n 
A 1 70  ASP 70  332 332 ASP ASP A . n 
A 1 71  LEU 71  333 333 LEU LEU A . n 
A 1 72  ASN 72  334 334 ASN ASN A . n 
A 1 73  GLN 73  335 335 GLN GLN A . n 
A 1 74  GLU 74  336 336 GLU GLU A . n 
A 1 75  GLY 75  337 337 GLY GLY A . n 
A 1 76  THR 76  338 338 THR THR A . n 
A 1 77  TRP 77  339 339 TRP TRP A . n 
A 1 78  GLN 78  340 340 GLN GLN A . n 
A 1 79  TRP 79  341 341 TRP TRP A . n 
A 1 80  VAL 80  342 342 VAL VAL A . n 
A 1 81  ASP 81  343 343 ASP ASP A . n 
A 1 82  GLY 82  344 344 GLY GLY A . n 
A 1 83  SER 83  345 345 SER SER A . n 
A 1 84  PRO 84  346 346 PRO PRO A . n 
A 1 85  LEU 85  347 347 LEU LEU A . n 
A 1 86  SER 86  348 348 SER SER A . n 
A 1 87  PRO 87  349 349 PRO PRO A . n 
A 1 88  SER 88  350 350 SER SER A . n 
A 1 89  PHE 89  351 351 PHE PHE A . n 
A 1 90  GLN 90  352 352 GLN GLN A . n 
A 1 91  ARG 91  353 353 ARG ARG A . n 
A 1 92  TYR 92  354 354 TYR TYR A . n 
A 1 93  TRP 93  355 355 TRP TRP A . n 
A 1 94  ASN 94  356 356 ASN ASN A . n 
A 1 95  SER 95  357 357 SER SER A . n 
A 1 96  GLY 96  358 358 GLY GLY A . n 
A 1 97  GLU 97  359 359 GLU GLU A . n 
A 1 98  PRO 98  360 360 PRO PRO A . n 
A 1 99  ASN 99  361 361 ASN ASN A . n 
A 1 100 ASN 100 362 362 ASN ASN A . n 
A 1 101 SER 101 363 363 SER SER A . n 
A 1 102 GLY 102 364 364 GLY GLY A . n 
A 1 103 ASN 103 365 365 ASN ASN A . n 
A 1 104 GLU 104 366 366 GLU GLU A . n 
A 1 105 ASP 105 367 367 ASP ASP A . n 
A 1 106 CYS 106 368 368 CYS CYS A . n 
A 1 107 ALA 107 369 369 ALA ALA A . n 
A 1 108 GLU 108 370 370 GLU GLU A . n 
A 1 109 PHE 109 371 371 PHE PHE A . n 
A 1 110 SER 110 372 372 SER SER A . n 
A 1 111 GLY 111 373 373 GLY GLY A . n 
A 1 112 SER 112 374 374 SER SER A . n 
A 1 113 GLY 113 375 375 GLY GLY A . n 
A 1 114 TRP 114 376 376 TRP TRP A . n 
A 1 115 ASN 115 377 377 ASN ASN A . n 
A 1 116 ASP 116 378 378 ASP ASP A . n 
A 1 117 ASN 117 379 379 ASN ASN A . n 
A 1 118 ARG 118 380 380 ARG ARG A . n 
A 1 119 CYS 119 381 381 CYS CYS A . n 
A 1 120 ASP 120 382 382 ASP ASP A . n 
A 1 121 VAL 121 383 383 VAL VAL A . n 
A 1 122 ASP 122 384 384 ASP ASP A . n 
A 1 123 ASN 123 385 385 ASN ASN A . n 
A 1 124 TYR 124 386 386 TYR TYR A . n 
A 1 125 TRP 125 387 387 TRP TRP A . n 
A 1 126 ILE 126 388 388 ILE ILE A . n 
A 1 127 CYS 127 389 389 CYS CYS A . n 
A 1 128 LYS 128 390 390 LYS LYS A . n 
A 1 129 LYS 129 391 391 LYS LYS A . n 
A 1 130 PRO 130 392 392 PRO PRO A . n 
A 1 131 ALA 131 393 393 ALA ALA A . n 
A 1 132 ALA 132 394 394 ALA ALA A . n 
A 1 133 CSO 133 395 395 CSO CSO A . n 
A 1 134 PHE 134 396 396 PHE PHE A . n 
A 1 135 ARG 135 397 397 ARG ARG A . n 
A 1 136 ASP 136 398 398 ASP ASP A . n 
A 1 137 GLU 137 399 399 GLU GLU A . n 
# 
_pdbx_entity_instance_feature.ordinal        1 
_pdbx_entity_instance_feature.comp_id        A1H0Q 
_pdbx_entity_instance_feature.asym_id        ? 
_pdbx_entity_instance_feature.seq_num        ? 
_pdbx_entity_instance_feature.auth_comp_id   A1H0Q 
_pdbx_entity_instance_feature.auth_asym_id   ? 
_pdbx_entity_instance_feature.auth_seq_num   ? 
_pdbx_entity_instance_feature.feature_type   'SUBJECT OF INVESTIGATION' 
_pdbx_entity_instance_feature.details        ? 
# 
loop_
_pdbx_nonpoly_scheme.asym_id 
_pdbx_nonpoly_scheme.entity_id 
_pdbx_nonpoly_scheme.mon_id 
_pdbx_nonpoly_scheme.ndb_seq_num 
_pdbx_nonpoly_scheme.pdb_seq_num 
_pdbx_nonpoly_scheme.auth_seq_num 
_pdbx_nonpoly_scheme.pdb_mon_id 
_pdbx_nonpoly_scheme.auth_mon_id 
_pdbx_nonpoly_scheme.pdb_strand_id 
_pdbx_nonpoly_scheme.pdb_ins_code 
B 2 CA    1   1001 1001 CA    CA  A . 
C 3 CL    1   1002 1002 CL    CL  A . 
D 4 A1H0Q 1   1003 1    A1H0Q LIG A . 
E 5 HOH   1   1101 131  HOH   HOH A . 
E 5 HOH   2   1102 94   HOH   HOH A . 
E 5 HOH   3   1103 88   HOH   HOH A . 
E 5 HOH   4   1104 97   HOH   HOH A . 
E 5 HOH   5   1105 72   HOH   HOH A . 
E 5 HOH   6   1106 68   HOH   HOH A . 
E 5 HOH   7   1107 124  HOH   HOH A . 
E 5 HOH   8   1108 14   HOH   HOH A . 
E 5 HOH   9   1109 81   HOH   HOH A . 
E 5 HOH   10  1110 99   HOH   HOH A . 
E 5 HOH   11  1111 115  HOH   HOH A . 
E 5 HOH   12  1112 75   HOH   HOH A . 
E 5 HOH   13  1113 64   HOH   HOH A . 
E 5 HOH   14  1114 54   HOH   HOH A . 
E 5 HOH   15  1115 118  HOH   HOH A . 
E 5 HOH   16  1116 87   HOH   HOH A . 
E 5 HOH   17  1117 79   HOH   HOH A . 
E 5 HOH   18  1118 22   HOH   HOH A . 
E 5 HOH   19  1119 83   HOH   HOH A . 
E 5 HOH   20  1120 21   HOH   HOH A . 
E 5 HOH   21  1121 134  HOH   HOH A . 
E 5 HOH   22  1122 116  HOH   HOH A . 
E 5 HOH   23  1123 29   HOH   HOH A . 
E 5 HOH   24  1124 92   HOH   HOH A . 
E 5 HOH   25  1125 129  HOH   HOH A . 
E 5 HOH   26  1126 1    HOH   HOH A . 
E 5 HOH   27  1127 122  HOH   HOH A . 
E 5 HOH   28  1128 58   HOH   HOH A . 
E 5 HOH   29  1129 133  HOH   HOH A . 
E 5 HOH   30  1130 110  HOH   HOH A . 
E 5 HOH   31  1131 93   HOH   HOH A . 
E 5 HOH   32  1132 53   HOH   HOH A . 
E 5 HOH   33  1133 9    HOH   HOH A . 
E 5 HOH   34  1134 59   HOH   HOH A . 
E 5 HOH   35  1135 49   HOH   HOH A . 
E 5 HOH   36  1136 17   HOH   HOH A . 
E 5 HOH   37  1137 109  HOH   HOH A . 
E 5 HOH   38  1138 24   HOH   HOH A . 
E 5 HOH   39  1139 111  HOH   HOH A . 
E 5 HOH   40  1140 138  HOH   HOH A . 
E 5 HOH   41  1141 3    HOH   HOH A . 
E 5 HOH   42  1142 40   HOH   HOH A . 
E 5 HOH   43  1143 107  HOH   HOH A . 
E 5 HOH   44  1144 42   HOH   HOH A . 
E 5 HOH   45  1145 6    HOH   HOH A . 
E 5 HOH   46  1146 19   HOH   HOH A . 
E 5 HOH   47  1147 7    HOH   HOH A . 
E 5 HOH   48  1148 32   HOH   HOH A . 
E 5 HOH   49  1149 95   HOH   HOH A . 
E 5 HOH   50  1150 108  HOH   HOH A . 
E 5 HOH   51  1151 8    HOH   HOH A . 
E 5 HOH   52  1152 106  HOH   HOH A . 
E 5 HOH   53  1153 84   HOH   HOH A . 
E 5 HOH   54  1154 76   HOH   HOH A . 
E 5 HOH   55  1155 55   HOH   HOH A . 
E 5 HOH   56  1156 12   HOH   HOH A . 
E 5 HOH   57  1157 100  HOH   HOH A . 
E 5 HOH   58  1158 69   HOH   HOH A . 
E 5 HOH   59  1159 50   HOH   HOH A . 
E 5 HOH   60  1160 104  HOH   HOH A . 
E 5 HOH   61  1161 128  HOH   HOH A . 
E 5 HOH   62  1162 10   HOH   HOH A . 
E 5 HOH   63  1163 66   HOH   HOH A . 
E 5 HOH   64  1164 137  HOH   HOH A . 
E 5 HOH   65  1165 25   HOH   HOH A . 
E 5 HOH   66  1166 33   HOH   HOH A . 
E 5 HOH   67  1167 45   HOH   HOH A . 
E 5 HOH   68  1168 112  HOH   HOH A . 
E 5 HOH   69  1169 44   HOH   HOH A . 
E 5 HOH   70  1170 135  HOH   HOH A . 
E 5 HOH   71  1171 26   HOH   HOH A . 
E 5 HOH   72  1172 48   HOH   HOH A . 
E 5 HOH   73  1173 36   HOH   HOH A . 
E 5 HOH   74  1174 102  HOH   HOH A . 
E 5 HOH   75  1175 5    HOH   HOH A . 
E 5 HOH   76  1176 119  HOH   HOH A . 
E 5 HOH   77  1177 39   HOH   HOH A . 
E 5 HOH   78  1178 86   HOH   HOH A . 
E 5 HOH   79  1179 127  HOH   HOH A . 
E 5 HOH   80  1180 46   HOH   HOH A . 
E 5 HOH   81  1181 63   HOH   HOH A . 
E 5 HOH   82  1182 16   HOH   HOH A . 
E 5 HOH   83  1183 27   HOH   HOH A . 
E 5 HOH   84  1184 47   HOH   HOH A . 
E 5 HOH   85  1185 4    HOH   HOH A . 
E 5 HOH   86  1186 18   HOH   HOH A . 
E 5 HOH   87  1187 15   HOH   HOH A . 
E 5 HOH   88  1188 30   HOH   HOH A . 
E 5 HOH   89  1189 103  HOH   HOH A . 
E 5 HOH   90  1190 28   HOH   HOH A . 
E 5 HOH   91  1191 31   HOH   HOH A . 
E 5 HOH   92  1192 117  HOH   HOH A . 
E 5 HOH   93  1193 85   HOH   HOH A . 
E 5 HOH   94  1194 52   HOH   HOH A . 
E 5 HOH   95  1195 11   HOH   HOH A . 
E 5 HOH   96  1196 91   HOH   HOH A . 
E 5 HOH   97  1197 51   HOH   HOH A . 
E 5 HOH   98  1198 77   HOH   HOH A . 
E 5 HOH   99  1199 20   HOH   HOH A . 
E 5 HOH   100 1200 78   HOH   HOH A . 
E 5 HOH   101 1201 2    HOH   HOH A . 
E 5 HOH   102 1202 13   HOH   HOH A . 
E 5 HOH   103 1203 120  HOH   HOH A . 
E 5 HOH   104 1204 34   HOH   HOH A . 
E 5 HOH   105 1205 96   HOH   HOH A . 
E 5 HOH   106 1206 23   HOH   HOH A . 
E 5 HOH   107 1207 74   HOH   HOH A . 
E 5 HOH   108 1208 67   HOH   HOH A . 
E 5 HOH   109 1209 126  HOH   HOH A . 
E 5 HOH   110 1210 43   HOH   HOH A . 
E 5 HOH   111 1211 82   HOH   HOH A . 
E 5 HOH   112 1212 62   HOH   HOH A . 
E 5 HOH   113 1213 125  HOH   HOH A . 
E 5 HOH   114 1214 56   HOH   HOH A . 
E 5 HOH   115 1215 98   HOH   HOH A . 
E 5 HOH   116 1216 41   HOH   HOH A . 
E 5 HOH   117 1217 113  HOH   HOH A . 
E 5 HOH   118 1218 60   HOH   HOH A . 
E 5 HOH   119 1219 73   HOH   HOH A . 
E 5 HOH   120 1220 132  HOH   HOH A . 
E 5 HOH   121 1221 65   HOH   HOH A . 
E 5 HOH   122 1222 57   HOH   HOH A . 
E 5 HOH   123 1223 35   HOH   HOH A . 
E 5 HOH   124 1224 37   HOH   HOH A . 
E 5 HOH   125 1225 123  HOH   HOH A . 
E 5 HOH   126 1226 80   HOH   HOH A . 
E 5 HOH   127 1227 61   HOH   HOH A . 
E 5 HOH   128 1228 136  HOH   HOH A . 
E 5 HOH   129 1229 71   HOH   HOH A . 
E 5 HOH   130 1230 101  HOH   HOH A . 
E 5 HOH   131 1231 105  HOH   HOH A . 
E 5 HOH   132 1232 38   HOH   HOH A . 
E 5 HOH   133 1233 121  HOH   HOH A . 
E 5 HOH   134 1234 70   HOH   HOH A . 
E 5 HOH   135 1235 114  HOH   HOH A . 
E 5 HOH   136 1236 130  HOH   HOH A . 
E 5 HOH   137 1237 90   HOH   HOH A . 
E 5 HOH   138 1238 89   HOH   HOH A . 
# 
loop_
_software.citation_id 
_software.classification 
_software.compiler_name 
_software.compiler_version 
_software.contact_author 
_software.contact_author_email 
_software.date 
_software.description 
_software.dependencies 
_software.hardware 
_software.language 
_software.location 
_software.mods 
_software.name 
_software.os 
_software.os_version 
_software.type 
_software.version 
_software.pdbx_ordinal 
? 'data reduction' ? ? ? ? ? ? ? ? ? ? ? XDS    ? ? ? .        1 
? 'data scaling'   ? ? ? ? ? ? ? ? ? ? ? XSCALE ? ? ? .        2 
? phasing          ? ? ? ? ? ? ? ? ? ? ? MOLREP ? ? ? .        3 
? 'model building' ? ? ? ? ? ? ? ? ? ? ? Coot   ? ? ? .        4 
? refinement       ? ? ? ? ? ? ? ? ? ? ? REFMAC ? ? ? 5.8.0267 5 
# 
_cell.angle_alpha                  90.00 
_cell.angle_alpha_esd              ? 
_cell.angle_beta                   103.53 
_cell.angle_beta_esd               ? 
_cell.angle_gamma                  90.00 
_cell.angle_gamma_esd              ? 
_cell.entry_id                     8RCY 
_cell.details                      ? 
_cell.formula_units_Z              ? 
_cell.length_a                     33.430 
_cell.length_a_esd                 ? 
_cell.length_b                     48.890 
_cell.length_b_esd                 ? 
_cell.length_c                     35.670 
_cell.length_c_esd                 ? 
_cell.volume                       ? 
_cell.volume_esd                   ? 
_cell.Z_PDB                        2 
_cell.reciprocal_angle_alpha       ? 
_cell.reciprocal_angle_beta        ? 
_cell.reciprocal_angle_gamma       ? 
_cell.reciprocal_angle_alpha_esd   ? 
_cell.reciprocal_angle_beta_esd    ? 
_cell.reciprocal_angle_gamma_esd   ? 
_cell.reciprocal_length_a          ? 
_cell.reciprocal_length_b          ? 
_cell.reciprocal_length_c          ? 
_cell.reciprocal_length_a_esd      ? 
_cell.reciprocal_length_b_esd      ? 
_cell.reciprocal_length_c_esd      ? 
_cell.pdbx_unique_axis             ? 
_cell.pdbx_esd_method              ? 
# 
_symmetry.entry_id                         8RCY 
_symmetry.cell_setting                     ? 
_symmetry.Int_Tables_number                4 
_symmetry.space_group_name_Hall            ? 
_symmetry.space_group_name_H-M             'P 1 21 1' 
_symmetry.pdbx_full_space_group_name_H-M   ? 
# 
_exptl.absorpt_coefficient_mu     ? 
_exptl.absorpt_correction_T_max   ? 
_exptl.absorpt_correction_T_min   ? 
_exptl.absorpt_correction_type    ? 
_exptl.absorpt_process_details    ? 
_exptl.entry_id                   8RCY 
_exptl.crystals_number            1 
_exptl.details                    ? 
_exptl.method                     'X-RAY DIFFRACTION' 
_exptl.method_details             ? 
# 
_exptl_crystal.colour                       ? 
_exptl_crystal.density_diffrn               ? 
_exptl_crystal.density_Matthews             1.79 
_exptl_crystal.density_method               ? 
_exptl_crystal.density_percent_sol          31.33 
_exptl_crystal.description                  ? 
_exptl_crystal.F_000                        ? 
_exptl_crystal.id                           1 
_exptl_crystal.preparation                  ? 
_exptl_crystal.size_max                     ? 
_exptl_crystal.size_mid                     ? 
_exptl_crystal.size_min                     ? 
_exptl_crystal.size_rad                     ? 
_exptl_crystal.colour_lustre                ? 
_exptl_crystal.colour_modifier              ? 
_exptl_crystal.colour_primary               ? 
_exptl_crystal.density_meas                 ? 
_exptl_crystal.density_meas_esd             ? 
_exptl_crystal.density_meas_gt              ? 
_exptl_crystal.density_meas_lt              ? 
_exptl_crystal.density_meas_temp            ? 
_exptl_crystal.density_meas_temp_esd        ? 
_exptl_crystal.density_meas_temp_gt         ? 
_exptl_crystal.density_meas_temp_lt         ? 
_exptl_crystal.pdbx_crystal_image_url       ? 
_exptl_crystal.pdbx_crystal_image_format    ? 
_exptl_crystal.pdbx_mosaicity               ? 
_exptl_crystal.pdbx_mosaicity_esd           ? 
_exptl_crystal.pdbx_mosaic_method           ? 
_exptl_crystal.pdbx_mosaic_block_size       ? 
_exptl_crystal.pdbx_mosaic_block_size_esd   ? 
# 
_exptl_crystal_grow.apparatus       ? 
_exptl_crystal_grow.atmosphere      ? 
_exptl_crystal_grow.crystal_id      1 
_exptl_crystal_grow.details         ? 
_exptl_crystal_grow.method          'VAPOR DIFFUSION, SITTING DROP' 
_exptl_crystal_grow.method_ref      ? 
_exptl_crystal_grow.pH              ? 
_exptl_crystal_grow.pressure        ? 
_exptl_crystal_grow.pressure_esd    ? 
_exptl_crystal_grow.seeding         ? 
_exptl_crystal_grow.seeding_ref     ? 
_exptl_crystal_grow.temp_details    ? 
_exptl_crystal_grow.temp_esd        ? 
_exptl_crystal_grow.time            ? 
_exptl_crystal_grow.pdbx_details    
;Crystallization technique: sitting drop of 150 nL (ratio 2:1, protein:precipitant).
Protein stock: 20 mg / mL into 150 mM NaCl, 25 mM TRIS 8, 4 mM CaCl2.
200 nL 
Precipitant: PEG Suite Qiagen H12 (0.18 M tri-Ammonium citrate, 20 %(w/v) PEG 3350).
;
_exptl_crystal_grow.pdbx_pH_range   ? 
_exptl_crystal_grow.temp            293 
# 
_diffrn.ambient_environment              ? 
_diffrn.ambient_temp                     100 
_diffrn.ambient_temp_details             ? 
_diffrn.ambient_temp_esd                 ? 
_diffrn.crystal_id                       1 
_diffrn.crystal_support                  ? 
_diffrn.crystal_treatment                ? 
_diffrn.details                          ? 
_diffrn.id                               1 
_diffrn.ambient_pressure                 ? 
_diffrn.ambient_pressure_esd             ? 
_diffrn.ambient_pressure_gt              ? 
_diffrn.ambient_pressure_lt              ? 
_diffrn.ambient_temp_gt                  ? 
_diffrn.ambient_temp_lt                  ? 
_diffrn.pdbx_serial_crystal_experiment   N 
# 
_diffrn_detector.details                      ? 
_diffrn_detector.detector                     PIXEL 
_diffrn_detector.diffrn_id                    1 
_diffrn_detector.type                         'DECTRIS PILATUS3 6M' 
_diffrn_detector.area_resol_mean              ? 
_diffrn_detector.dtime                        ? 
_diffrn_detector.pdbx_frames_total            ? 
_diffrn_detector.pdbx_collection_time_total   ? 
_diffrn_detector.pdbx_collection_date         2023-02-06 
_diffrn_detector.pdbx_frequency               ? 
_diffrn_detector.id                           ? 
_diffrn_detector.number_of_axes               ? 
# 
_diffrn_radiation.collimation                      ? 
_diffrn_radiation.diffrn_id                        1 
_diffrn_radiation.filter_edge                      ? 
_diffrn_radiation.inhomogeneity                    ? 
_diffrn_radiation.monochromator                    ? 
_diffrn_radiation.polarisn_norm                    ? 
_diffrn_radiation.polarisn_ratio                   ? 
_diffrn_radiation.probe                            ? 
_diffrn_radiation.type                             ? 
_diffrn_radiation.xray_symbol                      ? 
_diffrn_radiation.wavelength_id                    1 
_diffrn_radiation.pdbx_monochromatic_or_laue_m_l   M 
_diffrn_radiation.pdbx_wavelength_list             ? 
_diffrn_radiation.pdbx_wavelength                  ? 
_diffrn_radiation.pdbx_diffrn_protocol             'SINGLE WAVELENGTH' 
_diffrn_radiation.pdbx_analyzer                    ? 
_diffrn_radiation.pdbx_scattering_type             x-ray 
# 
_diffrn_radiation_wavelength.id           1 
_diffrn_radiation_wavelength.wavelength   0.9655 
_diffrn_radiation_wavelength.wt           1.0 
# 
_diffrn_source.current                     ? 
_diffrn_source.details                     ? 
_diffrn_source.diffrn_id                   1 
_diffrn_source.power                       ? 
_diffrn_source.size                        ? 
_diffrn_source.source                      SYNCHROTRON 
_diffrn_source.target                      ? 
_diffrn_source.type                        'ESRF BEAMLINE MASSIF-1' 
_diffrn_source.voltage                     ? 
_diffrn_source.take-off_angle              ? 
_diffrn_source.pdbx_wavelength_list        0.9655 
_diffrn_source.pdbx_wavelength             ? 
_diffrn_source.pdbx_synchrotron_beamline   MASSIF-1 
_diffrn_source.pdbx_synchrotron_site       ESRF 
# 
_reflns.B_iso_Wilson_estimate                          ? 
_reflns.entry_id                                       8RCY 
_reflns.data_reduction_details                         ? 
_reflns.data_reduction_method                          ? 
_reflns.d_resolution_high                              1.8 
_reflns.d_resolution_low                               48.88 
_reflns.details                                        ? 
_reflns.limit_h_max                                    ? 
_reflns.limit_h_min                                    ? 
_reflns.limit_k_max                                    ? 
_reflns.limit_k_min                                    ? 
_reflns.limit_l_max                                    ? 
_reflns.limit_l_min                                    ? 
_reflns.number_all                                     ? 
_reflns.number_obs                                     10206 
_reflns.observed_criterion                             ? 
_reflns.observed_criterion_F_max                       ? 
_reflns.observed_criterion_F_min                       ? 
_reflns.observed_criterion_I_max                       ? 
_reflns.observed_criterion_I_min                       ? 
_reflns.observed_criterion_sigma_F                     ? 
_reflns.observed_criterion_sigma_I                     ? 
_reflns.percent_possible_obs                           97.5 
_reflns.R_free_details                                 ? 
_reflns.Rmerge_F_all                                   ? 
_reflns.Rmerge_F_obs                                   ? 
_reflns.Friedel_coverage                               ? 
_reflns.number_gt                                      ? 
_reflns.threshold_expression                           ? 
_reflns.pdbx_redundancy                                3.15 
_reflns.pdbx_netI_over_av_sigmaI                       ? 
_reflns.pdbx_netI_over_sigmaI                          9.25 
_reflns.pdbx_res_netI_over_av_sigmaI_2                 ? 
_reflns.pdbx_res_netI_over_sigmaI_2                    ? 
_reflns.pdbx_chi_squared                               ? 
_reflns.pdbx_scaling_rejects                           ? 
_reflns.pdbx_d_res_high_opt                            ? 
_reflns.pdbx_d_res_low_opt                             ? 
_reflns.pdbx_d_res_opt_method                          ? 
_reflns.phase_calculation_details                      ? 
_reflns.pdbx_Rrim_I_all                                ? 
_reflns.pdbx_Rpim_I_all                                ? 
_reflns.pdbx_d_opt                                     ? 
_reflns.pdbx_number_measured_all                       ? 
_reflns.pdbx_diffrn_id                                 1 
_reflns.pdbx_ordinal                                   1 
_reflns.pdbx_CC_half                                   0.996 
_reflns.pdbx_CC_star                                   ? 
_reflns.pdbx_R_split                                   ? 
_reflns.pdbx_Rmerge_I_obs                              ? 
_reflns.pdbx_Rmerge_I_all                              ? 
_reflns.pdbx_Rsym_value                                ? 
_reflns.pdbx_CC_split_method                           ? 
_reflns.pdbx_aniso_diffraction_limit_axis_1_ortho[1]   ? 
_reflns.pdbx_aniso_diffraction_limit_axis_1_ortho[2]   ? 
_reflns.pdbx_aniso_diffraction_limit_axis_1_ortho[3]   ? 
_reflns.pdbx_aniso_diffraction_limit_axis_2_ortho[1]   ? 
_reflns.pdbx_aniso_diffraction_limit_axis_2_ortho[2]   ? 
_reflns.pdbx_aniso_diffraction_limit_axis_2_ortho[3]   ? 
_reflns.pdbx_aniso_diffraction_limit_axis_3_ortho[1]   ? 
_reflns.pdbx_aniso_diffraction_limit_axis_3_ortho[2]   ? 
_reflns.pdbx_aniso_diffraction_limit_axis_3_ortho[3]   ? 
_reflns.pdbx_aniso_diffraction_limit_1                 ? 
_reflns.pdbx_aniso_diffraction_limit_2                 ? 
_reflns.pdbx_aniso_diffraction_limit_3                 ? 
_reflns.pdbx_aniso_B_tensor_eigenvector_1_ortho[1]     ? 
_reflns.pdbx_aniso_B_tensor_eigenvector_1_ortho[2]     ? 
_reflns.pdbx_aniso_B_tensor_eigenvector_1_ortho[3]     ? 
_reflns.pdbx_aniso_B_tensor_eigenvector_2_ortho[1]     ? 
_reflns.pdbx_aniso_B_tensor_eigenvector_2_ortho[2]     ? 
_reflns.pdbx_aniso_B_tensor_eigenvector_2_ortho[3]     ? 
_reflns.pdbx_aniso_B_tensor_eigenvector_3_ortho[1]     ? 
_reflns.pdbx_aniso_B_tensor_eigenvector_3_ortho[2]     ? 
_reflns.pdbx_aniso_B_tensor_eigenvector_3_ortho[3]     ? 
_reflns.pdbx_aniso_B_tensor_eigenvalue_1               ? 
_reflns.pdbx_aniso_B_tensor_eigenvalue_2               ? 
_reflns.pdbx_aniso_B_tensor_eigenvalue_3               ? 
_reflns.pdbx_orthogonalization_convention              ? 
_reflns.pdbx_percent_possible_ellipsoidal              ? 
_reflns.pdbx_percent_possible_spherical                ? 
_reflns.pdbx_percent_possible_ellipsoidal_anomalous    ? 
_reflns.pdbx_percent_possible_spherical_anomalous      ? 
_reflns.pdbx_redundancy_anomalous                      ? 
_reflns.pdbx_CC_half_anomalous                         ? 
_reflns.pdbx_absDiff_over_sigma_anomalous              ? 
_reflns.pdbx_percent_possible_anomalous                ? 
_reflns.pdbx_observed_signal_threshold                 ? 
_reflns.pdbx_signal_type                               ? 
_reflns.pdbx_signal_details                            ? 
_reflns.pdbx_signal_software_id                        ? 
# 
_reflns_shell.d_res_high                                    1.8 
_reflns_shell.d_res_low                                     1.85 
_reflns_shell.meanI_over_sigI_all                           ? 
_reflns_shell.meanI_over_sigI_obs                           ? 
_reflns_shell.number_measured_all                           ? 
_reflns_shell.number_measured_obs                           ? 
_reflns_shell.number_possible                               ? 
_reflns_shell.number_unique_all                             ? 
_reflns_shell.number_unique_obs                             639 
_reflns_shell.percent_possible_obs                          ? 
_reflns_shell.Rmerge_F_all                                  ? 
_reflns_shell.Rmerge_F_obs                                  ? 
_reflns_shell.meanI_over_sigI_gt                            ? 
_reflns_shell.meanI_over_uI_all                             ? 
_reflns_shell.meanI_over_uI_gt                              ? 
_reflns_shell.number_measured_gt                            ? 
_reflns_shell.number_unique_gt                              ? 
_reflns_shell.percent_possible_gt                           ? 
_reflns_shell.Rmerge_F_gt                                   ? 
_reflns_shell.Rmerge_I_gt                                   ? 
_reflns_shell.pdbx_redundancy                               ? 
_reflns_shell.pdbx_chi_squared                              ? 
_reflns_shell.pdbx_netI_over_sigmaI_all                     ? 
_reflns_shell.pdbx_netI_over_sigmaI_obs                     ? 
_reflns_shell.pdbx_Rrim_I_all                               ? 
_reflns_shell.pdbx_Rpim_I_all                               ? 
_reflns_shell.pdbx_rejects                                  ? 
_reflns_shell.pdbx_ordinal                                  1 
_reflns_shell.pdbx_diffrn_id                                1 
_reflns_shell.pdbx_CC_half                                  0.624 
_reflns_shell.pdbx_CC_star                                  ? 
_reflns_shell.pdbx_R_split                                  ? 
_reflns_shell.percent_possible_all                          ? 
_reflns_shell.Rmerge_I_all                                  ? 
_reflns_shell.Rmerge_I_obs                                  ? 
_reflns_shell.pdbx_Rsym_value                               ? 
_reflns_shell.pdbx_percent_possible_ellipsoidal             ? 
_reflns_shell.pdbx_percent_possible_spherical               ? 
_reflns_shell.pdbx_percent_possible_ellipsoidal_anomalous   ? 
_reflns_shell.pdbx_percent_possible_spherical_anomalous     ? 
_reflns_shell.pdbx_redundancy_anomalous                     ? 
_reflns_shell.pdbx_CC_half_anomalous                        ? 
_reflns_shell.pdbx_absDiff_over_sigma_anomalous             ? 
_reflns_shell.pdbx_percent_possible_anomalous               ? 
# 
_refine.aniso_B[1][1]                            -0.32 
_refine.aniso_B[1][2]                            0.00 
_refine.aniso_B[1][3]                            1.67 
_refine.aniso_B[2][2]                            -1.52 
_refine.aniso_B[2][3]                            -0.00 
_refine.aniso_B[3][3]                            0.93 
_refine.B_iso_max                                ? 
_refine.B_iso_mean                               26.935 
_refine.B_iso_min                                ? 
_refine.correlation_coeff_Fo_to_Fc               0.969 
_refine.correlation_coeff_Fo_to_Fc_free          0.949 
_refine.details                                  'HYDROGENS HAVE BEEN ADDED IN THE RIDING POSITIONS' 
_refine.diff_density_max                         ? 
_refine.diff_density_max_esd                     ? 
_refine.diff_density_min                         ? 
_refine.diff_density_min_esd                     ? 
_refine.diff_density_rms                         ? 
_refine.diff_density_rms_esd                     ? 
_refine.entry_id                                 8RCY 
_refine.pdbx_refine_id                           'X-RAY DIFFRACTION' 
_refine.ls_abs_structure_details                 ? 
_refine.ls_abs_structure_Flack                   ? 
_refine.ls_abs_structure_Flack_esd               ? 
_refine.ls_abs_structure_Rogers                  ? 
_refine.ls_abs_structure_Rogers_esd              ? 
_refine.ls_d_res_high                            1.80 
_refine.ls_d_res_low                             34.68 
_refine.ls_extinction_coef                       ? 
_refine.ls_extinction_coef_esd                   ? 
_refine.ls_extinction_expression                 ? 
_refine.ls_extinction_method                     ? 
_refine.ls_goodness_of_fit_all                   ? 
_refine.ls_goodness_of_fit_all_esd               ? 
_refine.ls_goodness_of_fit_obs                   ? 
_refine.ls_goodness_of_fit_obs_esd               ? 
_refine.ls_hydrogen_treatment                    ? 
_refine.ls_matrix_type                           ? 
_refine.ls_number_constraints                    ? 
_refine.ls_number_parameters                     ? 
_refine.ls_number_reflns_all                     ? 
_refine.ls_number_reflns_obs                     9695 
_refine.ls_number_reflns_R_free                  511 
_refine.ls_number_reflns_R_work                  ? 
_refine.ls_number_restraints                     ? 
_refine.ls_percent_reflns_obs                    97.62 
_refine.ls_percent_reflns_R_free                 5.0 
_refine.ls_R_factor_all                          ? 
_refine.ls_R_factor_obs                          0.16529 
_refine.ls_R_factor_R_free                       0.21750 
_refine.ls_R_factor_R_free_error                 ? 
_refine.ls_R_factor_R_free_error_details         ? 
_refine.ls_R_factor_R_work                       0.16257 
_refine.ls_R_Fsqd_factor_obs                     ? 
_refine.ls_R_I_factor_obs                        ? 
_refine.ls_redundancy_reflns_all                 ? 
_refine.ls_redundancy_reflns_obs                 ? 
_refine.ls_restrained_S_all                      ? 
_refine.ls_restrained_S_obs                      ? 
_refine.ls_shift_over_esd_max                    ? 
_refine.ls_shift_over_esd_mean                   ? 
_refine.ls_structure_factor_coef                 ? 
_refine.ls_weighting_details                     ? 
_refine.ls_weighting_scheme                      ? 
_refine.ls_wR_factor_all                         ? 
_refine.ls_wR_factor_obs                         ? 
_refine.ls_wR_factor_R_free                      ? 
_refine.ls_wR_factor_R_work                      ? 
_refine.occupancy_max                            ? 
_refine.occupancy_min                            ? 
_refine.solvent_model_details                    MASK 
_refine.solvent_model_param_bsol                 ? 
_refine.solvent_model_param_ksol                 ? 
_refine.pdbx_R_complete                          ? 
_refine.ls_R_factor_gt                           ? 
_refine.ls_goodness_of_fit_gt                    ? 
_refine.ls_goodness_of_fit_ref                   ? 
_refine.ls_shift_over_su_max                     ? 
_refine.ls_shift_over_su_max_lt                  ? 
_refine.ls_shift_over_su_mean                    ? 
_refine.ls_shift_over_su_mean_lt                 ? 
_refine.pdbx_ls_sigma_I                          ? 
_refine.pdbx_ls_sigma_F                          ? 
_refine.pdbx_ls_sigma_Fsqd                       ? 
_refine.pdbx_data_cutoff_high_absF               ? 
_refine.pdbx_data_cutoff_high_rms_absF           ? 
_refine.pdbx_data_cutoff_low_absF                ? 
_refine.pdbx_isotropic_thermal_model             ? 
_refine.pdbx_ls_cross_valid_method               THROUGHOUT 
_refine.pdbx_method_to_determine_struct          'MOLECULAR REPLACEMENT' 
_refine.pdbx_starting_model                      ? 
_refine.pdbx_stereochemistry_target_values       'MAXIMUM LIKELIHOOD' 
_refine.pdbx_R_Free_selection_details            RANDOM 
_refine.pdbx_stereochem_target_val_spec_case     ? 
_refine.pdbx_overall_ESU_R                       0.165 
_refine.pdbx_overall_ESU_R_Free                  0.148 
_refine.pdbx_solvent_vdw_probe_radii             1.20 
_refine.pdbx_solvent_ion_probe_radii             0.80 
_refine.pdbx_solvent_shrinkage_radii             0.80 
_refine.pdbx_real_space_R                        ? 
_refine.pdbx_density_correlation                 ? 
_refine.pdbx_pd_number_of_powder_patterns        ? 
_refine.pdbx_pd_number_of_points                 ? 
_refine.pdbx_pd_meas_number_of_points            ? 
_refine.pdbx_pd_proc_ls_prof_R_factor            ? 
_refine.pdbx_pd_proc_ls_prof_wR_factor           ? 
_refine.pdbx_pd_Marquardt_correlation_coeff      ? 
_refine.pdbx_pd_Fsqrd_R_factor                   ? 
_refine.pdbx_pd_ls_matrix_band_width             ? 
_refine.pdbx_overall_phase_error                 ? 
_refine.pdbx_overall_SU_R_free_Cruickshank_DPI   ? 
_refine.pdbx_overall_SU_R_free_Blow_DPI          ? 
_refine.pdbx_overall_SU_R_Blow_DPI               ? 
_refine.pdbx_TLS_residual_ADP_flag               ? 
_refine.pdbx_diffrn_id                           1 
_refine.overall_SU_B                             4.078 
_refine.overall_SU_ML                            0.121 
_refine.overall_SU_R_Cruickshank_DPI             ? 
_refine.overall_SU_R_free                        ? 
_refine.overall_FOM_free_R_set                   ? 
_refine.overall_FOM_work_R_set                   ? 
_refine.pdbx_average_fsc_overall                 ? 
_refine.pdbx_average_fsc_work                    ? 
_refine.pdbx_average_fsc_free                    ? 
# 
_refine_hist.pdbx_refine_id                   'X-RAY DIFFRACTION' 
_refine_hist.cycle_id                         1 
_refine_hist.details                          ? 
_refine_hist.d_res_high                       1.80 
_refine_hist.d_res_low                        34.68 
_refine_hist.number_atoms_solvent             138 
_refine_hist.number_atoms_total               1264 
_refine_hist.number_reflns_all                ? 
_refine_hist.number_reflns_obs                ? 
_refine_hist.number_reflns_R_free             ? 
_refine_hist.number_reflns_R_work             ? 
_refine_hist.R_factor_all                     ? 
_refine_hist.R_factor_obs                     ? 
_refine_hist.R_factor_R_free                  ? 
_refine_hist.R_factor_R_work                  ? 
_refine_hist.pdbx_number_residues_total       ? 
_refine_hist.pdbx_B_iso_mean_ligand           ? 
_refine_hist.pdbx_B_iso_mean_solvent          ? 
_refine_hist.pdbx_number_atoms_protein        1100 
_refine_hist.pdbx_number_atoms_nucleic_acid   0 
_refine_hist.pdbx_number_atoms_ligand         26 
_refine_hist.pdbx_number_atoms_lipid          ? 
_refine_hist.pdbx_number_atoms_carb           ? 
_refine_hist.pdbx_pseudo_atom_details         ? 
# 
loop_
_refine_ls_restr.pdbx_refine_id 
_refine_ls_restr.criterion 
_refine_ls_restr.dev_ideal 
_refine_ls_restr.dev_ideal_target 
_refine_ls_restr.number 
_refine_ls_restr.rejects 
_refine_ls_restr.type 
_refine_ls_restr.weight 
_refine_ls_restr.pdbx_restraint_function 
'X-RAY DIFFRACTION' ? 0.008  0.012  1233 ? r_bond_refined_d             ? ? 
'X-RAY DIFFRACTION' ? 0.002  0.015  1038 ? r_bond_other_d               ? ? 
'X-RAY DIFFRACTION' ? 1.508  1.644  1691 ? r_angle_refined_deg          ? ? 
'X-RAY DIFFRACTION' ? 1.430  1.593  2397 ? r_angle_other_deg            ? ? 
'X-RAY DIFFRACTION' ? 7.231  5.000  151  ? r_dihedral_angle_1_deg       ? ? 
'X-RAY DIFFRACTION' ? 30.475 22.841 88   ? r_dihedral_angle_2_deg       ? ? 
'X-RAY DIFFRACTION' ? 13.695 15.000 190  ? r_dihedral_angle_3_deg       ? ? 
'X-RAY DIFFRACTION' ? 18.650 15.000 10   ? r_dihedral_angle_4_deg       ? ? 
'X-RAY DIFFRACTION' ? 0.501  0.200  149  ? r_chiral_restr               ? ? 
'X-RAY DIFFRACTION' ? 0.007  0.020  1505 ? r_gen_planes_refined         ? ? 
'X-RAY DIFFRACTION' ? 0.002  0.020  355  ? r_gen_planes_other           ? ? 
'X-RAY DIFFRACTION' ? ?      ?      ?    ? r_nbd_refined                ? ? 
'X-RAY DIFFRACTION' ? ?      ?      ?    ? r_nbd_other                  ? ? 
'X-RAY DIFFRACTION' ? ?      ?      ?    ? r_nbtor_refined              ? ? 
'X-RAY DIFFRACTION' ? ?      ?      ?    ? r_nbtor_other                ? ? 
'X-RAY DIFFRACTION' ? ?      ?      ?    ? r_xyhbond_nbd_refined        ? ? 
'X-RAY DIFFRACTION' ? ?      ?      ?    ? r_xyhbond_nbd_other          ? ? 
'X-RAY DIFFRACTION' ? ?      ?      ?    ? r_metal_ion_refined          ? ? 
'X-RAY DIFFRACTION' ? ?      ?      ?    ? r_metal_ion_other            ? ? 
'X-RAY DIFFRACTION' ? ?      ?      ?    ? r_symmetry_vdw_refined       ? ? 
'X-RAY DIFFRACTION' ? ?      ?      ?    ? r_symmetry_vdw_other         ? ? 
'X-RAY DIFFRACTION' ? ?      ?      ?    ? r_symmetry_hbond_refined     ? ? 
'X-RAY DIFFRACTION' ? ?      ?      ?    ? r_symmetry_hbond_other       ? ? 
'X-RAY DIFFRACTION' ? ?      ?      ?    ? r_symmetry_metal_ion_refined ? ? 
'X-RAY DIFFRACTION' ? ?      ?      ?    ? r_symmetry_metal_ion_other   ? ? 
'X-RAY DIFFRACTION' ? 1.901  2.650  560  ? r_mcbond_it                  ? ? 
'X-RAY DIFFRACTION' ? 1.897  2.646  559  ? r_mcbond_other               ? ? 
'X-RAY DIFFRACTION' ? 2.917  3.967  704  ? r_mcangle_it                 ? ? 
'X-RAY DIFFRACTION' ? 2.919  3.971  705  ? r_mcangle_other              ? ? 
'X-RAY DIFFRACTION' ? 2.248  2.882  673  ? r_scbond_it                  ? ? 
'X-RAY DIFFRACTION' ? 2.247  2.882  674  ? r_scbond_other               ? ? 
'X-RAY DIFFRACTION' ? ?      ?      ?    ? r_scangle_it                 ? ? 
'X-RAY DIFFRACTION' ? 3.389  4.222  978  ? r_scangle_other              ? ? 
'X-RAY DIFFRACTION' ? 5.723  31.051 1521 ? r_long_range_B_refined       ? ? 
'X-RAY DIFFRACTION' ? 5.640  30.640 1494 ? r_long_range_B_other         ? ? 
'X-RAY DIFFRACTION' ? ?      ?      ?    ? r_rigid_bond_restr           ? ? 
'X-RAY DIFFRACTION' ? ?      ?      ?    ? r_sphericity_free            ? ? 
'X-RAY DIFFRACTION' ? ?      ?      ?    ? r_sphericity_bonded          ? ? 
# 
_refine_ls_shell.pdbx_refine_id                   'X-RAY DIFFRACTION' 
_refine_ls_shell.d_res_high                       1.800 
_refine_ls_shell.d_res_low                        1.847 
_refine_ls_shell.number_reflns_all                ? 
_refine_ls_shell.number_reflns_obs                ? 
_refine_ls_shell.number_reflns_R_free             30 
_refine_ls_shell.number_reflns_R_work             564 
_refine_ls_shell.percent_reflns_obs               79.31 
_refine_ls_shell.percent_reflns_R_free            ? 
_refine_ls_shell.R_factor_all                     ? 
_refine_ls_shell.R_factor_obs                     ? 
_refine_ls_shell.R_factor_R_free_error            ? 
_refine_ls_shell.R_factor_R_work                  0.315 
_refine_ls_shell.redundancy_reflns_all            ? 
_refine_ls_shell.redundancy_reflns_obs            ? 
_refine_ls_shell.wR_factor_all                    ? 
_refine_ls_shell.wR_factor_obs                    ? 
_refine_ls_shell.wR_factor_R_free                 ? 
_refine_ls_shell.wR_factor_R_work                 ? 
_refine_ls_shell.pdbx_R_complete                  ? 
_refine_ls_shell.pdbx_total_number_of_bins_used   20 
_refine_ls_shell.pdbx_phase_error                 ? 
_refine_ls_shell.pdbx_fsc_work                    ? 
_refine_ls_shell.pdbx_fsc_free                    ? 
_refine_ls_shell.R_factor_R_free                  0.317 
# 
_struct.entry_id                     8RCY 
_struct.title                        'L-SIGN CRD in complex with Man84.' 
_struct.pdbx_model_details           ? 
_struct.pdbx_formula_weight          ? 
_struct.pdbx_formula_weight_method   ? 
_struct.pdbx_model_type_details      ? 
_struct.pdbx_CASP_flag               N 
# 
_struct_keywords.entry_id        8RCY 
_struct_keywords.text            
'L-SIGN, carbohydrate recognition domain, lectin, immune system, inhibitor., SUGAR BINDING PROTEIN' 
_struct_keywords.pdbx_keywords   'SUGAR BINDING PROTEIN' 
# 
loop_
_struct_asym.id 
_struct_asym.pdbx_blank_PDB_chainid_flag 
_struct_asym.pdbx_modified 
_struct_asym.entity_id 
_struct_asym.details 
A N N 1 ? 
B N N 2 ? 
C N N 3 ? 
D N N 4 ? 
E N N 5 ? 
# 
_struct_ref.id                         1 
_struct_ref.db_name                    UNP 
_struct_ref.db_code                    CLC4M_HUMAN 
_struct_ref.pdbx_db_accession          Q9H2X3 
_struct_ref.pdbx_db_isoform            ? 
_struct_ref.entity_id                  1 
_struct_ref.pdbx_seq_one_letter_code   
;RHCPKDWTFFQGNCYFMSNSQRNWHDSVTACQEVRAQLVVIKTAEEQNFLQLQTSRSNRFSWMGLSDLNQEGTWQWVDGS
PLSPSFQRYWNSGEPNNSGNEDCAEFSGSGWNDNRCDVDNYWICKKPAACFRDE
;
_struct_ref.pdbx_align_begin           266 
# 
_struct_ref_seq.align_id                      1 
_struct_ref_seq.ref_id                        1 
_struct_ref_seq.pdbx_PDB_id_code              8RCY 
_struct_ref_seq.pdbx_strand_id                A 
_struct_ref_seq.seq_align_beg                 4 
_struct_ref_seq.pdbx_seq_align_beg_ins_code   ? 
_struct_ref_seq.seq_align_end                 137 
_struct_ref_seq.pdbx_seq_align_end_ins_code   ? 
_struct_ref_seq.pdbx_db_accession             Q9H2X3 
_struct_ref_seq.db_align_beg                  266 
_struct_ref_seq.pdbx_db_align_beg_ins_code    ? 
_struct_ref_seq.db_align_end                  399 
_struct_ref_seq.pdbx_db_align_end_ins_code    ? 
_struct_ref_seq.pdbx_auth_seq_align_beg       266 
_struct_ref_seq.pdbx_auth_seq_align_end       399 
# 
loop_
_struct_ref_seq_dif.align_id 
_struct_ref_seq_dif.pdbx_pdb_id_code 
_struct_ref_seq_dif.mon_id 
_struct_ref_seq_dif.pdbx_pdb_strand_id 
_struct_ref_seq_dif.seq_num 
_struct_ref_seq_dif.pdbx_pdb_ins_code 
_struct_ref_seq_dif.pdbx_seq_db_name 
_struct_ref_seq_dif.pdbx_seq_db_accession_code 
_struct_ref_seq_dif.db_mon_id 
_struct_ref_seq_dif.pdbx_seq_db_seq_num 
_struct_ref_seq_dif.details 
_struct_ref_seq_dif.pdbx_auth_seq_num 
_struct_ref_seq_dif.pdbx_ordinal 
1 8RCY GLY A 1 ? UNP Q9H2X3 ? ? 'expression tag' 263 1 
1 8RCY GLY A 2 ? UNP Q9H2X3 ? ? 'expression tag' 264 2 
1 8RCY GLY A 3 ? UNP Q9H2X3 ? ? 'expression tag' 265 3 
# 
_pdbx_struct_assembly.id                   1 
_pdbx_struct_assembly.details              author_and_software_defined_assembly 
_pdbx_struct_assembly.method_details       PISA 
_pdbx_struct_assembly.oligomeric_details   monomeric 
_pdbx_struct_assembly.oligomeric_count     1 
# 
loop_
_pdbx_struct_assembly_prop.biol_id 
_pdbx_struct_assembly_prop.type 
_pdbx_struct_assembly_prop.value 
_pdbx_struct_assembly_prop.details 
1 'ABSA (A^2)' 130  ? 
1 MORE         -10  ? 
1 'SSA (A^2)'  7380 ? 
# 
_pdbx_struct_assembly_gen.assembly_id       1 
_pdbx_struct_assembly_gen.oper_expression   1 
_pdbx_struct_assembly_gen.asym_id_list      A,B,C,D,E 
# 
_pdbx_struct_assembly_auth_evidence.id                     1 
_pdbx_struct_assembly_auth_evidence.assembly_id            1 
_pdbx_struct_assembly_auth_evidence.experimental_support   'surface plasmon resonance' 
_pdbx_struct_assembly_auth_evidence.details                ? 
# 
_pdbx_struct_oper_list.id                   1 
_pdbx_struct_oper_list.type                 'identity operation' 
_pdbx_struct_oper_list.name                 1_555 
_pdbx_struct_oper_list.symmetry_operation   x,y,z 
_pdbx_struct_oper_list.matrix[1][1]         1.0000000000 
_pdbx_struct_oper_list.matrix[1][2]         0.0000000000 
_pdbx_struct_oper_list.matrix[1][3]         0.0000000000 
_pdbx_struct_oper_list.vector[1]            0.0000000000 
_pdbx_struct_oper_list.matrix[2][1]         0.0000000000 
_pdbx_struct_oper_list.matrix[2][2]         1.0000000000 
_pdbx_struct_oper_list.matrix[2][3]         0.0000000000 
_pdbx_struct_oper_list.vector[2]            0.0000000000 
_pdbx_struct_oper_list.matrix[3][1]         0.0000000000 
_pdbx_struct_oper_list.matrix[3][2]         0.0000000000 
_pdbx_struct_oper_list.matrix[3][3]         1.0000000000 
_pdbx_struct_oper_list.vector[3]            0.0000000000 
# 
loop_
_struct_conf.conf_type_id 
_struct_conf.id 
_struct_conf.pdbx_PDB_helix_id 
_struct_conf.beg_label_comp_id 
_struct_conf.beg_label_asym_id 
_struct_conf.beg_label_seq_id 
_struct_conf.pdbx_beg_PDB_ins_code 
_struct_conf.end_label_comp_id 
_struct_conf.end_label_asym_id 
_struct_conf.end_label_seq_id 
_struct_conf.pdbx_end_PDB_ins_code 
_struct_conf.beg_auth_comp_id 
_struct_conf.beg_auth_asym_id 
_struct_conf.beg_auth_seq_id 
_struct_conf.end_auth_comp_id 
_struct_conf.end_auth_asym_id 
_struct_conf.end_auth_seq_id 
_struct_conf.pdbx_PDB_helix_class 
_struct_conf.details 
_struct_conf.pdbx_PDB_helix_length 
HELX_P HELX_P1 AA1 ASN A 26 ? VAL A 37 ? ASN A 288 VAL A 299 1 ? 12 
HELX_P HELX_P2 AA2 THR A 46 ? SER A 60 ? THR A 308 SER A 322 1 ? 15 
HELX_P HELX_P3 AA3 SER A 86 ? TRP A 93 ? SER A 348 TRP A 355 5 ? 8  
# 
_struct_conf_type.id          HELX_P 
_struct_conf_type.criteria    ? 
_struct_conf_type.reference   ? 
# 
loop_
_struct_conn.id 
_struct_conn.conn_type_id 
_struct_conn.pdbx_leaving_atom_flag 
_struct_conn.pdbx_PDB_id 
_struct_conn.ptnr1_label_asym_id 
_struct_conn.ptnr1_label_comp_id 
_struct_conn.ptnr1_label_seq_id 
_struct_conn.ptnr1_label_atom_id 
_struct_conn.pdbx_ptnr1_label_alt_id 
_struct_conn.pdbx_ptnr1_PDB_ins_code 
_struct_conn.pdbx_ptnr1_standard_comp_id 
_struct_conn.ptnr1_symmetry 
_struct_conn.ptnr2_label_asym_id 
_struct_conn.ptnr2_label_comp_id 
_struct_conn.ptnr2_label_seq_id 
_struct_conn.ptnr2_label_atom_id 
_struct_conn.pdbx_ptnr2_label_alt_id 
_struct_conn.pdbx_ptnr2_PDB_ins_code 
_struct_conn.ptnr1_auth_asym_id 
_struct_conn.ptnr1_auth_comp_id 
_struct_conn.ptnr1_auth_seq_id 
_struct_conn.ptnr2_auth_asym_id 
_struct_conn.ptnr2_auth_comp_id 
_struct_conn.ptnr2_auth_seq_id 
_struct_conn.ptnr2_symmetry 
_struct_conn.pdbx_ptnr3_label_atom_id 
_struct_conn.pdbx_ptnr3_label_seq_id 
_struct_conn.pdbx_ptnr3_label_comp_id 
_struct_conn.pdbx_ptnr3_label_asym_id 
_struct_conn.pdbx_ptnr3_label_alt_id 
_struct_conn.pdbx_ptnr3_PDB_ins_code 
_struct_conn.details 
_struct_conn.pdbx_dist_value 
_struct_conn.pdbx_value_order 
_struct_conn.pdbx_role 
disulf1 disulf ?    ? A CYS 6   SG  ? ? ? 1_555 A CYS   17  SG ? ? A CYS 268  A CYS   279  1_555 ? ? ? ? ? ? ? 2.068 ? ? 
disulf2 disulf ?    ? A CYS 34  SG  ? ? ? 1_555 A CYS   127 SG ? ? A CYS 296  A CYS   389  1_555 ? ? ? ? ? ? ? 2.074 ? ? 
disulf3 disulf ?    ? A CYS 106 SG  ? ? ? 1_555 A CYS   119 SG ? ? A CYS 368  A CYS   381  1_555 ? ? ? ? ? ? ? 2.017 ? ? 
covale1 covale both ? A ALA 132 C   ? ? ? 1_555 A CSO   133 N  ? ? A ALA 394  A CSO   395  1_555 ? ? ? ? ? ? ? 1.340 ? ? 
covale2 covale both ? A CSO 133 C   ? ? ? 1_555 A PHE   134 N  ? ? A CSO 395  A PHE   396  1_555 ? ? ? ? ? ? ? 1.338 ? ? 
metalc1 metalc ?    ? A GLU 97  OE1 ? ? ? 1_555 B CA    .   CA ? ? A GLU 359  A CA    1001 1_555 ? ? ? ? ? ? ? 2.541 ? ? 
metalc2 metalc ?    ? A ASN 99  OD1 ? ? ? 1_555 B CA    .   CA ? ? A ASN 361  A CA    1001 1_555 ? ? ? ? ? ? ? 2.444 ? ? 
metalc3 metalc ?    ? A GLU 104 OE1 ? ? ? 1_555 B CA    .   CA ? ? A GLU 366  A CA    1001 1_555 ? ? ? ? ? ? ? 2.414 ? ? 
metalc4 metalc ?    ? A ASN 115 OD1 ? ? ? 1_555 B CA    .   CA ? ? A ASN 377  A CA    1001 1_555 ? ? ? ? ? ? ? 2.469 ? ? 
metalc5 metalc ?    ? A ASP 116 O   ? ? ? 1_555 B CA    .   CA ? ? A ASP 378  A CA    1001 1_555 ? ? ? ? ? ? ? 2.416 ? ? 
metalc6 metalc ?    ? A ASP 116 OD1 ? ? ? 1_555 B CA    .   CA ? ? A ASP 378  A CA    1001 1_555 ? ? ? ? ? ? ? 2.260 ? ? 
metalc7 metalc ?    ? B CA  .   CA  ? ? ? 1_555 D A1H0Q .   O1 ? ? A CA  1001 A A1H0Q 1003 1_555 ? ? ? ? ? ? ? 2.584 ? ? 
metalc8 metalc ?    ? B CA  .   CA  ? ? ? 1_555 D A1H0Q .   O2 ? ? A CA  1001 A A1H0Q 1003 1_555 ? ? ? ? ? ? ? 2.564 ? ? 
# 
loop_
_struct_conn_type.id 
_struct_conn_type.criteria 
_struct_conn_type.reference 
disulf ? ? 
covale ? ? 
metalc ? ? 
# 
loop_
_pdbx_struct_conn_angle.id 
_pdbx_struct_conn_angle.ptnr1_label_atom_id 
_pdbx_struct_conn_angle.ptnr1_label_alt_id 
_pdbx_struct_conn_angle.ptnr1_label_asym_id 
_pdbx_struct_conn_angle.ptnr1_label_comp_id 
_pdbx_struct_conn_angle.ptnr1_label_seq_id 
_pdbx_struct_conn_angle.ptnr1_auth_atom_id 
_pdbx_struct_conn_angle.ptnr1_auth_asym_id 
_pdbx_struct_conn_angle.ptnr1_auth_comp_id 
_pdbx_struct_conn_angle.ptnr1_auth_seq_id 
_pdbx_struct_conn_angle.ptnr1_PDB_ins_code 
_pdbx_struct_conn_angle.ptnr1_symmetry 
_pdbx_struct_conn_angle.ptnr2_label_atom_id 
_pdbx_struct_conn_angle.ptnr2_label_alt_id 
_pdbx_struct_conn_angle.ptnr2_label_asym_id 
_pdbx_struct_conn_angle.ptnr2_label_comp_id 
_pdbx_struct_conn_angle.ptnr2_label_seq_id 
_pdbx_struct_conn_angle.ptnr2_auth_atom_id 
_pdbx_struct_conn_angle.ptnr2_auth_asym_id 
_pdbx_struct_conn_angle.ptnr2_auth_comp_id 
_pdbx_struct_conn_angle.ptnr2_auth_seq_id 
_pdbx_struct_conn_angle.ptnr2_PDB_ins_code 
_pdbx_struct_conn_angle.ptnr2_symmetry 
_pdbx_struct_conn_angle.ptnr3_label_atom_id 
_pdbx_struct_conn_angle.ptnr3_label_alt_id 
_pdbx_struct_conn_angle.ptnr3_label_asym_id 
_pdbx_struct_conn_angle.ptnr3_label_comp_id 
_pdbx_struct_conn_angle.ptnr3_label_seq_id 
_pdbx_struct_conn_angle.ptnr3_auth_atom_id 
_pdbx_struct_conn_angle.ptnr3_auth_asym_id 
_pdbx_struct_conn_angle.ptnr3_auth_comp_id 
_pdbx_struct_conn_angle.ptnr3_auth_seq_id 
_pdbx_struct_conn_angle.ptnr3_PDB_ins_code 
_pdbx_struct_conn_angle.ptnr3_symmetry 
_pdbx_struct_conn_angle.value 
_pdbx_struct_conn_angle.value_esd 
1  OE1 ? A GLU   97  ? A GLU   359  ? 1_555 CA ? B CA . ? A CA 1001 ? 1_555 OD1 ? A ASN   99  ? A ASN   361  ? 1_555 71.9  ? 
2  OE1 ? A GLU   97  ? A GLU   359  ? 1_555 CA ? B CA . ? A CA 1001 ? 1_555 OE1 ? A GLU   104 ? A GLU   366  ? 1_555 143.8 ? 
3  OD1 ? A ASN   99  ? A ASN   361  ? 1_555 CA ? B CA . ? A CA 1001 ? 1_555 OE1 ? A GLU   104 ? A GLU   366  ? 1_555 73.9  ? 
4  OE1 ? A GLU   97  ? A GLU   359  ? 1_555 CA ? B CA . ? A CA 1001 ? 1_555 OD1 ? A ASN   115 ? A ASN   377  ? 1_555 69.7  ? 
5  OD1 ? A ASN   99  ? A ASN   361  ? 1_555 CA ? B CA . ? A CA 1001 ? 1_555 OD1 ? A ASN   115 ? A ASN   377  ? 1_555 138.9 ? 
6  OE1 ? A GLU   104 ? A GLU   366  ? 1_555 CA ? B CA . ? A CA 1001 ? 1_555 OD1 ? A ASN   115 ? A ASN   377  ? 1_555 146.3 ? 
7  OE1 ? A GLU   97  ? A GLU   359  ? 1_555 CA ? B CA . ? A CA 1001 ? 1_555 O   ? A ASP   116 ? A ASP   378  ? 1_555 131.3 ? 
8  OD1 ? A ASN   99  ? A ASN   361  ? 1_555 CA ? B CA . ? A CA 1001 ? 1_555 O   ? A ASP   116 ? A ASP   378  ? 1_555 138.6 ? 
9  OE1 ? A GLU   104 ? A GLU   366  ? 1_555 CA ? B CA . ? A CA 1001 ? 1_555 O   ? A ASP   116 ? A ASP   378  ? 1_555 71.9  ? 
10 OD1 ? A ASN   115 ? A ASN   377  ? 1_555 CA ? B CA . ? A CA 1001 ? 1_555 O   ? A ASP   116 ? A ASP   378  ? 1_555 80.0  ? 
11 OE1 ? A GLU   97  ? A GLU   359  ? 1_555 CA ? B CA . ? A CA 1001 ? 1_555 OD1 ? A ASP   116 ? A ASP   378  ? 1_555 76.2  ? 
12 OD1 ? A ASN   99  ? A ASN   361  ? 1_555 CA ? B CA . ? A CA 1001 ? 1_555 OD1 ? A ASP   116 ? A ASP   378  ? 1_555 88.3  ? 
13 OE1 ? A GLU   104 ? A GLU   366  ? 1_555 CA ? B CA . ? A CA 1001 ? 1_555 OD1 ? A ASP   116 ? A ASP   378  ? 1_555 91.5  ? 
14 OD1 ? A ASN   115 ? A ASN   377  ? 1_555 CA ? B CA . ? A CA 1001 ? 1_555 OD1 ? A ASP   116 ? A ASP   378  ? 1_555 96.3  ? 
15 O   ? A ASP   116 ? A ASP   378  ? 1_555 CA ? B CA . ? A CA 1001 ? 1_555 OD1 ? A ASP   116 ? A ASP   378  ? 1_555 70.1  ? 
16 OE1 ? A GLU   97  ? A GLU   359  ? 1_555 CA ? B CA . ? A CA 1001 ? 1_555 O1  ? D A1H0Q .   ? A A1H0Q 1003 ? 1_555 134.7 ? 
17 OD1 ? A ASN   99  ? A ASN   361  ? 1_555 CA ? B CA . ? A CA 1001 ? 1_555 O1  ? D A1H0Q .   ? A A1H0Q 1003 ? 1_555 119.4 ? 
18 OE1 ? A GLU   104 ? A GLU   366  ? 1_555 CA ? B CA . ? A CA 1001 ? 1_555 O1  ? D A1H0Q .   ? A A1H0Q 1003 ? 1_555 73.8  ? 
19 OD1 ? A ASN   115 ? A ASN   377  ? 1_555 CA ? B CA . ? A CA 1001 ? 1_555 O1  ? D A1H0Q .   ? A A1H0Q 1003 ? 1_555 80.0  ? 
20 O   ? A ASP   116 ? A ASP   378  ? 1_555 CA ? B CA . ? A CA 1001 ? 1_555 O1  ? D A1H0Q .   ? A A1H0Q 1003 ? 1_555 71.8  ? 
21 OD1 ? A ASP   116 ? A ASP   378  ? 1_555 CA ? B CA . ? A CA 1001 ? 1_555 O1  ? D A1H0Q .   ? A A1H0Q 1003 ? 1_555 141.7 ? 
22 OE1 ? A GLU   97  ? A GLU   359  ? 1_555 CA ? B CA . ? A CA 1001 ? 1_555 O2  ? D A1H0Q .   ? A A1H0Q 1003 ? 1_555 72.5  ? 
23 OD1 ? A ASN   99  ? A ASN   361  ? 1_555 CA ? B CA . ? A CA 1001 ? 1_555 O2  ? D A1H0Q .   ? A A1H0Q 1003 ? 1_555 79.3  ? 
24 OE1 ? A GLU   104 ? A GLU   366  ? 1_555 CA ? B CA . ? A CA 1001 ? 1_555 O2  ? D A1H0Q .   ? A A1H0Q 1003 ? 1_555 112.2 ? 
25 OD1 ? A ASN   115 ? A ASN   377  ? 1_555 CA ? B CA . ? A CA 1001 ? 1_555 O2  ? D A1H0Q .   ? A A1H0Q 1003 ? 1_555 75.7  ? 
26 O   ? A ASP   116 ? A ASP   378  ? 1_555 CA ? B CA . ? A CA 1001 ? 1_555 O2  ? D A1H0Q .   ? A A1H0Q 1003 ? 1_555 135.6 ? 
27 OD1 ? A ASP   116 ? A ASP   378  ? 1_555 CA ? B CA . ? A CA 1001 ? 1_555 O2  ? D A1H0Q .   ? A A1H0Q 1003 ? 1_555 148.5 ? 
28 O1  ? D A1H0Q .   ? A A1H0Q 1003 ? 1_555 CA ? B CA . ? A CA 1001 ? 1_555 O2  ? D A1H0Q .   ? A A1H0Q 1003 ? 1_555 67.8  ? 
# 
loop_
_pdbx_modification_feature.ordinal 
_pdbx_modification_feature.label_comp_id 
_pdbx_modification_feature.label_asym_id 
_pdbx_modification_feature.label_seq_id 
_pdbx_modification_feature.label_alt_id 
_pdbx_modification_feature.modified_residue_label_comp_id 
_pdbx_modification_feature.modified_residue_label_asym_id 
_pdbx_modification_feature.modified_residue_label_seq_id 
_pdbx_modification_feature.modified_residue_label_alt_id 
_pdbx_modification_feature.auth_comp_id 
_pdbx_modification_feature.auth_asym_id 
_pdbx_modification_feature.auth_seq_id 
_pdbx_modification_feature.PDB_ins_code 
_pdbx_modification_feature.symmetry 
_pdbx_modification_feature.modified_residue_auth_comp_id 
_pdbx_modification_feature.modified_residue_auth_asym_id 
_pdbx_modification_feature.modified_residue_auth_seq_id 
_pdbx_modification_feature.modified_residue_PDB_ins_code 
_pdbx_modification_feature.modified_residue_symmetry 
_pdbx_modification_feature.comp_id_linking_atom 
_pdbx_modification_feature.modified_residue_id_linking_atom 
_pdbx_modification_feature.modified_residue_id 
_pdbx_modification_feature.ref_pcm_id 
_pdbx_modification_feature.ref_comp_id 
_pdbx_modification_feature.type 
_pdbx_modification_feature.category 
1 CSO A 133 ? .   . .   . CSO A 395 ? 1_555 .   . .   . .     .  .  CYS 1 CSO Hydroxylation 'Named protein modification' 
2 CYS A 6   ? CYS A 17  ? CYS A 268 ? 1_555 CYS A 279 ? 1_555 SG SG .   . .   None          'Disulfide bridge'           
3 CYS A 34  ? CYS A 127 ? CYS A 296 ? 1_555 CYS A 389 ? 1_555 SG SG .   . .   None          'Disulfide bridge'           
4 CYS A 106 ? CYS A 119 ? CYS A 368 ? 1_555 CYS A 381 ? 1_555 SG SG .   . .   None          'Disulfide bridge'           
# 
_struct_mon_prot_cis.pdbx_id                1 
_struct_mon_prot_cis.label_comp_id          GLU 
_struct_mon_prot_cis.label_seq_id           97 
_struct_mon_prot_cis.label_asym_id          A 
_struct_mon_prot_cis.label_alt_id           . 
_struct_mon_prot_cis.pdbx_PDB_ins_code      ? 
_struct_mon_prot_cis.auth_comp_id           GLU 
_struct_mon_prot_cis.auth_seq_id            359 
_struct_mon_prot_cis.auth_asym_id           A 
_struct_mon_prot_cis.pdbx_label_comp_id_2   PRO 
_struct_mon_prot_cis.pdbx_label_seq_id_2    98 
_struct_mon_prot_cis.pdbx_label_asym_id_2   A 
_struct_mon_prot_cis.pdbx_PDB_ins_code_2    ? 
_struct_mon_prot_cis.pdbx_auth_comp_id_2    PRO 
_struct_mon_prot_cis.pdbx_auth_seq_id_2     360 
_struct_mon_prot_cis.pdbx_auth_asym_id_2    A 
_struct_mon_prot_cis.pdbx_PDB_model_num     1 
_struct_mon_prot_cis.pdbx_omega_angle       -4.79 
# 
loop_
_struct_sheet.id 
_struct_sheet.type 
_struct_sheet.number_strands 
_struct_sheet.details 
AA1 ? 5 ? 
AA2 ? 5 ? 
# 
loop_
_struct_sheet_order.sheet_id 
_struct_sheet_order.range_id_1 
_struct_sheet_order.range_id_2 
_struct_sheet_order.offset 
_struct_sheet_order.sense 
AA1 1 2 ? anti-parallel 
AA1 2 3 ? anti-parallel 
AA1 3 4 ? parallel      
AA1 4 5 ? anti-parallel 
AA2 1 2 ? anti-parallel 
AA2 2 3 ? parallel      
AA2 3 4 ? anti-parallel 
AA2 4 5 ? anti-parallel 
# 
loop_
_struct_sheet_range.sheet_id 
_struct_sheet_range.id 
_struct_sheet_range.beg_label_comp_id 
_struct_sheet_range.beg_label_asym_id 
_struct_sheet_range.beg_label_seq_id 
_struct_sheet_range.pdbx_beg_PDB_ins_code 
_struct_sheet_range.end_label_comp_id 
_struct_sheet_range.end_label_asym_id 
_struct_sheet_range.end_label_seq_id 
_struct_sheet_range.pdbx_end_PDB_ins_code 
_struct_sheet_range.beg_auth_comp_id 
_struct_sheet_range.beg_auth_asym_id 
_struct_sheet_range.beg_auth_seq_id 
_struct_sheet_range.end_auth_comp_id 
_struct_sheet_range.end_auth_asym_id 
_struct_sheet_range.end_auth_seq_id 
AA1 1 THR A 11  ? PHE A 13  ? THR A 273 PHE A 275 
AA1 2 ASN A 16  ? MET A 20  ? ASN A 278 MET A 282 
AA1 3 TYR A 124 ? PRO A 130 ? TYR A 386 PRO A 392 
AA1 4 SER A 64  ? SER A 69  ? SER A 326 SER A 331 
AA1 5 GLN A 78  ? TRP A 79  ? GLN A 340 TRP A 341 
AA2 1 GLN A 40  ? LEU A 41  ? GLN A 302 LEU A 303 
AA2 2 TYR A 124 ? PRO A 130 ? TYR A 386 PRO A 392 
AA2 3 SER A 64  ? SER A 69  ? SER A 326 SER A 331 
AA2 4 CYS A 106 ? SER A 110 ? CYS A 368 SER A 372 
AA2 5 GLY A 113 ? ASN A 117 ? GLY A 375 ASN A 379 
# 
loop_
_pdbx_struct_sheet_hbond.sheet_id 
_pdbx_struct_sheet_hbond.range_id_1 
_pdbx_struct_sheet_hbond.range_id_2 
_pdbx_struct_sheet_hbond.range_1_label_atom_id 
_pdbx_struct_sheet_hbond.range_1_label_comp_id 
_pdbx_struct_sheet_hbond.range_1_label_asym_id 
_pdbx_struct_sheet_hbond.range_1_label_seq_id 
_pdbx_struct_sheet_hbond.range_1_PDB_ins_code 
_pdbx_struct_sheet_hbond.range_1_auth_atom_id 
_pdbx_struct_sheet_hbond.range_1_auth_comp_id 
_pdbx_struct_sheet_hbond.range_1_auth_asym_id 
_pdbx_struct_sheet_hbond.range_1_auth_seq_id 
_pdbx_struct_sheet_hbond.range_2_label_atom_id 
_pdbx_struct_sheet_hbond.range_2_label_comp_id 
_pdbx_struct_sheet_hbond.range_2_label_asym_id 
_pdbx_struct_sheet_hbond.range_2_label_seq_id 
_pdbx_struct_sheet_hbond.range_2_PDB_ins_code 
_pdbx_struct_sheet_hbond.range_2_auth_atom_id 
_pdbx_struct_sheet_hbond.range_2_auth_comp_id 
_pdbx_struct_sheet_hbond.range_2_auth_asym_id 
_pdbx_struct_sheet_hbond.range_2_auth_seq_id 
AA1 1 2 N THR A 11  ? N THR A 273 O TYR A 18  ? O TYR A 280 
AA1 2 3 N CYS A 17  ? N CYS A 279 O LYS A 129 ? O LYS A 391 
AA1 3 4 O TYR A 124 ? O TYR A 386 N TRP A 65  ? N TRP A 327 
AA1 4 5 N SER A 69  ? N SER A 331 O GLN A 78  ? O GLN A 340 
AA2 1 2 N GLN A 40  ? N GLN A 302 O LYS A 128 ? O LYS A 390 
AA2 2 3 O TYR A 124 ? O TYR A 386 N TRP A 65  ? N TRP A 327 
AA2 3 4 N LEU A 68  ? N LEU A 330 O ALA A 107 ? O ALA A 369 
AA2 4 5 N CYS A 106 ? N CYS A 368 O ASN A 117 ? O ASN A 379 
# 
_pdbx_entry_details.entry_id                   8RCY 
_pdbx_entry_details.has_ligand_of_interest     Y 
_pdbx_entry_details.compound_details           ? 
_pdbx_entry_details.source_details             ? 
_pdbx_entry_details.nonpolymer_details         ? 
_pdbx_entry_details.sequence_details           ? 
_pdbx_entry_details.has_protein_modification   Y 
# 
_pdbx_validate_torsion.id              1 
_pdbx_validate_torsion.PDB_model_num   1 
_pdbx_validate_torsion.auth_comp_id    ASN 
_pdbx_validate_torsion.auth_asym_id    A 
_pdbx_validate_torsion.auth_seq_id     365 
_pdbx_validate_torsion.PDB_ins_code    ? 
_pdbx_validate_torsion.label_alt_id    ? 
_pdbx_validate_torsion.phi             65.77 
_pdbx_validate_torsion.psi             69.12 
# 
_pdbx_struct_mod_residue.id               1 
_pdbx_struct_mod_residue.label_asym_id    A 
_pdbx_struct_mod_residue.label_comp_id    CSO 
_pdbx_struct_mod_residue.label_seq_id     133 
_pdbx_struct_mod_residue.auth_asym_id     A 
_pdbx_struct_mod_residue.auth_comp_id     CSO 
_pdbx_struct_mod_residue.auth_seq_id      395 
_pdbx_struct_mod_residue.PDB_ins_code     ? 
_pdbx_struct_mod_residue.parent_comp_id   CYS 
_pdbx_struct_mod_residue.details          'modified residue' 
# 
loop_
_pdbx_unobs_or_zero_occ_residues.id 
_pdbx_unobs_or_zero_occ_residues.PDB_model_num 
_pdbx_unobs_or_zero_occ_residues.polymer_flag 
_pdbx_unobs_or_zero_occ_residues.occupancy_flag 
_pdbx_unobs_or_zero_occ_residues.auth_asym_id 
_pdbx_unobs_or_zero_occ_residues.auth_comp_id 
_pdbx_unobs_or_zero_occ_residues.auth_seq_id 
_pdbx_unobs_or_zero_occ_residues.PDB_ins_code 
_pdbx_unobs_or_zero_occ_residues.label_asym_id 
_pdbx_unobs_or_zero_occ_residues.label_comp_id 
_pdbx_unobs_or_zero_occ_residues.label_seq_id 
1 1 Y 1 A GLY 263 ? A GLY 1 
2 1 Y 1 A GLY 264 ? A GLY 2 
3 1 Y 1 A GLY 265 ? A GLY 3 
# 
loop_
_chem_comp_atom.comp_id 
_chem_comp_atom.atom_id 
_chem_comp_atom.type_symbol 
_chem_comp_atom.pdbx_aromatic_flag 
_chem_comp_atom.pdbx_stereo_config 
_chem_comp_atom.pdbx_ordinal 
A1H0Q N1   N  N N 1   
A1H0Q N3   N  N N 2   
A1H0Q C4   C  Y N 3   
A1H0Q C5   C  N S 4   
A1H0Q C6   C  N R 5   
A1H0Q C7   C  N S 6   
A1H0Q C8   C  N R 7   
A1H0Q C10  C  N S 8   
A1H0Q C1   C  N N 9   
A1H0Q N2   N  N N 10  
A1H0Q C2   C  N N 11  
A1H0Q C3   C  Y N 12  
A1H0Q N4   N  Y N 13  
A1H0Q N5   N  Y N 14  
A1H0Q N6   N  Y N 15  
A1H0Q O1   O  N N 16  
A1H0Q O2   O  N N 17  
A1H0Q C9   C  N N 18  
A1H0Q O3   O  N N 19  
A1H0Q O4   O  N N 20  
A1H0Q O5   O  N N 21  
A1H0Q C11  C  N N 22  
A1H0Q C12  C  N N 23  
A1H0Q CL1  CL N N 24  
A1H0Q H1   H  N N 25  
A1H0Q H2   H  N N 26  
A1H0Q H3   H  N N 27  
A1H0Q H4   H  N N 28  
A1H0Q H5   H  N N 29  
A1H0Q H6   H  N N 30  
A1H0Q H7   H  N N 31  
A1H0Q H8   H  N N 32  
A1H0Q H9   H  N N 33  
A1H0Q H10  H  N N 34  
A1H0Q H11  H  N N 35  
A1H0Q H12  H  N N 36  
A1H0Q H13  H  N N 37  
A1H0Q H14  H  N N 38  
A1H0Q H15  H  N N 39  
A1H0Q H16  H  N N 40  
A1H0Q H17  H  N N 41  
A1H0Q H18  H  N N 42  
A1H0Q H19  H  N N 43  
A1H0Q H20  H  N N 44  
A1H0Q H21  H  N N 45  
ALA   N    N  N N 46  
ALA   CA   C  N S 47  
ALA   C    C  N N 48  
ALA   O    O  N N 49  
ALA   CB   C  N N 50  
ALA   OXT  O  N N 51  
ALA   H    H  N N 52  
ALA   H2   H  N N 53  
ALA   HA   H  N N 54  
ALA   HB1  H  N N 55  
ALA   HB2  H  N N 56  
ALA   HB3  H  N N 57  
ALA   HXT  H  N N 58  
ARG   N    N  N N 59  
ARG   CA   C  N S 60  
ARG   C    C  N N 61  
ARG   O    O  N N 62  
ARG   CB   C  N N 63  
ARG   CG   C  N N 64  
ARG   CD   C  N N 65  
ARG   NE   N  N N 66  
ARG   CZ   C  N N 67  
ARG   NH1  N  N N 68  
ARG   NH2  N  N N 69  
ARG   OXT  O  N N 70  
ARG   H    H  N N 71  
ARG   H2   H  N N 72  
ARG   HA   H  N N 73  
ARG   HB2  H  N N 74  
ARG   HB3  H  N N 75  
ARG   HG2  H  N N 76  
ARG   HG3  H  N N 77  
ARG   HD2  H  N N 78  
ARG   HD3  H  N N 79  
ARG   HE   H  N N 80  
ARG   HH11 H  N N 81  
ARG   HH12 H  N N 82  
ARG   HH21 H  N N 83  
ARG   HH22 H  N N 84  
ARG   HXT  H  N N 85  
ASN   N    N  N N 86  
ASN   CA   C  N S 87  
ASN   C    C  N N 88  
ASN   O    O  N N 89  
ASN   CB   C  N N 90  
ASN   CG   C  N N 91  
ASN   OD1  O  N N 92  
ASN   ND2  N  N N 93  
ASN   OXT  O  N N 94  
ASN   H    H  N N 95  
ASN   H2   H  N N 96  
ASN   HA   H  N N 97  
ASN   HB2  H  N N 98  
ASN   HB3  H  N N 99  
ASN   HD21 H  N N 100 
ASN   HD22 H  N N 101 
ASN   HXT  H  N N 102 
ASP   N    N  N N 103 
ASP   CA   C  N S 104 
ASP   C    C  N N 105 
ASP   O    O  N N 106 
ASP   CB   C  N N 107 
ASP   CG   C  N N 108 
ASP   OD1  O  N N 109 
ASP   OD2  O  N N 110 
ASP   OXT  O  N N 111 
ASP   H    H  N N 112 
ASP   H2   H  N N 113 
ASP   HA   H  N N 114 
ASP   HB2  H  N N 115 
ASP   HB3  H  N N 116 
ASP   HD2  H  N N 117 
ASP   HXT  H  N N 118 
CA    CA   CA N N 119 
CL    CL   CL N N 120 
CSO   N    N  N N 121 
CSO   CA   C  N R 122 
CSO   CB   C  N N 123 
CSO   SG   S  N N 124 
CSO   C    C  N N 125 
CSO   O    O  N N 126 
CSO   OXT  O  N N 127 
CSO   OD   O  N N 128 
CSO   H    H  N N 129 
CSO   H2   H  N N 130 
CSO   HA   H  N N 131 
CSO   HB2  H  N N 132 
CSO   HB3  H  N N 133 
CSO   HXT  H  N N 134 
CSO   HD   H  N N 135 
CYS   N    N  N N 136 
CYS   CA   C  N R 137 
CYS   C    C  N N 138 
CYS   O    O  N N 139 
CYS   CB   C  N N 140 
CYS   SG   S  N N 141 
CYS   OXT  O  N N 142 
CYS   H    H  N N 143 
CYS   H2   H  N N 144 
CYS   HA   H  N N 145 
CYS   HB2  H  N N 146 
CYS   HB3  H  N N 147 
CYS   HG   H  N N 148 
CYS   HXT  H  N N 149 
GLN   N    N  N N 150 
GLN   CA   C  N S 151 
GLN   C    C  N N 152 
GLN   O    O  N N 153 
GLN   CB   C  N N 154 
GLN   CG   C  N N 155 
GLN   CD   C  N N 156 
GLN   OE1  O  N N 157 
GLN   NE2  N  N N 158 
GLN   OXT  O  N N 159 
GLN   H    H  N N 160 
GLN   H2   H  N N 161 
GLN   HA   H  N N 162 
GLN   HB2  H  N N 163 
GLN   HB3  H  N N 164 
GLN   HG2  H  N N 165 
GLN   HG3  H  N N 166 
GLN   HE21 H  N N 167 
GLN   HE22 H  N N 168 
GLN   HXT  H  N N 169 
GLU   N    N  N N 170 
GLU   CA   C  N S 171 
GLU   C    C  N N 172 
GLU   O    O  N N 173 
GLU   CB   C  N N 174 
GLU   CG   C  N N 175 
GLU   CD   C  N N 176 
GLU   OE1  O  N N 177 
GLU   OE2  O  N N 178 
GLU   OXT  O  N N 179 
GLU   H    H  N N 180 
GLU   H2   H  N N 181 
GLU   HA   H  N N 182 
GLU   HB2  H  N N 183 
GLU   HB3  H  N N 184 
GLU   HG2  H  N N 185 
GLU   HG3  H  N N 186 
GLU   HE2  H  N N 187 
GLU   HXT  H  N N 188 
GLY   N    N  N N 189 
GLY   CA   C  N N 190 
GLY   C    C  N N 191 
GLY   O    O  N N 192 
GLY   OXT  O  N N 193 
GLY   H    H  N N 194 
GLY   H2   H  N N 195 
GLY   HA2  H  N N 196 
GLY   HA3  H  N N 197 
GLY   HXT  H  N N 198 
HIS   N    N  N N 199 
HIS   CA   C  N S 200 
HIS   C    C  N N 201 
HIS   O    O  N N 202 
HIS   CB   C  N N 203 
HIS   CG   C  Y N 204 
HIS   ND1  N  Y N 205 
HIS   CD2  C  Y N 206 
HIS   CE1  C  Y N 207 
HIS   NE2  N  Y N 208 
HIS   OXT  O  N N 209 
HIS   H    H  N N 210 
HIS   H2   H  N N 211 
HIS   HA   H  N N 212 
HIS   HB2  H  N N 213 
HIS   HB3  H  N N 214 
HIS   HD1  H  N N 215 
HIS   HD2  H  N N 216 
HIS   HE1  H  N N 217 
HIS   HE2  H  N N 218 
HIS   HXT  H  N N 219 
HOH   O    O  N N 220 
HOH   H1   H  N N 221 
HOH   H2   H  N N 222 
ILE   N    N  N N 223 
ILE   CA   C  N S 224 
ILE   C    C  N N 225 
ILE   O    O  N N 226 
ILE   CB   C  N S 227 
ILE   CG1  C  N N 228 
ILE   CG2  C  N N 229 
ILE   CD1  C  N N 230 
ILE   OXT  O  N N 231 
ILE   H    H  N N 232 
ILE   H2   H  N N 233 
ILE   HA   H  N N 234 
ILE   HB   H  N N 235 
ILE   HG12 H  N N 236 
ILE   HG13 H  N N 237 
ILE   HG21 H  N N 238 
ILE   HG22 H  N N 239 
ILE   HG23 H  N N 240 
ILE   HD11 H  N N 241 
ILE   HD12 H  N N 242 
ILE   HD13 H  N N 243 
ILE   HXT  H  N N 244 
LEU   N    N  N N 245 
LEU   CA   C  N S 246 
LEU   C    C  N N 247 
LEU   O    O  N N 248 
LEU   CB   C  N N 249 
LEU   CG   C  N N 250 
LEU   CD1  C  N N 251 
LEU   CD2  C  N N 252 
LEU   OXT  O  N N 253 
LEU   H    H  N N 254 
LEU   H2   H  N N 255 
LEU   HA   H  N N 256 
LEU   HB2  H  N N 257 
LEU   HB3  H  N N 258 
LEU   HG   H  N N 259 
LEU   HD11 H  N N 260 
LEU   HD12 H  N N 261 
LEU   HD13 H  N N 262 
LEU   HD21 H  N N 263 
LEU   HD22 H  N N 264 
LEU   HD23 H  N N 265 
LEU   HXT  H  N N 266 
LYS   N    N  N N 267 
LYS   CA   C  N S 268 
LYS   C    C  N N 269 
LYS   O    O  N N 270 
LYS   CB   C  N N 271 
LYS   CG   C  N N 272 
LYS   CD   C  N N 273 
LYS   CE   C  N N 274 
LYS   NZ   N  N N 275 
LYS   OXT  O  N N 276 
LYS   H    H  N N 277 
LYS   H2   H  N N 278 
LYS   HA   H  N N 279 
LYS   HB2  H  N N 280 
LYS   HB3  H  N N 281 
LYS   HG2  H  N N 282 
LYS   HG3  H  N N 283 
LYS   HD2  H  N N 284 
LYS   HD3  H  N N 285 
LYS   HE2  H  N N 286 
LYS   HE3  H  N N 287 
LYS   HZ1  H  N N 288 
LYS   HZ2  H  N N 289 
LYS   HZ3  H  N N 290 
LYS   HXT  H  N N 291 
MET   N    N  N N 292 
MET   CA   C  N S 293 
MET   C    C  N N 294 
MET   O    O  N N 295 
MET   CB   C  N N 296 
MET   CG   C  N N 297 
MET   SD   S  N N 298 
MET   CE   C  N N 299 
MET   OXT  O  N N 300 
MET   H    H  N N 301 
MET   H2   H  N N 302 
MET   HA   H  N N 303 
MET   HB2  H  N N 304 
MET   HB3  H  N N 305 
MET   HG2  H  N N 306 
MET   HG3  H  N N 307 
MET   HE1  H  N N 308 
MET   HE2  H  N N 309 
MET   HE3  H  N N 310 
MET   HXT  H  N N 311 
PHE   N    N  N N 312 
PHE   CA   C  N S 313 
PHE   C    C  N N 314 
PHE   O    O  N N 315 
PHE   CB   C  N N 316 
PHE   CG   C  Y N 317 
PHE   CD1  C  Y N 318 
PHE   CD2  C  Y N 319 
PHE   CE1  C  Y N 320 
PHE   CE2  C  Y N 321 
PHE   CZ   C  Y N 322 
PHE   OXT  O  N N 323 
PHE   H    H  N N 324 
PHE   H2   H  N N 325 
PHE   HA   H  N N 326 
PHE   HB2  H  N N 327 
PHE   HB3  H  N N 328 
PHE   HD1  H  N N 329 
PHE   HD2  H  N N 330 
PHE   HE1  H  N N 331 
PHE   HE2  H  N N 332 
PHE   HZ   H  N N 333 
PHE   HXT  H  N N 334 
PRO   N    N  N N 335 
PRO   CA   C  N S 336 
PRO   C    C  N N 337 
PRO   O    O  N N 338 
PRO   CB   C  N N 339 
PRO   CG   C  N N 340 
PRO   CD   C  N N 341 
PRO   OXT  O  N N 342 
PRO   H    H  N N 343 
PRO   HA   H  N N 344 
PRO   HB2  H  N N 345 
PRO   HB3  H  N N 346 
PRO   HG2  H  N N 347 
PRO   HG3  H  N N 348 
PRO   HD2  H  N N 349 
PRO   HD3  H  N N 350 
PRO   HXT  H  N N 351 
SER   N    N  N N 352 
SER   CA   C  N S 353 
SER   C    C  N N 354 
SER   O    O  N N 355 
SER   CB   C  N N 356 
SER   OG   O  N N 357 
SER   OXT  O  N N 358 
SER   H    H  N N 359 
SER   H2   H  N N 360 
SER   HA   H  N N 361 
SER   HB2  H  N N 362 
SER   HB3  H  N N 363 
SER   HG   H  N N 364 
SER   HXT  H  N N 365 
THR   N    N  N N 366 
THR   CA   C  N S 367 
THR   C    C  N N 368 
THR   O    O  N N 369 
THR   CB   C  N R 370 
THR   OG1  O  N N 371 
THR   CG2  C  N N 372 
THR   OXT  O  N N 373 
THR   H    H  N N 374 
THR   H2   H  N N 375 
THR   HA   H  N N 376 
THR   HB   H  N N 377 
THR   HG1  H  N N 378 
THR   HG21 H  N N 379 
THR   HG22 H  N N 380 
THR   HG23 H  N N 381 
THR   HXT  H  N N 382 
TRP   N    N  N N 383 
TRP   CA   C  N S 384 
TRP   C    C  N N 385 
TRP   O    O  N N 386 
TRP   CB   C  N N 387 
TRP   CG   C  Y N 388 
TRP   CD1  C  Y N 389 
TRP   CD2  C  Y N 390 
TRP   NE1  N  Y N 391 
TRP   CE2  C  Y N 392 
TRP   CE3  C  Y N 393 
TRP   CZ2  C  Y N 394 
TRP   CZ3  C  Y N 395 
TRP   CH2  C  Y N 396 
TRP   OXT  O  N N 397 
TRP   H    H  N N 398 
TRP   H2   H  N N 399 
TRP   HA   H  N N 400 
TRP   HB2  H  N N 401 
TRP   HB3  H  N N 402 
TRP   HD1  H  N N 403 
TRP   HE1  H  N N 404 
TRP   HE3  H  N N 405 
TRP   HZ2  H  N N 406 
TRP   HZ3  H  N N 407 
TRP   HH2  H  N N 408 
TRP   HXT  H  N N 409 
TYR   N    N  N N 410 
TYR   CA   C  N S 411 
TYR   C    C  N N 412 
TYR   O    O  N N 413 
TYR   CB   C  N N 414 
TYR   CG   C  Y N 415 
TYR   CD1  C  Y N 416 
TYR   CD2  C  Y N 417 
TYR   CE1  C  Y N 418 
TYR   CE2  C  Y N 419 
TYR   CZ   C  Y N 420 
TYR   OH   O  N N 421 
TYR   OXT  O  N N 422 
TYR   H    H  N N 423 
TYR   H2   H  N N 424 
TYR   HA   H  N N 425 
TYR   HB2  H  N N 426 
TYR   HB3  H  N N 427 
TYR   HD1  H  N N 428 
TYR   HD2  H  N N 429 
TYR   HE1  H  N N 430 
TYR   HE2  H  N N 431 
TYR   HH   H  N N 432 
TYR   HXT  H  N N 433 
VAL   N    N  N N 434 
VAL   CA   C  N S 435 
VAL   C    C  N N 436 
VAL   O    O  N N 437 
VAL   CB   C  N N 438 
VAL   CG1  C  N N 439 
VAL   CG2  C  N N 440 
VAL   OXT  O  N N 441 
VAL   H    H  N N 442 
VAL   H2   H  N N 443 
VAL   HA   H  N N 444 
VAL   HB   H  N N 445 
VAL   HG11 H  N N 446 
VAL   HG12 H  N N 447 
VAL   HG13 H  N N 448 
VAL   HG21 H  N N 449 
VAL   HG22 H  N N 450 
VAL   HG23 H  N N 451 
VAL   HXT  H  N N 452 
# 
loop_
_chem_comp_bond.comp_id 
_chem_comp_bond.atom_id_1 
_chem_comp_bond.atom_id_2 
_chem_comp_bond.value_order 
_chem_comp_bond.pdbx_aromatic_flag 
_chem_comp_bond.pdbx_stereo_config 
_chem_comp_bond.pdbx_ordinal 
A1H0Q N2  C1   doub N N 1   
A1H0Q C1  N1   sing N N 2   
A1H0Q C1  N3   sing N N 3   
A1H0Q N3  C2   sing N N 4   
A1H0Q C2  C3   sing N N 5   
A1H0Q C3  N6   sing Y N 6   
A1H0Q C3  C4   doub Y N 7   
A1H0Q N6  N5   doub Y N 8   
A1H0Q C4  N4   sing Y N 9   
A1H0Q N5  N4   sing Y N 10  
A1H0Q N4  C5   sing N N 11  
A1H0Q C9  O3   sing N N 12  
A1H0Q C9  C8   sing N N 13  
A1H0Q O4  C8   sing N N 14  
A1H0Q O4  C10  sing N N 15  
A1H0Q C5  C10  sing N N 16  
A1H0Q C5  C6   sing N N 17  
A1H0Q O1  C6   sing N N 18  
A1H0Q C7  C8   sing N N 19  
A1H0Q C7  C6   sing N N 20  
A1H0Q C7  O2   sing N N 21  
A1H0Q C10 O5   sing N N 22  
A1H0Q CL1 C12  sing N N 23  
A1H0Q O5  C11  sing N N 24  
A1H0Q C11 C12  sing N N 25  
A1H0Q N1  H1   sing N N 26  
A1H0Q N1  H2   sing N N 27  
A1H0Q N3  H3   sing N N 28  
A1H0Q C4  H4   sing N N 29  
A1H0Q C5  H5   sing N N 30  
A1H0Q C6  H6   sing N N 31  
A1H0Q C7  H7   sing N N 32  
A1H0Q C8  H8   sing N N 33  
A1H0Q C10 H9   sing N N 34  
A1H0Q N2  H10  sing N N 35  
A1H0Q C2  H11  sing N N 36  
A1H0Q C2  H12  sing N N 37  
A1H0Q O1  H13  sing N N 38  
A1H0Q O2  H14  sing N N 39  
A1H0Q C9  H15  sing N N 40  
A1H0Q C9  H16  sing N N 41  
A1H0Q O3  H17  sing N N 42  
A1H0Q C11 H18  sing N N 43  
A1H0Q C11 H19  sing N N 44  
A1H0Q C12 H20  sing N N 45  
A1H0Q C12 H21  sing N N 46  
ALA   N   CA   sing N N 47  
ALA   N   H    sing N N 48  
ALA   N   H2   sing N N 49  
ALA   CA  C    sing N N 50  
ALA   CA  CB   sing N N 51  
ALA   CA  HA   sing N N 52  
ALA   C   O    doub N N 53  
ALA   C   OXT  sing N N 54  
ALA   CB  HB1  sing N N 55  
ALA   CB  HB2  sing N N 56  
ALA   CB  HB3  sing N N 57  
ALA   OXT HXT  sing N N 58  
ARG   N   CA   sing N N 59  
ARG   N   H    sing N N 60  
ARG   N   H2   sing N N 61  
ARG   CA  C    sing N N 62  
ARG   CA  CB   sing N N 63  
ARG   CA  HA   sing N N 64  
ARG   C   O    doub N N 65  
ARG   C   OXT  sing N N 66  
ARG   CB  CG   sing N N 67  
ARG   CB  HB2  sing N N 68  
ARG   CB  HB3  sing N N 69  
ARG   CG  CD   sing N N 70  
ARG   CG  HG2  sing N N 71  
ARG   CG  HG3  sing N N 72  
ARG   CD  NE   sing N N 73  
ARG   CD  HD2  sing N N 74  
ARG   CD  HD3  sing N N 75  
ARG   NE  CZ   sing N N 76  
ARG   NE  HE   sing N N 77  
ARG   CZ  NH1  sing N N 78  
ARG   CZ  NH2  doub N N 79  
ARG   NH1 HH11 sing N N 80  
ARG   NH1 HH12 sing N N 81  
ARG   NH2 HH21 sing N N 82  
ARG   NH2 HH22 sing N N 83  
ARG   OXT HXT  sing N N 84  
ASN   N   CA   sing N N 85  
ASN   N   H    sing N N 86  
ASN   N   H2   sing N N 87  
ASN   CA  C    sing N N 88  
ASN   CA  CB   sing N N 89  
ASN   CA  HA   sing N N 90  
ASN   C   O    doub N N 91  
ASN   C   OXT  sing N N 92  
ASN   CB  CG   sing N N 93  
ASN   CB  HB2  sing N N 94  
ASN   CB  HB3  sing N N 95  
ASN   CG  OD1  doub N N 96  
ASN   CG  ND2  sing N N 97  
ASN   ND2 HD21 sing N N 98  
ASN   ND2 HD22 sing N N 99  
ASN   OXT HXT  sing N N 100 
ASP   N   CA   sing N N 101 
ASP   N   H    sing N N 102 
ASP   N   H2   sing N N 103 
ASP   CA  C    sing N N 104 
ASP   CA  CB   sing N N 105 
ASP   CA  HA   sing N N 106 
ASP   C   O    doub N N 107 
ASP   C   OXT  sing N N 108 
ASP   CB  CG   sing N N 109 
ASP   CB  HB2  sing N N 110 
ASP   CB  HB3  sing N N 111 
ASP   CG  OD1  doub N N 112 
ASP   CG  OD2  sing N N 113 
ASP   OD2 HD2  sing N N 114 
ASP   OXT HXT  sing N N 115 
CSO   N   CA   sing N N 116 
CSO   N   H    sing N N 117 
CSO   N   H2   sing N N 118 
CSO   CA  CB   sing N N 119 
CSO   CA  C    sing N N 120 
CSO   CA  HA   sing N N 121 
CSO   CB  SG   sing N N 122 
CSO   CB  HB2  sing N N 123 
CSO   CB  HB3  sing N N 124 
CSO   SG  OD   sing N N 125 
CSO   C   O    doub N N 126 
CSO   C   OXT  sing N N 127 
CSO   OXT HXT  sing N N 128 
CSO   OD  HD   sing N N 129 
CYS   N   CA   sing N N 130 
CYS   N   H    sing N N 131 
CYS   N   H2   sing N N 132 
CYS   CA  C    sing N N 133 
CYS   CA  CB   sing N N 134 
CYS   CA  HA   sing N N 135 
CYS   C   O    doub N N 136 
CYS   C   OXT  sing N N 137 
CYS   CB  SG   sing N N 138 
CYS   CB  HB2  sing N N 139 
CYS   CB  HB3  sing N N 140 
CYS   SG  HG   sing N N 141 
CYS   OXT HXT  sing N N 142 
GLN   N   CA   sing N N 143 
GLN   N   H    sing N N 144 
GLN   N   H2   sing N N 145 
GLN   CA  C    sing N N 146 
GLN   CA  CB   sing N N 147 
GLN   CA  HA   sing N N 148 
GLN   C   O    doub N N 149 
GLN   C   OXT  sing N N 150 
GLN   CB  CG   sing N N 151 
GLN   CB  HB2  sing N N 152 
GLN   CB  HB3  sing N N 153 
GLN   CG  CD   sing N N 154 
GLN   CG  HG2  sing N N 155 
GLN   CG  HG3  sing N N 156 
GLN   CD  OE1  doub N N 157 
GLN   CD  NE2  sing N N 158 
GLN   NE2 HE21 sing N N 159 
GLN   NE2 HE22 sing N N 160 
GLN   OXT HXT  sing N N 161 
GLU   N   CA   sing N N 162 
GLU   N   H    sing N N 163 
GLU   N   H2   sing N N 164 
GLU   CA  C    sing N N 165 
GLU   CA  CB   sing N N 166 
GLU   CA  HA   sing N N 167 
GLU   C   O    doub N N 168 
GLU   C   OXT  sing N N 169 
GLU   CB  CG   sing N N 170 
GLU   CB  HB2  sing N N 171 
GLU   CB  HB3  sing N N 172 
GLU   CG  CD   sing N N 173 
GLU   CG  HG2  sing N N 174 
GLU   CG  HG3  sing N N 175 
GLU   CD  OE1  doub N N 176 
GLU   CD  OE2  sing N N 177 
GLU   OE2 HE2  sing N N 178 
GLU   OXT HXT  sing N N 179 
GLY   N   CA   sing N N 180 
GLY   N   H    sing N N 181 
GLY   N   H2   sing N N 182 
GLY   CA  C    sing N N 183 
GLY   CA  HA2  sing N N 184 
GLY   CA  HA3  sing N N 185 
GLY   C   O    doub N N 186 
GLY   C   OXT  sing N N 187 
GLY   OXT HXT  sing N N 188 
HIS   N   CA   sing N N 189 
HIS   N   H    sing N N 190 
HIS   N   H2   sing N N 191 
HIS   CA  C    sing N N 192 
HIS   CA  CB   sing N N 193 
HIS   CA  HA   sing N N 194 
HIS   C   O    doub N N 195 
HIS   C   OXT  sing N N 196 
HIS   CB  CG   sing N N 197 
HIS   CB  HB2  sing N N 198 
HIS   CB  HB3  sing N N 199 
HIS   CG  ND1  sing Y N 200 
HIS   CG  CD2  doub Y N 201 
HIS   ND1 CE1  doub Y N 202 
HIS   ND1 HD1  sing N N 203 
HIS   CD2 NE2  sing Y N 204 
HIS   CD2 HD2  sing N N 205 
HIS   CE1 NE2  sing Y N 206 
HIS   CE1 HE1  sing N N 207 
HIS   NE2 HE2  sing N N 208 
HIS   OXT HXT  sing N N 209 
HOH   O   H1   sing N N 210 
HOH   O   H2   sing N N 211 
ILE   N   CA   sing N N 212 
ILE   N   H    sing N N 213 
ILE   N   H2   sing N N 214 
ILE   CA  C    sing N N 215 
ILE   CA  CB   sing N N 216 
ILE   CA  HA   sing N N 217 
ILE   C   O    doub N N 218 
ILE   C   OXT  sing N N 219 
ILE   CB  CG1  sing N N 220 
ILE   CB  CG2  sing N N 221 
ILE   CB  HB   sing N N 222 
ILE   CG1 CD1  sing N N 223 
ILE   CG1 HG12 sing N N 224 
ILE   CG1 HG13 sing N N 225 
ILE   CG2 HG21 sing N N 226 
ILE   CG2 HG22 sing N N 227 
ILE   CG2 HG23 sing N N 228 
ILE   CD1 HD11 sing N N 229 
ILE   CD1 HD12 sing N N 230 
ILE   CD1 HD13 sing N N 231 
ILE   OXT HXT  sing N N 232 
LEU   N   CA   sing N N 233 
LEU   N   H    sing N N 234 
LEU   N   H2   sing N N 235 
LEU   CA  C    sing N N 236 
LEU   CA  CB   sing N N 237 
LEU   CA  HA   sing N N 238 
LEU   C   O    doub N N 239 
LEU   C   OXT  sing N N 240 
LEU   CB  CG   sing N N 241 
LEU   CB  HB2  sing N N 242 
LEU   CB  HB3  sing N N 243 
LEU   CG  CD1  sing N N 244 
LEU   CG  CD2  sing N N 245 
LEU   CG  HG   sing N N 246 
LEU   CD1 HD11 sing N N 247 
LEU   CD1 HD12 sing N N 248 
LEU   CD1 HD13 sing N N 249 
LEU   CD2 HD21 sing N N 250 
LEU   CD2 HD22 sing N N 251 
LEU   CD2 HD23 sing N N 252 
LEU   OXT HXT  sing N N 253 
LYS   N   CA   sing N N 254 
LYS   N   H    sing N N 255 
LYS   N   H2   sing N N 256 
LYS   CA  C    sing N N 257 
LYS   CA  CB   sing N N 258 
LYS   CA  HA   sing N N 259 
LYS   C   O    doub N N 260 
LYS   C   OXT  sing N N 261 
LYS   CB  CG   sing N N 262 
LYS   CB  HB2  sing N N 263 
LYS   CB  HB3  sing N N 264 
LYS   CG  CD   sing N N 265 
LYS   CG  HG2  sing N N 266 
LYS   CG  HG3  sing N N 267 
LYS   CD  CE   sing N N 268 
LYS   CD  HD2  sing N N 269 
LYS   CD  HD3  sing N N 270 
LYS   CE  NZ   sing N N 271 
LYS   CE  HE2  sing N N 272 
LYS   CE  HE3  sing N N 273 
LYS   NZ  HZ1  sing N N 274 
LYS   NZ  HZ2  sing N N 275 
LYS   NZ  HZ3  sing N N 276 
LYS   OXT HXT  sing N N 277 
MET   N   CA   sing N N 278 
MET   N   H    sing N N 279 
MET   N   H2   sing N N 280 
MET   CA  C    sing N N 281 
MET   CA  CB   sing N N 282 
MET   CA  HA   sing N N 283 
MET   C   O    doub N N 284 
MET   C   OXT  sing N N 285 
MET   CB  CG   sing N N 286 
MET   CB  HB2  sing N N 287 
MET   CB  HB3  sing N N 288 
MET   CG  SD   sing N N 289 
MET   CG  HG2  sing N N 290 
MET   CG  HG3  sing N N 291 
MET   SD  CE   sing N N 292 
MET   CE  HE1  sing N N 293 
MET   CE  HE2  sing N N 294 
MET   CE  HE3  sing N N 295 
MET   OXT HXT  sing N N 296 
PHE   N   CA   sing N N 297 
PHE   N   H    sing N N 298 
PHE   N   H2   sing N N 299 
PHE   CA  C    sing N N 300 
PHE   CA  CB   sing N N 301 
PHE   CA  HA   sing N N 302 
PHE   C   O    doub N N 303 
PHE   C   OXT  sing N N 304 
PHE   CB  CG   sing N N 305 
PHE   CB  HB2  sing N N 306 
PHE   CB  HB3  sing N N 307 
PHE   CG  CD1  doub Y N 308 
PHE   CG  CD2  sing Y N 309 
PHE   CD1 CE1  sing Y N 310 
PHE   CD1 HD1  sing N N 311 
PHE   CD2 CE2  doub Y N 312 
PHE   CD2 HD2  sing N N 313 
PHE   CE1 CZ   doub Y N 314 
PHE   CE1 HE1  sing N N 315 
PHE   CE2 CZ   sing Y N 316 
PHE   CE2 HE2  sing N N 317 
PHE   CZ  HZ   sing N N 318 
PHE   OXT HXT  sing N N 319 
PRO   N   CA   sing N N 320 
PRO   N   CD   sing N N 321 
PRO   N   H    sing N N 322 
PRO   CA  C    sing N N 323 
PRO   CA  CB   sing N N 324 
PRO   CA  HA   sing N N 325 
PRO   C   O    doub N N 326 
PRO   C   OXT  sing N N 327 
PRO   CB  CG   sing N N 328 
PRO   CB  HB2  sing N N 329 
PRO   CB  HB3  sing N N 330 
PRO   CG  CD   sing N N 331 
PRO   CG  HG2  sing N N 332 
PRO   CG  HG3  sing N N 333 
PRO   CD  HD2  sing N N 334 
PRO   CD  HD3  sing N N 335 
PRO   OXT HXT  sing N N 336 
SER   N   CA   sing N N 337 
SER   N   H    sing N N 338 
SER   N   H2   sing N N 339 
SER   CA  C    sing N N 340 
SER   CA  CB   sing N N 341 
SER   CA  HA   sing N N 342 
SER   C   O    doub N N 343 
SER   C   OXT  sing N N 344 
SER   CB  OG   sing N N 345 
SER   CB  HB2  sing N N 346 
SER   CB  HB3  sing N N 347 
SER   OG  HG   sing N N 348 
SER   OXT HXT  sing N N 349 
THR   N   CA   sing N N 350 
THR   N   H    sing N N 351 
THR   N   H2   sing N N 352 
THR   CA  C    sing N N 353 
THR   CA  CB   sing N N 354 
THR   CA  HA   sing N N 355 
THR   C   O    doub N N 356 
THR   C   OXT  sing N N 357 
THR   CB  OG1  sing N N 358 
THR   CB  CG2  sing N N 359 
THR   CB  HB   sing N N 360 
THR   OG1 HG1  sing N N 361 
THR   CG2 HG21 sing N N 362 
THR   CG2 HG22 sing N N 363 
THR   CG2 HG23 sing N N 364 
THR   OXT HXT  sing N N 365 
TRP   N   CA   sing N N 366 
TRP   N   H    sing N N 367 
TRP   N   H2   sing N N 368 
TRP   CA  C    sing N N 369 
TRP   CA  CB   sing N N 370 
TRP   CA  HA   sing N N 371 
TRP   C   O    doub N N 372 
TRP   C   OXT  sing N N 373 
TRP   CB  CG   sing N N 374 
TRP   CB  HB2  sing N N 375 
TRP   CB  HB3  sing N N 376 
TRP   CG  CD1  doub Y N 377 
TRP   CG  CD2  sing Y N 378 
TRP   CD1 NE1  sing Y N 379 
TRP   CD1 HD1  sing N N 380 
TRP   CD2 CE2  doub Y N 381 
TRP   CD2 CE3  sing Y N 382 
TRP   NE1 CE2  sing Y N 383 
TRP   NE1 HE1  sing N N 384 
TRP   CE2 CZ2  sing Y N 385 
TRP   CE3 CZ3  doub Y N 386 
TRP   CE3 HE3  sing N N 387 
TRP   CZ2 CH2  doub Y N 388 
TRP   CZ2 HZ2  sing N N 389 
TRP   CZ3 CH2  sing Y N 390 
TRP   CZ3 HZ3  sing N N 391 
TRP   CH2 HH2  sing N N 392 
TRP   OXT HXT  sing N N 393 
TYR   N   CA   sing N N 394 
TYR   N   H    sing N N 395 
TYR   N   H2   sing N N 396 
TYR   CA  C    sing N N 397 
TYR   CA  CB   sing N N 398 
TYR   CA  HA   sing N N 399 
TYR   C   O    doub N N 400 
TYR   C   OXT  sing N N 401 
TYR   CB  CG   sing N N 402 
TYR   CB  HB2  sing N N 403 
TYR   CB  HB3  sing N N 404 
TYR   CG  CD1  doub Y N 405 
TYR   CG  CD2  sing Y N 406 
TYR   CD1 CE1  sing Y N 407 
TYR   CD1 HD1  sing N N 408 
TYR   CD2 CE2  doub Y N 409 
TYR   CD2 HD2  sing N N 410 
TYR   CE1 CZ   doub Y N 411 
TYR   CE1 HE1  sing N N 412 
TYR   CE2 CZ   sing Y N 413 
TYR   CE2 HE2  sing N N 414 
TYR   CZ  OH   sing N N 415 
TYR   OH  HH   sing N N 416 
TYR   OXT HXT  sing N N 417 
VAL   N   CA   sing N N 418 
VAL   N   H    sing N N 419 
VAL   N   H2   sing N N 420 
VAL   CA  C    sing N N 421 
VAL   CA  CB   sing N N 422 
VAL   CA  HA   sing N N 423 
VAL   C   O    doub N N 424 
VAL   C   OXT  sing N N 425 
VAL   CB  CG1  sing N N 426 
VAL   CB  CG2  sing N N 427 
VAL   CB  HB   sing N N 428 
VAL   CG1 HG11 sing N N 429 
VAL   CG1 HG12 sing N N 430 
VAL   CG1 HG13 sing N N 431 
VAL   CG2 HG21 sing N N 432 
VAL   CG2 HG22 sing N N 433 
VAL   CG2 HG23 sing N N 434 
VAL   OXT HXT  sing N N 435 
# 
loop_
_pdbx_audit_support.funding_organization 
_pdbx_audit_support.country 
_pdbx_audit_support.grant_number 
_pdbx_audit_support.ordinal 
'Grenoble Alliance for Integrated Structural Cell Biology (GRAL)'                                     France 
'CBH-EUR-GS (ANR-17- EURE0003)' 1 
'Ministero dell Universita e della Ricerca'                                                           Italy  ? 2 
'NextGenerationEU-MUR PNRR Extended Partnership initiative on Emerging Infectious Diseases (INF-ACT)' Italy  ? 3 
# 
_pdbx_initial_refinement_model.id               1 
_pdbx_initial_refinement_model.entity_id_list   ? 
_pdbx_initial_refinement_model.type             'experimental model' 
_pdbx_initial_refinement_model.source_name      PDB 
_pdbx_initial_refinement_model.accession_code   1SL6 
_pdbx_initial_refinement_model.details          ? 
# 
_atom_sites.entry_id                    8RCY 
_atom_sites.Cartn_transf_matrix[1][1]   ? 
_atom_sites.Cartn_transf_matrix[1][2]   ? 
_atom_sites.Cartn_transf_matrix[1][3]   ? 
_atom_sites.Cartn_transf_matrix[2][1]   ? 
_atom_sites.Cartn_transf_matrix[2][2]   ? 
_atom_sites.Cartn_transf_matrix[2][3]   ? 
_atom_sites.Cartn_transf_matrix[3][1]   ? 
_atom_sites.Cartn_transf_matrix[3][2]   ? 
_atom_sites.Cartn_transf_matrix[3][3]   ? 
_atom_sites.Cartn_transf_vector[1]      ? 
_atom_sites.Cartn_transf_vector[2]      ? 
_atom_sites.Cartn_transf_vector[3]      ? 
_atom_sites.Cartn_transform_axes        ? 
_atom_sites.fract_transf_matrix[1][1]   -0.02155438 
_atom_sites.fract_transf_matrix[1][2]   -0.01494332 
_atom_sites.fract_transf_matrix[1][3]   0.01608430 
_atom_sites.fract_transf_matrix[2][1]   0.00184145 
_atom_sites.fract_transf_matrix[2][2]   0.01363462 
_atom_sites.fract_transf_matrix[2][3]   0.01513513 
_atom_sites.fract_transf_matrix[3][1]   -0.02457134 
_atom_sites.fract_transf_matrix[3][2]   0.01257602 
_atom_sites.fract_transf_matrix[3][3]   -0.00833969 
_atom_sites.fract_transf_vector[1]      0.210191 
_atom_sites.fract_transf_vector[2]      -0.004171 
_atom_sites.fract_transf_vector[3]      -0.030590 
_atom_sites.solution_primary            ? 
_atom_sites.solution_secondary          ? 
_atom_sites.solution_hydrogens          ? 
_atom_sites.special_details             ? 
# 
loop_
_atom_type.symbol 
C  
CA 
CL 
N  
O  
S  
# 
loop_
_atom_site.group_PDB 
_atom_site.id 
_atom_site.type_symbol 
_atom_site.label_atom_id 
_atom_site.label_alt_id 
_atom_site.label_comp_id 
_atom_site.label_asym_id 
_atom_site.label_entity_id 
_atom_site.label_seq_id 
_atom_site.pdbx_PDB_ins_code 
_atom_site.Cartn_x 
_atom_site.Cartn_y 
_atom_site.Cartn_z 
_atom_site.occupancy 
_atom_site.B_iso_or_equiv 
_atom_site.pdbx_formal_charge 
_atom_site.auth_seq_id 
_atom_site.auth_comp_id 
_atom_site.auth_asym_id 
_atom_site.auth_atom_id 
_atom_site.pdbx_PDB_model_num 
ATOM   1    N  N   . ARG   A 1 4   ? 16.375  -16.555 1.279   1.00 41.85 ? 266  ARG   A N   1 
ATOM   2    C  CA  A ARG   A 1 4   ? 15.818  -15.757 0.148   0.50 39.02 ? 266  ARG   A CA  1 
ATOM   3    C  CA  B ARG   A 1 4   ? 15.908  -15.769 0.116   0.50 38.97 ? 266  ARG   A CA  1 
ATOM   4    C  C   . ARG   A 1 4   ? 16.160  -14.276 0.375   1.00 38.65 ? 266  ARG   A C   1 
ATOM   5    O  O   . ARG   A 1 4   ? 16.148  -13.812 1.574   1.00 39.44 ? 266  ARG   A O   1 
ATOM   6    C  CB  A ARG   A 1 4   ? 14.306  -15.969 0.012   0.50 37.75 ? 266  ARG   A CB  1 
ATOM   7    C  CB  B ARG   A 1 4   ? 14.451  -16.078 -0.229  0.50 37.50 ? 266  ARG   A CB  1 
ATOM   8    C  CG  A ARG   A 1 4   ? 13.907  -17.378 -0.398  0.50 40.25 ? 266  ARG   A CG  1 
ATOM   9    C  CG  B ARG   A 1 4   ? 14.305  -16.887 -1.510  0.50 39.74 ? 266  ARG   A CG  1 
ATOM   10   C  CD  A ARG   A 1 4   ? 14.589  -17.862 -1.667  0.50 40.05 ? 266  ARG   A CD  1 
ATOM   11   C  CD  B ARG   A 1 4   ? 12.851  -16.843 -1.906  0.50 38.94 ? 266  ARG   A CD  1 
ATOM   12   N  NE  A ARG   A 1 4   ? 13.943  -17.399 -2.885  0.50 38.69 ? 266  ARG   A NE  1 
ATOM   13   N  NE  B ARG   A 1 4   ? 12.131  -16.561 -0.673  0.50 42.10 ? 266  ARG   A NE  1 
ATOM   14   C  CZ  A ARG   A 1 4   ? 12.719  -17.744 -3.265  0.50 39.03 ? 266  ARG   A CZ  1 
ATOM   15   C  CZ  B ARG   A 1 4   ? 11.050  -17.206 -0.275  0.50 41.06 ? 266  ARG   A CZ  1 
ATOM   16   N  NH1 A ARG   A 1 4   ? 11.986  -18.537 -2.502  0.50 39.61 ? 266  ARG   A NH1 1 
ATOM   17   N  NH1 B ARG   A 1 4   ? 10.524  -18.159 -1.024  0.50 45.37 ? 266  ARG   A NH1 1 
ATOM   18   N  NH2 A ARG   A 1 4   ? 12.226  -17.283 -4.398  0.50 37.79 ? 266  ARG   A NH2 1 
ATOM   19   N  NH2 B ARG   A 1 4   ? 10.494  -16.897 0.874   0.50 42.25 ? 266  ARG   A NH2 1 
ATOM   20   N  N   . HIS   A 1 5   ? 16.403  -13.562 -0.717  1.00 36.22 ? 267  HIS   A N   1 
ATOM   21   C  CA  . HIS   A 1 5   ? 16.948  -12.185 -0.731  1.00 31.91 ? 267  HIS   A CA  1 
ATOM   22   C  C   . HIS   A 1 5   ? 15.916  -11.172 -1.185  1.00 30.66 ? 267  HIS   A C   1 
ATOM   23   O  O   . HIS   A 1 5   ? 14.975  -11.544 -1.903  1.00 31.92 ? 267  HIS   A O   1 
ATOM   24   C  CB  . HIS   A 1 5   ? 18.155  -12.112 -1.657  1.00 32.18 ? 267  HIS   A CB  1 
ATOM   25   C  CG  . HIS   A 1 5   ? 19.292  -12.851 -1.075  1.00 31.35 ? 267  HIS   A CG  1 
ATOM   26   N  ND1 . HIS   A 1 5   ? 19.912  -12.404 0.075   1.00 30.26 ? 267  HIS   A ND1 1 
ATOM   27   C  CD2 . HIS   A 1 5   ? 19.884  -14.009 -1.432  1.00 32.65 ? 267  HIS   A CD2 1 
ATOM   28   C  CE1 . HIS   A 1 5   ? 20.848  -13.267 0.394   1.00 33.52 ? 267  HIS   A CE1 1 
ATOM   29   N  NE2 . HIS   A 1 5   ? 20.856  -14.248 -0.512  1.00 29.93 ? 267  HIS   A NE2 1 
ATOM   30   N  N   . CYS   A 1 6   ? 16.147  -9.936  -0.758  1.00 28.75 ? 268  CYS   A N   1 
ATOM   31   C  CA  . CYS   A 1 6   ? 15.404  -8.724  -1.167  1.00 28.27 ? 268  CYS   A CA  1 
ATOM   32   C  C   . CYS   A 1 6   ? 16.447  -7.727  -1.659  1.00 28.35 ? 268  CYS   A C   1 
ATOM   33   O  O   . CYS   A 1 6   ? 17.630  -7.865  -1.356  1.00 27.24 ? 268  CYS   A O   1 
ATOM   34   C  CB  . CYS   A 1 6   ? 14.588  -8.172  -0.001  1.00 30.66 ? 268  CYS   A CB  1 
ATOM   35   S  SG  . CYS   A 1 6   ? 13.123  -9.169  0.382   1.00 29.50 ? 268  CYS   A SG  1 
ATOM   36   N  N   . PRO   A 1 7   ? 16.083  -6.709  -2.453  1.00 29.60 ? 269  PRO   A N   1 
ATOM   37   C  CA  . PRO   A 1 7   ? 17.043  -5.659  -2.749  1.00 27.93 ? 269  PRO   A CA  1 
ATOM   38   C  C   . PRO   A 1 7   ? 17.449  -4.905  -1.476  1.00 31.79 ? 269  PRO   A C   1 
ATOM   39   O  O   . PRO   A 1 7   ? 16.732  -4.916  -0.490  1.00 27.89 ? 269  PRO   A O   1 
ATOM   40   C  CB  . PRO   A 1 7   ? 16.297  -4.760  -3.743  1.00 30.63 ? 269  PRO   A CB  1 
ATOM   41   C  CG  . PRO   A 1 7   ? 15.194  -5.640  -4.297  1.00 29.97 ? 269  PRO   A CG  1 
ATOM   42   C  CD  . PRO   A 1 7   ? 14.791  -6.508  -3.125  1.00 28.73 ? 269  PRO   A CD  1 
ATOM   43   N  N   . LYS   A 1 8   ? 18.599  -4.232  -1.551  1.00 33.56 ? 270  LYS   A N   1 
ATOM   44   C  CA  . LYS   A 1 8   ? 19.071  -3.303  -0.497  1.00 38.79 ? 270  LYS   A CA  1 
ATOM   45   C  C   . LYS   A 1 8   ? 17.946  -2.331  -0.136  1.00 36.43 ? 270  LYS   A C   1 
ATOM   46   O  O   . LYS   A 1 8   ? 17.355  -1.756  -1.065  1.00 38.29 ? 270  LYS   A O   1 
ATOM   47   C  CB  . LYS   A 1 8   ? 20.284  -2.519  -1.003  1.00 41.09 ? 270  LYS   A CB  1 
ATOM   48   C  CG  . LYS   A 1 8   ? 20.930  -1.616  0.035   1.00 50.32 ? 270  LYS   A CG  1 
ATOM   49   C  CD  . LYS   A 1 8   ? 22.140  -0.881  -0.502  1.00 57.12 ? 270  LYS   A CD  1 
ATOM   50   C  CE  . LYS   A 1 8   ? 22.697  0.140   0.472   1.00 63.62 ? 270  LYS   A CE  1 
ATOM   51   N  NZ  . LYS   A 1 8   ? 21.703  1.186   0.828   1.00 67.07 ? 270  LYS   A NZ  1 
ATOM   52   N  N   . ASP   A 1 9   ? 17.669  -2.179  1.159   1.00 37.45 ? 271  ASP   A N   1 
ATOM   53   C  CA  . ASP   A 1 9   ? 16.665  -1.232  1.720   1.00 40.36 ? 271  ASP   A CA  1 
ATOM   54   C  C   . ASP   A 1 9   ? 15.238  -1.673  1.345   1.00 36.13 ? 271  ASP   A C   1 
ATOM   55   O  O   . ASP   A 1 9   ? 14.314  -0.810  1.407   1.00 39.52 ? 271  ASP   A O   1 
ATOM   56   C  CB  . ASP   A 1 9   ? 16.939  0.216   1.279   1.00 44.20 ? 271  ASP   A CB  1 
ATOM   57   C  CG  . ASP   A 1 9   ? 18.331  0.721   1.625   1.00 46.46 ? 271  ASP   A CG  1 
ATOM   58   O  OD1 . ASP   A 1 9   ? 18.814  0.406   2.733   1.00 52.12 ? 271  ASP   A OD1 1 
ATOM   59   O  OD2 . ASP   A 1 9   ? 18.931  1.398   0.776   1.00 46.42 ? 271  ASP   A OD2 1 
ATOM   60   N  N   . TRP   A 1 10  ? 15.045  -2.947  0.979   1.00 28.65 ? 272  TRP   A N   1 
ATOM   61   C  CA  . TRP   A 1 10  ? 13.709  -3.600  1.016   1.00 26.42 ? 272  TRP   A CA  1 
ATOM   62   C  C   . TRP   A 1 10  ? 13.599  -4.512  2.249   1.00 28.59 ? 272  TRP   A C   1 
ATOM   63   O  O   . TRP   A 1 10  ? 14.624  -4.977  2.754   1.00 30.73 ? 272  TRP   A O   1 
ATOM   64   C  CB  . TRP   A 1 10  ? 13.420  -4.377  -0.264  1.00 26.50 ? 272  TRP   A CB  1 
ATOM   65   C  CG  . TRP   A 1 10  ? 13.319  -3.551  -1.506  1.00 26.64 ? 272  TRP   A CG  1 
ATOM   66   C  CD1 . TRP   A 1 10  ? 14.251  -2.686  -2.006  1.00 27.89 ? 272  TRP   A CD1 1 
ATOM   67   C  CD2 . TRP   A 1 10  ? 12.257  -3.592  -2.468  1.00 23.93 ? 272  TRP   A CD2 1 
ATOM   68   N  NE1 . TRP   A 1 10  ? 13.831  -2.173  -3.203  1.00 26.32 ? 272  TRP   A NE1 1 
ATOM   69   C  CE2 . TRP   A 1 10  ? 12.599  -2.690  -3.499  1.00 26.63 ? 272  TRP   A CE2 1 
ATOM   70   C  CE3 . TRP   A 1 10  ? 11.033  -4.266  -2.535  1.00 23.62 ? 272  TRP   A CE3 1 
ATOM   71   C  CZ2 . TRP   A 1 10  ? 11.771  -2.476  -4.600  1.00 22.30 ? 272  TRP   A CZ2 1 
ATOM   72   C  CZ3 . TRP   A 1 10  ? 10.209  -4.030  -3.609  1.00 23.60 ? 272  TRP   A CZ3 1 
ATOM   73   C  CH2 . TRP   A 1 10  ? 10.576  -3.153  -4.626  1.00 22.46 ? 272  TRP   A CH2 1 
ATOM   74   N  N   . THR   A 1 11  ? 12.377  -4.762  2.707   1.00 27.26 ? 273  THR   A N   1 
ATOM   75   C  CA  . THR   A 1 11  ? 12.118  -5.569  3.920   1.00 27.94 ? 273  THR   A CA  1 
ATOM   76   C  C   . THR   A 1 11  ? 11.495  -6.902  3.504   1.00 29.08 ? 273  THR   A C   1 
ATOM   77   O  O   . THR   A 1 11  ? 10.513  -6.874  2.721   1.00 27.75 ? 273  THR   A O   1 
ATOM   78   C  CB  . THR   A 1 11  ? 11.236  -4.768  4.881   1.00 28.60 ? 273  THR   A CB  1 
ATOM   79   O  OG1 . THR   A 1 11  ? 11.995  -3.617  5.250   1.00 30.46 ? 273  THR   A OG1 1 
ATOM   80   C  CG2 . THR   A 1 11  ? 10.831  -5.550  6.106   1.00 28.58 ? 273  THR   A CG2 1 
ATOM   81   N  N   . PHE   A 1 12  ? 12.038  -8.013  4.025   1.00 26.74 ? 274  PHE   A N   1 
ATOM   82   C  CA  . PHE   A 1 12  ? 11.528  -9.389  3.794   1.00 26.24 ? 274  PHE   A CA  1 
ATOM   83   C  C   . PHE   A 1 12  ? 10.368  -9.667  4.759   1.00 25.70 ? 274  PHE   A C   1 
ATOM   84   O  O   . PHE   A 1 12  ? 10.477  -9.390  5.962   1.00 24.97 ? 274  PHE   A O   1 
ATOM   85   C  CB  . PHE   A 1 12  ? 12.653  -10.409 3.959   1.00 28.30 ? 274  PHE   A CB  1 
ATOM   86   C  CG  . PHE   A 1 12  ? 12.281  -11.831 3.610   1.00 27.37 ? 274  PHE   A CG  1 
ATOM   87   C  CD1 . PHE   A 1 12  ? 11.610  -12.636 4.519   1.00 27.64 ? 274  PHE   A CD1 1 
ATOM   88   C  CD2 . PHE   A 1 12  ? 12.650  -12.378 2.392   1.00 27.05 ? 274  PHE   A CD2 1 
ATOM   89   C  CE1 . PHE   A 1 12  ? 11.279  -13.942 4.187   1.00 27.15 ? 274  PHE   A CE1 1 
ATOM   90   C  CE2 . PHE   A 1 12  ? 12.323  -13.686 2.069   1.00 27.79 ? 274  PHE   A CE2 1 
ATOM   91   C  CZ  . PHE   A 1 12  ? 11.632  -14.460 2.970   1.00 28.05 ? 274  PHE   A CZ  1 
ATOM   92   N  N   . PHE   A 1 13  ? 9.270   -10.202 4.228   1.00 26.60 ? 275  PHE   A N   1 
ATOM   93   C  CA  . PHE   A 1 13  ? 8.141   -10.728 5.033   1.00 28.03 ? 275  PHE   A CA  1 
ATOM   94   C  C   . PHE   A 1 13  ? 7.464   -11.846 4.240   1.00 27.70 ? 275  PHE   A C   1 
ATOM   95   O  O   . PHE   A 1 13  ? 6.880   -11.556 3.177   1.00 25.45 ? 275  PHE   A O   1 
ATOM   96   C  CB  . PHE   A 1 13  ? 7.177   -9.615  5.465   1.00 29.16 ? 275  PHE   A CB  1 
ATOM   97   C  CG  . PHE   A 1 13  ? 6.025   -10.147 6.272   1.00 29.11 ? 275  PHE   A CG  1 
ATOM   98   C  CD1 . PHE   A 1 13  ? 6.212   -10.538 7.586   1.00 31.51 ? 275  PHE   A CD1 1 
ATOM   99   C  CD2 . PHE   A 1 13  ? 4.788   -10.375 5.689   1.00 29.83 ? 275  PHE   A CD2 1 
ATOM   100  C  CE1 . PHE   A 1 13  ? 5.174   -11.104 8.313   1.00 30.12 ? 275  PHE   A CE1 1 
ATOM   101  C  CE2 . PHE   A 1 13  ? 3.754   -10.935 6.421   1.00 32.13 ? 275  PHE   A CE2 1 
ATOM   102  C  CZ  . PHE   A 1 13  ? 3.952   -11.307 7.730   1.00 28.92 ? 275  PHE   A CZ  1 
ATOM   103  N  N   . GLN   A 1 14  ? 7.643   -13.095 4.696   1.00 27.66 ? 276  GLN   A N   1 
ATOM   104  C  CA  . GLN   A 1 14  ? 6.873   -14.281 4.240   1.00 27.14 ? 276  GLN   A CA  1 
ATOM   105  C  C   . GLN   A 1 14  ? 6.958   -14.380 2.715   1.00 25.18 ? 276  GLN   A C   1 
ATOM   106  O  O   . GLN   A 1 14  ? 5.930   -14.556 2.053   1.00 26.00 ? 276  GLN   A O   1 
ATOM   107  C  CB  . GLN   A 1 14  ? 5.443   -14.212 4.798   1.00 30.44 ? 276  GLN   A CB  1 
ATOM   108  C  CG  . GLN   A 1 14  ? 5.372   -14.361 6.320   1.00 32.74 ? 276  GLN   A CG  1 
ATOM   109  C  CD  . GLN   A 1 14  ? 3.970   -14.564 6.844   1.00 39.02 ? 276  GLN   A CD  1 
ATOM   110  O  OE1 . GLN   A 1 14  ? 3.015   -14.674 6.082   1.00 41.66 ? 276  GLN   A OE1 1 
ATOM   111  N  NE2 . GLN   A 1 14  ? 3.830   -14.609 8.159   1.00 37.78 ? 276  GLN   A NE2 1 
ATOM   112  N  N   . GLY   A 1 15  ? 8.176   -14.316 2.183   1.00 25.04 ? 277  GLY   A N   1 
ATOM   113  C  CA  . GLY   A 1 15  ? 8.475   -14.693 0.796   1.00 23.92 ? 277  GLY   A CA  1 
ATOM   114  C  C   . GLY   A 1 15  ? 8.367   -13.511 -0.147  1.00 22.78 ? 277  GLY   A C   1 
ATOM   115  O  O   . GLY   A 1 15  ? 8.626   -13.695 -1.327  1.00 21.97 ? 277  GLY   A O   1 
ATOM   116  N  N   . ASN   A 1 16  ? 8.019   -12.340 0.373   1.00 23.69 ? 278  ASN   A N   1 
ATOM   117  C  CA  . ASN   A 1 16  ? 7.899   -11.104 -0.441  1.00 23.46 ? 278  ASN   A CA  1 
ATOM   118  C  C   . ASN   A 1 16  ? 8.816   -10.020 0.116   1.00 23.17 ? 278  ASN   A C   1 
ATOM   119  O  O   . ASN   A 1 16  ? 9.195   -10.081 1.294   1.00 21.75 ? 278  ASN   A O   1 
ATOM   120  C  CB  . ASN   A 1 16  ? 6.449   -10.658 -0.545  1.00 25.50 ? 278  ASN   A CB  1 
ATOM   121  C  CG  . ASN   A 1 16  ? 5.638   -11.630 -1.370  1.00 27.50 ? 278  ASN   A CG  1 
ATOM   122  O  OD1 . ASN   A 1 16  ? 5.865   -11.779 -2.573  1.00 27.33 ? 278  ASN   A OD1 1 
ATOM   123  N  ND2 . ASN   A 1 16  ? 4.731   -12.340 -0.724  1.00 29.00 ? 278  ASN   A ND2 1 
ATOM   124  N  N   . CYS   A 1 17  ? 9.137   -9.051  -0.743  1.00 23.48 ? 279  CYS   A N   1 
ATOM   125  C  CA  . CYS   A 1 17  ? 9.998   -7.884  -0.429  1.00 22.92 ? 279  CYS   A CA  1 
ATOM   126  C  C   . CYS   A 1 17  ? 9.157   -6.611  -0.515  1.00 21.84 ? 279  CYS   A C   1 
ATOM   127  O  O   . CYS   A 1 17  ? 8.358   -6.480  -1.463  1.00 21.65 ? 279  CYS   A O   1 
ATOM   128  C  CB  . CYS   A 1 17  ? 11.190  -7.795  -1.377  1.00 25.07 ? 279  CYS   A CB  1 
ATOM   129  S  SG  . CYS   A 1 17  ? 12.165  -9.322  -1.445  1.00 27.50 ? 279  CYS   A SG  1 
ATOM   130  N  N   . TYR   A 1 18  ? 9.351   -5.712  0.439   1.00 21.77 ? 280  TYR   A N   1 
ATOM   131  C  CA  . TYR   A 1 18  ? 8.533   -4.492  0.625   1.00 23.66 ? 280  TYR   A CA  1 
ATOM   132  C  C   . TYR   A 1 18  ? 9.449   -3.263  0.605   1.00 25.95 ? 280  TYR   A C   1 
ATOM   133  O  O   . TYR   A 1 18  ? 10.450  -3.229  1.351   1.00 24.32 ? 280  TYR   A O   1 
ATOM   134  C  CB  . TYR   A 1 18  ? 7.710   -4.634  1.902   1.00 23.73 ? 280  TYR   A CB  1 
ATOM   135  C  CG  . TYR   A 1 18  ? 6.712   -5.752  1.881   1.00 24.33 ? 280  TYR   A CG  1 
ATOM   136  C  CD1 . TYR   A 1 18  ? 7.100   -7.052  2.187   1.00 24.56 ? 280  TYR   A CD1 1 
ATOM   137  C  CD2 . TYR   A 1 18  ? 5.382   -5.534  1.549   1.00 23.78 ? 280  TYR   A CD2 1 
ATOM   138  C  CE1 . TYR   A 1 18  ? 6.191   -8.099  2.161   1.00 22.97 ? 280  TYR   A CE1 1 
ATOM   139  C  CE2 . TYR   A 1 18  ? 4.452   -6.569  1.563   1.00 25.36 ? 280  TYR   A CE2 1 
ATOM   140  C  CZ  . TYR   A 1 18  ? 4.863   -7.859  1.865   1.00 24.02 ? 280  TYR   A CZ  1 
ATOM   141  O  OH  . TYR   A 1 18  ? 3.999   -8.908  1.829   1.00 23.30 ? 280  TYR   A OH  1 
ATOM   142  N  N   . PHE   A 1 19  ? 9.132   -2.279  -0.237  1.00 24.96 ? 281  PHE   A N   1 
ATOM   143  C  CA  . PHE   A 1 19  ? 9.930   -1.037  -0.357  1.00 25.07 ? 281  PHE   A CA  1 
ATOM   144  C  C   . PHE   A 1 19  ? 9.147   0.081   0.305   1.00 26.92 ? 281  PHE   A C   1 
ATOM   145  O  O   . PHE   A 1 19  ? 8.060   0.328   -0.199  1.00 22.69 ? 281  PHE   A O   1 
ATOM   146  C  CB  . PHE   A 1 19  ? 10.184  -0.686  -1.820  1.00 25.84 ? 281  PHE   A CB  1 
ATOM   147  C  CG  . PHE   A 1 19  ? 10.953  0.596   -2.025  1.00 24.85 ? 281  PHE   A CG  1 
ATOM   148  C  CD1 . PHE   A 1 19  ? 12.293  0.675   -1.673  1.00 26.82 ? 281  PHE   A CD1 1 
ATOM   149  C  CD2 . PHE   A 1 19  ? 10.349  1.702   -2.592  1.00 25.42 ? 281  PHE   A CD2 1 
ATOM   150  C  CE1 . PHE   A 1 19  ? 13.013  1.840   -1.878  1.00 26.48 ? 281  PHE   A CE1 1 
ATOM   151  C  CE2 . PHE   A 1 19  ? 11.067  2.869   -2.776  1.00 25.19 ? 281  PHE   A CE2 1 
ATOM   152  C  CZ  . PHE   A 1 19  ? 12.390  2.943   -2.401  1.00 25.46 ? 281  PHE   A CZ  1 
ATOM   153  N  N   . MET   A 1 20  ? 9.654   0.674   1.397   1.00 24.96 ? 282  MET   A N   1 
ATOM   154  C  CA  . MET   A 1 20  ? 9.044   1.880   2.012   1.00 29.04 ? 282  MET   A CA  1 
ATOM   155  C  C   . MET   A 1 20  ? 9.727   3.069   1.350   1.00 28.66 ? 282  MET   A C   1 
ATOM   156  O  O   . MET   A 1 20  ? 10.940  3.175   1.512   1.00 28.11 ? 282  MET   A O   1 
ATOM   157  C  CB  . MET   A 1 20  ? 9.288   2.000   3.524   1.00 35.27 ? 282  MET   A CB  1 
ATOM   158  C  CG  . MET   A 1 20  ? 9.137   0.737   4.335   1.00 41.75 ? 282  MET   A CG  1 
ATOM   159  S  SD  . MET   A 1 20  ? 7.583   -0.156  4.097   1.00 49.82 ? 282  MET   A SD  1 
ATOM   160  C  CE  . MET   A 1 20  ? 8.246   -1.657  3.391   1.00 49.16 ? 282  MET   A CE  1 
ATOM   161  N  N   . SER   A 1 21  ? 9.003   3.893   0.602   1.00 25.19 ? 283  SER   A N   1 
ATOM   162  C  CA  . SER   A 1 21  ? 9.613   5.004   -0.180  1.00 25.31 ? 283  SER   A CA  1 
ATOM   163  C  C   . SER   A 1 21  ? 10.315  5.989   0.765   1.00 26.54 ? 283  SER   A C   1 
ATOM   164  O  O   . SER   A 1 21  ? 9.913   6.094   1.962   1.00 24.80 ? 283  SER   A O   1 
ATOM   165  C  CB  . SER   A 1 21  ? 8.622   5.698   -1.052  1.00 25.96 ? 283  SER   A CB  1 
ATOM   166  O  OG  . SER   A 1 21  ? 7.645   6.384   -0.294  1.00 24.00 ? 283  SER   A OG  1 
ATOM   167  N  N   . ASN   A 1 22  ? 11.335  6.650   0.228   1.00 28.99 ? 284  ASN   A N   1 
ATOM   168  C  CA  A ASN   A 1 22  ? 12.060  7.765   0.892   0.50 31.93 ? 284  ASN   A CA  1 
ATOM   169  C  CA  B ASN   A 1 22  ? 12.046  7.765   0.906   0.50 31.60 ? 284  ASN   A CA  1 
ATOM   170  C  C   . ASN   A 1 22  ? 11.487  9.096   0.404   1.00 31.89 ? 284  ASN   A C   1 
ATOM   171  O  O   . ASN   A 1 22  ? 11.868  10.133  0.955   1.00 36.97 ? 284  ASN   A O   1 
ATOM   172  C  CB  A ASN   A 1 22  ? 13.563  7.721   0.613   0.50 33.72 ? 284  ASN   A CB  1 
ATOM   173  C  CB  B ASN   A 1 22  ? 13.555  7.686   0.683   0.50 33.00 ? 284  ASN   A CB  1 
ATOM   174  C  CG  A ASN   A 1 22  ? 14.363  8.459   1.665   0.50 35.25 ? 284  ASN   A CG  1 
ATOM   175  C  CG  B ASN   A 1 22  ? 14.186  6.557   1.469   0.50 33.56 ? 284  ASN   A CG  1 
ATOM   176  O  OD1 A ASN   A 1 22  ? 14.092  8.329   2.856   0.50 36.93 ? 284  ASN   A OD1 1 
ATOM   177  O  OD1 B ASN   A 1 22  ? 13.809  6.302   2.610   0.50 36.79 ? 284  ASN   A OD1 1 
ATOM   178  N  ND2 A ASN   A 1 22  ? 15.335  9.251   1.236   0.50 36.89 ? 284  ASN   A ND2 1 
ATOM   179  N  ND2 B ASN   A 1 22  ? 15.146  5.879   0.868   0.50 34.66 ? 284  ASN   A ND2 1 
ATOM   180  N  N   . SER   A 1 23  ? 10.629  9.052   -0.608  1.00 29.01 ? 285  SER   A N   1 
ATOM   181  C  CA  A SER   A 1 23  ? 10.048  10.279  -1.216  0.50 27.48 ? 285  SER   A CA  1 
ATOM   182  C  CA  B SER   A 1 23  ? 10.054  10.260  -1.260  0.50 28.26 ? 285  SER   A CA  1 
ATOM   183  C  C   . SER   A 1 23  ? 8.525   10.150  -1.278  1.00 27.15 ? 285  SER   A C   1 
ATOM   184  O  O   . SER   A 1 23  ? 8.008   9.040   -1.033  1.00 25.97 ? 285  SER   A O   1 
ATOM   185  C  CB  A SER   A 1 23  ? 10.659  10.569  -2.564  0.50 27.67 ? 285  SER   A CB  1 
ATOM   186  C  CB  B SER   A 1 23  ? 10.623  10.437  -2.653  0.50 29.11 ? 285  SER   A CB  1 
ATOM   187  O  OG  A SER   A 1 23  ? 10.247  9.621   -3.529  0.50 25.40 ? 285  SER   A OG  1 
ATOM   188  O  OG  B SER   A 1 23  ? 10.165  11.643  -3.254  0.50 29.37 ? 285  SER   A OG  1 
ATOM   189  N  N   . GLN   A 1 24  ? 7.844   11.255  -1.562  1.00 24.15 ? 286  GLN   A N   1 
ATOM   190  C  CA  . GLN   A 1 24  ? 6.362   11.303  -1.571  1.00 24.33 ? 286  GLN   A CA  1 
ATOM   191  C  C   . GLN   A 1 24  ? 5.908   11.595  -2.994  1.00 23.80 ? 286  GLN   A C   1 
ATOM   192  O  O   . GLN   A 1 24  ? 6.519   12.463  -3.643  1.00 23.07 ? 286  GLN   A O   1 
ATOM   193  C  CB  . GLN   A 1 24  ? 5.881   12.286  -0.508  1.00 24.55 ? 286  GLN   A CB  1 
ATOM   194  C  CG  . GLN   A 1 24  ? 6.508   11.956  0.826   1.00 26.02 ? 286  GLN   A CG  1 
ATOM   195  C  CD  . GLN   A 1 24  ? 6.132   12.942  1.897   1.00 32.72 ? 286  GLN   A CD  1 
ATOM   196  O  OE1 . GLN   A 1 24  ? 6.980   13.683  2.392   1.00 37.21 ? 286  GLN   A OE1 1 
ATOM   197  N  NE2 . GLN   A 1 24  ? 4.869   12.921  2.283   1.00 29.36 ? 286  GLN   A NE2 1 
ATOM   198  N  N   . ARG   A 1 25  ? 4.898   10.864  -3.451  1.00 21.79 ? 287  ARG   A N   1 
ATOM   199  C  CA  . ARG   A 1 25  ? 4.338   11.018  -4.814  1.00 24.15 ? 287  ARG   A CA  1 
ATOM   200  C  C   . ARG   A 1 25  ? 2.838   10.779  -4.758  1.00 22.26 ? 287  ARG   A C   1 
ATOM   201  O  O   . ARG   A 1 25  ? 2.335   10.208  -3.776  1.00 19.91 ? 287  ARG   A O   1 
ATOM   202  C  CB  . ARG   A 1 25  ? 4.974   10.033  -5.801  1.00 25.73 ? 287  ARG   A CB  1 
ATOM   203  C  CG  . ARG   A 1 25  ? 6.425   10.366  -6.084  1.00 31.87 ? 287  ARG   A CG  1 
ATOM   204  C  CD  . ARG   A 1 25  ? 7.017   9.549   -7.204  1.00 36.71 ? 287  ARG   A CD  1 
ATOM   205  N  NE  . ARG   A 1 25  ? 8.459   9.726   -7.144  1.00 40.54 ? 287  ARG   A NE  1 
ATOM   206  C  CZ  . ARG   A 1 25  ? 9.340   9.049   -7.869  1.00 46.09 ? 287  ARG   A CZ  1 
ATOM   207  N  NH1 . ARG   A 1 25  ? 8.930   8.170   -8.769  1.00 48.71 ? 287  ARG   A NH1 1 
ATOM   208  N  NH2 . ARG   A 1 25  ? 10.634  9.261   -7.692  1.00 49.31 ? 287  ARG   A NH2 1 
ATOM   209  N  N   . ASN   A 1 26  ? 2.143   11.158  -5.813  1.00 20.13 ? 288  ASN   A N   1 
ATOM   210  C  CA  . ASN   A 1 26  ? 0.678   10.935  -5.861  1.00 20.63 ? 288  ASN   A CA  1 
ATOM   211  C  C   . ASN   A 1 26  ? 0.428   9.447   -6.135  1.00 20.22 ? 288  ASN   A C   1 
ATOM   212  O  O   . ASN   A 1 26  ? 1.381   8.722   -6.401  1.00 19.56 ? 288  ASN   A O   1 
ATOM   213  C  CB  . ASN   A 1 26  ? 0.009   11.925  -6.805  1.00 22.28 ? 288  ASN   A CB  1 
ATOM   214  C  CG  . ASN   A 1 26  ? 0.232   11.658  -8.273  1.00 23.13 ? 288  ASN   A CG  1 
ATOM   215  O  OD1 . ASN   A 1 26  ? 0.378   10.514  -8.684  1.00 22.14 ? 288  ASN   A OD1 1 
ATOM   216  N  ND2 . ASN   A 1 26  ? 0.193   12.716  -9.076  1.00 22.73 ? 288  ASN   A ND2 1 
ATOM   217  N  N   . TRP   A 1 27  ? -0.817  9.000   -6.026  1.00 19.48 ? 289  TRP   A N   1 
ATOM   218  C  CA  . TRP   A 1 27  ? -1.103  7.548   -6.038  1.00 19.36 ? 289  TRP   A CA  1 
ATOM   219  C  C   . TRP   A 1 27  ? -0.721  6.959   -7.402  1.00 19.32 ? 289  TRP   A C   1 
ATOM   220  O  O   . TRP   A 1 27  ? -0.081  5.889   -7.417  1.00 19.38 ? 289  TRP   A O   1 
ATOM   221  C  CB  . TRP   A 1 27  ? -2.578  7.322   -5.717  1.00 19.97 ? 289  TRP   A CB  1 
ATOM   222  C  CG  . TRP   A 1 27  ? -2.948  5.889   -5.547  1.00 19.21 ? 289  TRP   A CG  1 
ATOM   223  C  CD1 . TRP   A 1 27  ? -2.860  5.147   -4.409  1.00 19.00 ? 289  TRP   A CD1 1 
ATOM   224  C  CD2 . TRP   A 1 27  ? -3.502  5.037   -6.554  1.00 19.69 ? 289  TRP   A CD2 1 
ATOM   225  N  NE1 . TRP   A 1 27  ? -3.311  3.884   -4.642  1.00 20.48 ? 289  TRP   A NE1 1 
ATOM   226  C  CE2 . TRP   A 1 27  ? -3.719  3.784   -5.949  1.00 19.77 ? 289  TRP   A CE2 1 
ATOM   227  C  CE3 . TRP   A 1 27  ? -3.849  5.211   -7.897  1.00 19.33 ? 289  TRP   A CE3 1 
ATOM   228  C  CZ2 . TRP   A 1 27  ? -4.278  2.711   -6.645  1.00 19.30 ? 289  TRP   A CZ2 1 
ATOM   229  C  CZ3 . TRP   A 1 27  ? -4.365  4.138   -8.592  1.00 19.25 ? 289  TRP   A CZ3 1 
ATOM   230  C  CH2 . TRP   A 1 27  ? -4.581  2.909   -7.967  1.00 19.89 ? 289  TRP   A CH2 1 
ATOM   231  N  N   . HIS   A 1 28  ? -1.082  7.645   -8.496  1.00 18.66 ? 290  HIS   A N   1 
ATOM   232  C  CA  . HIS   A 1 28  ? -0.872  7.127   -9.878  1.00 19.99 ? 290  HIS   A CA  1 
ATOM   233  C  C   . HIS   A 1 28  ? 0.630   7.035   -10.124 1.00 18.90 ? 290  HIS   A C   1 
ATOM   234  O  O   . HIS   A 1 28  ? 1.080   6.020   -10.694 1.00 18.02 ? 290  HIS   A O   1 
ATOM   235  C  CB  . HIS   A 1 28  ? -1.633  7.952   -10.922 1.00 20.52 ? 290  HIS   A CB  1 
ATOM   236  C  CG  . HIS   A 1 28  ? -3.107  7.835   -10.819 1.00 22.19 ? 290  HIS   A CG  1 
ATOM   237  N  ND1 . HIS   A 1 28  ? -3.794  6.730   -11.287 1.00 25.09 ? 290  HIS   A ND1 1 
ATOM   238  C  CD2 . HIS   A 1 28  ? -4.030  8.672   -10.297 1.00 25.31 ? 290  HIS   A CD2 1 
ATOM   239  C  CE1 . HIS   A 1 28  ? -5.083  6.916   -11.078 1.00 24.69 ? 290  HIS   A CE1 1 
ATOM   240  N  NE2 . HIS   A 1 28  ? -5.244  8.082   -10.450 1.00 26.33 ? 290  HIS   A NE2 1 
ATOM   241  N  N   . ASP   A 1 29  ? 1.380   8.041   -9.654  1.00 19.22 ? 291  ASP   A N   1 
ATOM   242  C  CA  . ASP   A 1 29  ? 2.851   8.090   -9.807  1.00 18.92 ? 291  ASP   A CA  1 
ATOM   243  C  C   . ASP   A 1 29  ? 3.466   7.000   -8.932  1.00 20.03 ? 291  ASP   A C   1 
ATOM   244  O  O   . ASP   A 1 29  ? 4.555   6.532   -9.289  1.00 17.80 ? 291  ASP   A O   1 
ATOM   245  C  CB  . ASP   A 1 29  ? 3.394   9.488   -9.509  1.00 22.17 ? 291  ASP   A CB  1 
ATOM   246  C  CG  . ASP   A 1 29  ? 3.063   10.509  -10.602 1.00 23.71 ? 291  ASP   A CG  1 
ATOM   247  O  OD1 . ASP   A 1 29  ? 2.435   10.115  -11.612 1.00 24.03 ? 291  ASP   A OD1 1 
ATOM   248  O  OD2 . ASP   A 1 29  ? 3.398   11.685  -10.412 1.00 23.97 ? 291  ASP   A OD2 1 
ATOM   249  N  N   . SER   A 1 30  ? 2.805   6.629   -7.821  1.00 18.82 ? 292  SER   A N   1 
ATOM   250  C  CA  . SER   A 1 30  ? 3.325   5.573   -6.910  1.00 19.32 ? 292  SER   A CA  1 
ATOM   251  C  C   . SER   A 1 30  ? 3.156   4.198   -7.577  1.00 19.71 ? 292  SER   A C   1 
ATOM   252  O  O   . SER   A 1 30  ? 4.084   3.344   -7.463  1.00 17.94 ? 292  SER   A O   1 
ATOM   253  C  CB  . SER   A 1 30  ? 2.687   5.650   -5.551  1.00 20.21 ? 292  SER   A CB  1 
ATOM   254  O  OG  . SER   A 1 30  ? 3.017   6.900   -4.945  1.00 19.73 ? 292  SER   A OG  1 
ATOM   255  N  N   . VAL   A 1 31  ? 2.040   4.009   -8.283  1.00 20.07 ? 293  VAL   A N   1 
ATOM   256  C  CA  . VAL   A 1 31  ? 1.785   2.792   -9.109  1.00 19.28 ? 293  VAL   A CA  1 
ATOM   257  C  C   . VAL   A 1 31  ? 2.964   2.651   -10.082 1.00 19.62 ? 293  VAL   A C   1 
ATOM   258  O  O   . VAL   A 1 31  ? 3.564   1.576   -10.157 1.00 20.15 ? 293  VAL   A O   1 
ATOM   259  C  CB  . VAL   A 1 31  ? 0.439   2.888   -9.857  1.00 18.30 ? 293  VAL   A CB  1 
ATOM   260  C  CG1 . VAL   A 1 31  ? 0.308   1.776   -10.887 1.00 18.53 ? 293  VAL   A CG1 1 
ATOM   261  C  CG2 . VAL   A 1 31  ? -0.759  2.902   -8.901  1.00 19.13 ? 293  VAL   A CG2 1 
ATOM   262  N  N   . THR   A 1 32  ? 3.291   3.721   -10.796 1.00 19.70 ? 294  THR   A N   1 
ATOM   263  C  CA  . THR   A 1 32  ? 4.339   3.705   -11.846 1.00 19.59 ? 294  THR   A CA  1 
ATOM   264  C  C   . THR   A 1 32  ? 5.694   3.441   -11.195 1.00 19.71 ? 294  THR   A C   1 
ATOM   265  O  O   . THR   A 1 32  ? 6.425   2.586   -11.696 1.00 18.90 ? 294  THR   A O   1 
ATOM   266  C  CB  . THR   A 1 32  ? 4.328   5.027   -12.622 1.00 20.15 ? 294  THR   A CB  1 
ATOM   267  O  OG1 . THR   A 1 32  ? 3.028   5.148   -13.186 1.00 22.03 ? 294  THR   A OG1 1 
ATOM   268  C  CG2 . THR   A 1 32  ? 5.393   5.081   -13.679 1.00 21.70 ? 294  THR   A CG2 1 
ATOM   269  N  N   . ALA   A 1 33  ? 5.992   4.144   -10.091 1.00 20.82 ? 295  ALA   A N   1 
ATOM   270  C  CA  . ALA   A 1 33  ? 7.262   4.016   -9.351  1.00 19.62 ? 295  ALA   A CA  1 
ATOM   271  C  C   . ALA   A 1 33  ? 7.477   2.542   -8.957  1.00 18.89 ? 295  ALA   A C   1 
ATOM   272  O  O   . ALA   A 1 33  ? 8.596   2.055   -9.105  1.00 21.12 ? 295  ALA   A O   1 
ATOM   273  C  CB  . ALA   A 1 33  ? 7.281   4.958   -8.158  1.00 19.78 ? 295  ALA   A CB  1 
ATOM   274  N  N   . CYS   A 1 34  ? 6.446   1.829   -8.495  1.00 17.53 ? 296  CYS   A N   1 
ATOM   275  C  CA  . CYS   A 1 34  ? 6.605   0.407   -8.085  1.00 19.43 ? 296  CYS   A CA  1 
ATOM   276  C  C   . CYS   A 1 34  ? 6.886   -0.434  -9.335  1.00 19.05 ? 296  CYS   A C   1 
ATOM   277  O  O   . CYS   A 1 34  ? 7.748   -1.298  -9.288  1.00 16.77 ? 296  CYS   A O   1 
ATOM   278  C  CB  . CYS   A 1 34  ? 5.372   -0.086  -7.329  1.00 20.26 ? 296  CYS   A CB  1 
ATOM   279  S  SG  . CYS   A 1 34  ? 5.224   0.709   -5.703  1.00 20.65 ? 296  CYS   A SG  1 
ATOM   280  N  N   . GLN   A 1 35  ? 6.210   -0.143  -10.441 1.00 20.14 ? 297  GLN   A N   1 
ATOM   281  C  CA  . GLN   A 1 35  ? 6.394   -0.902  -11.701 1.00 21.76 ? 297  GLN   A CA  1 
ATOM   282  C  C   . GLN   A 1 35  ? 7.841   -0.720  -12.192 1.00 21.60 ? 297  GLN   A C   1 
ATOM   283  O  O   . GLN   A 1 35  ? 8.432   -1.704  -12.681 1.00 21.20 ? 297  GLN   A O   1 
ATOM   284  C  CB  . GLN   A 1 35  ? 5.354   -0.460  -12.723 1.00 23.07 ? 297  GLN   A CB  1 
ATOM   285  C  CG  . GLN   A 1 35  ? 3.951   -0.951  -12.416 1.00 24.25 ? 297  GLN   A CG  1 
ATOM   286  C  CD  . GLN   A 1 35  ? 2.913   -0.180  -13.196 1.00 26.18 ? 297  GLN   A CD  1 
ATOM   287  O  OE1 . GLN   A 1 35  ? 3.172   0.890   -13.757 1.00 25.86 ? 297  GLN   A OE1 1 
ATOM   288  N  NE2 . GLN   A 1 35  ? 1.702   -0.703  -13.202 1.00 33.44 ? 297  GLN   A NE2 1 
ATOM   289  N  N   A GLU   A 1 36  ? 8.410   0.475   -12.015 0.50 21.86 ? 298  GLU   A N   1 
ATOM   290  N  N   B GLU   A 1 36  ? 8.417   0.477   -12.029 0.50 21.45 ? 298  GLU   A N   1 
ATOM   291  C  CA  A GLU   A 1 36  ? 9.791   0.793   -12.469 0.50 23.08 ? 298  GLU   A CA  1 
ATOM   292  C  CA  B GLU   A 1 36  ? 9.796   0.787   -12.508 0.50 22.35 ? 298  GLU   A CA  1 
ATOM   293  C  C   A GLU   A 1 36  ? 10.792  -0.149  -11.781 0.50 22.58 ? 298  GLU   A C   1 
ATOM   294  C  C   B GLU   A 1 36  ? 10.812  -0.106  -11.763 0.50 22.19 ? 298  GLU   A C   1 
ATOM   295  O  O   A GLU   A 1 36  ? 11.856  -0.419  -12.375 0.50 23.11 ? 298  GLU   A O   1 
ATOM   296  O  O   B GLU   A 1 36  ? 11.927  -0.286  -12.289 0.50 22.58 ? 298  GLU   A O   1 
ATOM   297  C  CB  A GLU   A 1 36  ? 10.098  2.279   -12.250 0.50 24.75 ? 298  GLU   A CB  1 
ATOM   298  C  CB  B GLU   A 1 36  ? 10.123  2.287   -12.387 0.50 23.42 ? 298  GLU   A CB  1 
ATOM   299  C  CG  A GLU   A 1 36  ? 9.888   3.099   -13.512 0.50 26.53 ? 298  GLU   A CG  1 
ATOM   300  C  CG  B GLU   A 1 36  ? 9.287   3.212   -13.283 0.50 24.27 ? 298  GLU   A CG  1 
ATOM   301  C  CD  A GLU   A 1 36  ? 9.505   4.555   -13.340 0.50 27.58 ? 298  GLU   A CD  1 
ATOM   302  C  CD  B GLU   A 1 36  ? 9.682   3.345   -14.753 0.50 25.76 ? 298  GLU   A CD  1 
ATOM   303  O  OE1 A GLU   A 1 36  ? 10.068  5.226   -12.447 0.50 29.30 ? 298  GLU   A OE1 1 
ATOM   304  O  OE1 B GLU   A 1 36  ? 10.600  2.629   -15.200 0.50 24.71 ? 298  GLU   A OE1 1 
ATOM   305  O  OE2 A GLU   A 1 36  ? 8.638   5.017   -14.102 0.50 29.30 ? 298  GLU   A OE2 1 
ATOM   306  O  OE2 B GLU   A 1 36  ? 9.061   4.174   -15.463 0.50 27.39 ? 298  GLU   A OE2 1 
ATOM   307  N  N   . VAL   A 1 37  ? 10.463  -0.663  -10.596 1.00 21.45 ? 299  VAL   A N   1 
ATOM   308  C  CA  . VAL   A 1 37  ? 11.386  -1.544  -9.818  1.00 20.97 ? 299  VAL   A CA  1 
ATOM   309  C  C   . VAL   A 1 37  ? 10.822  -2.965  -9.767  1.00 20.19 ? 299  VAL   A C   1 
ATOM   310  O  O   . VAL   A 1 37  ? 11.091  -3.707  -8.787  1.00 19.02 ? 299  VAL   A O   1 
ATOM   311  C  CB  . VAL   A 1 37  ? 11.721  -0.935  -8.442  1.00 22.60 ? 299  VAL   A CB  1 
ATOM   312  C  CG1 . VAL   A 1 37  ? 12.622  0.270   -8.636  1.00 23.05 ? 299  VAL   A CG1 1 
ATOM   313  C  CG2 . VAL   A 1 37  ? 10.498  -0.548  -7.633  1.00 21.44 ? 299  VAL   A CG2 1 
ATOM   314  N  N   . ARG   A 1 38  ? 10.164  -3.375  -10.855 1.00 21.74 ? 300  ARG   A N   1 
ATOM   315  C  CA  . ARG   A 1 38  ? 9.662   -4.758  -11.063 1.00 20.95 ? 300  ARG   A CA  1 
ATOM   316  C  C   . ARG   A 1 38  ? 8.667   -5.154  -9.962  1.00 20.63 ? 300  ARG   A C   1 
ATOM   317  O  O   . ARG   A 1 38  ? 8.649   -6.345  -9.576  1.00 18.46 ? 300  ARG   A O   1 
ATOM   318  C  CB  . ARG   A 1 38  ? 10.829  -5.744  -11.071 1.00 21.06 ? 300  ARG   A CB  1 
ATOM   319  C  CG  . ARG   A 1 38  ? 10.582  -6.967  -11.946 1.00 22.41 ? 300  ARG   A CG  1 
ATOM   320  C  CD  . ARG   A 1 38  ? 11.592  -8.062  -11.643 1.00 22.20 ? 300  ARG   A CD  1 
ATOM   321  N  NE  . ARG   A 1 38  ? 12.991  -7.660  -11.702 1.00 22.30 ? 300  ARG   A NE  1 
ATOM   322  C  CZ  . ARG   A 1 38  ? 13.708  -7.574  -12.832 1.00 23.17 ? 300  ARG   A CZ  1 
ATOM   323  N  NH1 . ARG   A 1 38  ? 13.164  -7.828  -14.009 1.00 21.27 ? 300  ARG   A NH1 1 
ATOM   324  N  NH2 . ARG   A 1 38  ? 14.986  -7.266  -12.778 1.00 23.50 ? 300  ARG   A NH2 1 
ATOM   325  N  N   . ALA   A 1 39  ? 7.897   -4.198  -9.450  1.00 19.28 ? 301  ALA   A N   1 
ATOM   326  C  CA  . ALA   A 1 39  ? 7.055   -4.412  -8.256  1.00 21.00 ? 301  ALA   A CA  1 
ATOM   327  C  C   . ALA   A 1 39  ? 5.657   -3.828  -8.481  1.00 22.40 ? 301  ALA   A C   1 
ATOM   328  O  O   . ALA   A 1 39  ? 5.346   -3.341  -9.589  1.00 20.32 ? 301  ALA   A O   1 
ATOM   329  C  CB  . ALA   A 1 39  ? 7.730   -3.829  -7.029  1.00 21.59 ? 301  ALA   A CB  1 
ATOM   330  N  N   . GLN   A 1 40  ? 4.853   -3.835  -7.423  1.00 22.62 ? 302  GLN   A N   1 
ATOM   331  C  CA  . GLN   A 1 40  ? 3.447   -3.414  -7.485  1.00 21.56 ? 302  GLN   A CA  1 
ATOM   332  C  C   . GLN   A 1 40  ? 3.094   -2.647  -6.218  1.00 20.92 ? 302  GLN   A C   1 
ATOM   333  O  O   . GLN   A 1 40  ? 3.475   -3.103  -5.100  1.00 20.58 ? 302  GLN   A O   1 
ATOM   334  C  CB  . GLN   A 1 40  ? 2.573   -4.649  -7.653  1.00 21.87 ? 302  GLN   A CB  1 
ATOM   335  C  CG  . GLN   A 1 40  ? 1.103   -4.290  -7.732  1.00 22.22 ? 302  GLN   A CG  1 
ATOM   336  C  CD  . GLN   A 1 40  ? 0.285   -5.487  -8.143  1.00 24.34 ? 302  GLN   A CD  1 
ATOM   337  O  OE1 . GLN   A 1 40  ? 0.206   -6.479  -7.419  1.00 25.25 ? 302  GLN   A OE1 1 
ATOM   338  N  NE2 . GLN   A 1 40  ? -0.312  -5.396  -9.318  1.00 25.86 ? 302  GLN   A NE2 1 
ATOM   339  N  N   . LEU   A 1 41  ? 2.416   -1.515  -6.371  1.00 21.18 ? 303  LEU   A N   1 
ATOM   340  C  CA  . LEU   A 1 41  ? 1.883   -0.750  -5.205  1.00 20.05 ? 303  LEU   A CA  1 
ATOM   341  C  C   . LEU   A 1 41  ? 1.092   -1.762  -4.369  1.00 20.11 ? 303  LEU   A C   1 
ATOM   342  O  O   . LEU   A 1 41  ? 0.253   -2.475  -4.925  1.00 20.82 ? 303  LEU   A O   1 
ATOM   343  C  CB  . LEU   A 1 41  ? 1.002   0.406   -5.680  1.00 20.23 ? 303  LEU   A CB  1 
ATOM   344  C  CG  . LEU   A 1 41  ? 0.601   1.416   -4.601  1.00 19.36 ? 303  LEU   A CG  1 
ATOM   345  C  CD1 . LEU   A 1 41  ? 1.827   1.981   -3.897  1.00 20.51 ? 303  LEU   A CD1 1 
ATOM   346  C  CD2 . LEU   A 1 41  ? -0.251  2.524   -5.222  1.00 19.84 ? 303  LEU   A CD2 1 
ATOM   347  N  N   . VAL   A 1 42  ? 1.423   -1.865  -3.094  1.00 20.48 ? 304  VAL   A N   1 
ATOM   348  C  CA  . VAL   A 1 42  ? 1.228   -3.106  -2.293  1.00 20.61 ? 304  VAL   A CA  1 
ATOM   349  C  C   . VAL   A 1 42  ? -0.238  -3.554  -2.350  1.00 20.11 ? 304  VAL   A C   1 
ATOM   350  O  O   . VAL   A 1 42  ? -1.169  -2.769  -2.010  1.00 20.22 ? 304  VAL   A O   1 
ATOM   351  C  CB  . VAL   A 1 42  ? 1.712   -2.930  -0.847  1.00 21.69 ? 304  VAL   A CB  1 
ATOM   352  C  CG1 . VAL   A 1 42  ? 0.973   -1.844  -0.090  1.00 20.13 ? 304  VAL   A CG1 1 
ATOM   353  C  CG2 . VAL   A 1 42  ? 1.620   -4.263  -0.117  1.00 21.30 ? 304  VAL   A CG2 1 
ATOM   354  N  N   . VAL   A 1 43  ? -0.428  -4.811  -2.716  1.00 19.97 ? 305  VAL   A N   1 
ATOM   355  C  CA  . VAL   A 1 43  ? -1.745  -5.491  -2.678  1.00 19.77 ? 305  VAL   A CA  1 
ATOM   356  C  C   . VAL   A 1 43  ? -1.680  -6.452  -1.494  1.00 22.46 ? 305  VAL   A C   1 
ATOM   357  O  O   . VAL   A 1 43  ? -0.753  -7.293  -1.455  1.00 21.75 ? 305  VAL   A O   1 
ATOM   358  C  CB  . VAL   A 1 43  ? -2.087  -6.188  -4.010  1.00 18.72 ? 305  VAL   A CB  1 
ATOM   359  C  CG1 . VAL   A 1 43  ? -3.409  -6.927  -3.947  1.00 19.86 ? 305  VAL   A CG1 1 
ATOM   360  C  CG2 . VAL   A 1 43  ? -2.095  -5.197  -5.165  1.00 18.45 ? 305  VAL   A CG2 1 
ATOM   361  N  N   . ILE   A 1 44  ? -2.564  -6.247  -0.517  1.00 23.61 ? 306  ILE   A N   1 
ATOM   362  C  CA  . ILE   A 1 44  ? -2.561  -7.030  0.747   1.00 22.89 ? 306  ILE   A CA  1 
ATOM   363  C  C   . ILE   A 1 44  ? -3.422  -8.275  0.515   1.00 23.12 ? 306  ILE   A C   1 
ATOM   364  O  O   . ILE   A 1 44  ? -4.547  -8.123  0.012   1.00 22.85 ? 306  ILE   A O   1 
ATOM   365  C  CB  . ILE   A 1 44  ? -3.044  -6.190  1.936   1.00 22.47 ? 306  ILE   A CB  1 
ATOM   366  C  CG1 . ILE   A 1 44  ? -2.288  -4.862  2.055   1.00 22.16 ? 306  ILE   A CG1 1 
ATOM   367  C  CG2 . ILE   A 1 44  ? -2.941  -7.001  3.210   1.00 23.57 ? 306  ILE   A CG2 1 
ATOM   368  C  CD1 . ILE   A 1 44  ? -2.910  -3.909  3.018   1.00 22.00 ? 306  ILE   A CD1 1 
ATOM   369  N  N   . LYS   A 1 45  ? -2.879  -9.450  0.832   1.00 24.86 ? 307  LYS   A N   1 
ATOM   370  C  CA  . LYS   A 1 45  ? -3.499  -10.760 0.506   1.00 25.96 ? 307  LYS   A CA  1 
ATOM   371  C  C   . LYS   A 1 45  ? -3.892  -11.497 1.792   1.00 28.33 ? 307  LYS   A C   1 
ATOM   372  O  O   . LYS   A 1 45  ? -4.816  -12.356 1.711   1.00 26.88 ? 307  LYS   A O   1 
ATOM   373  C  CB  . LYS   A 1 45  ? -2.536  -11.577 -0.369  1.00 27.67 ? 307  LYS   A CB  1 
ATOM   374  C  CG  . LYS   A 1 45  ? -2.274  -11.022 -1.762  1.00 29.82 ? 307  LYS   A CG  1 
ATOM   375  C  CD  . LYS   A 1 45  ? -3.516  -10.935 -2.606  1.00 31.14 ? 307  LYS   A CD  1 
ATOM   376  C  CE  . LYS   A 1 45  ? -3.254  -10.790 -4.084  1.00 31.34 ? 307  LYS   A CE  1 
ATOM   377  N  NZ  . LYS   A 1 45  ? -4.531  -10.762 -4.831  1.00 31.11 ? 307  LYS   A NZ  1 
ATOM   378  N  N   . THR   A 1 46  ? -3.229  -11.196 2.915   1.00 27.28 ? 308  THR   A N   1 
ATOM   379  C  CA  . THR   A 1 46  ? -3.469  -11.890 4.216   1.00 28.72 ? 308  THR   A CA  1 
ATOM   380  C  C   . THR   A 1 46  ? -3.556  -10.880 5.358   1.00 27.24 ? 308  THR   A C   1 
ATOM   381  O  O   . THR   A 1 46  ? -2.939  -9.796  5.261   1.00 25.29 ? 308  THR   A O   1 
ATOM   382  C  CB  . THR   A 1 46  ? -2.420  -12.965 4.545   1.00 28.38 ? 308  THR   A CB  1 
ATOM   383  O  OG1 . THR   A 1 46  ? -1.189  -12.366 4.940   1.00 27.65 ? 308  THR   A OG1 1 
ATOM   384  C  CG2 . THR   A 1 46  ? -2.175  -13.921 3.402   1.00 29.56 ? 308  THR   A CG2 1 
ATOM   385  N  N   . ALA   A 1 47  ? -4.250  -11.264 6.435   1.00 29.08 ? 309  ALA   A N   1 
ATOM   386  C  CA  . ALA   A 1 47  ? -4.306  -10.494 7.696   1.00 28.10 ? 309  ALA   A CA  1 
ATOM   387  C  C   . ALA   A 1 47  ? -2.894  -10.262 8.229   1.00 28.54 ? 309  ALA   A C   1 
ATOM   388  O  O   . ALA   A 1 47  ? -2.634  -9.162  8.753   1.00 28.71 ? 309  ALA   A O   1 
ATOM   389  C  CB  . ALA   A 1 47  ? -5.146  -11.217 8.721   1.00 30.59 ? 309  ALA   A CB  1 
ATOM   390  N  N   . GLU   A 1 48  ? -2.032  -11.279 8.175   1.00 29.09 ? 310  GLU   A N   1 
ATOM   391  C  CA  . GLU   A 1 48  ? -0.682  -11.208 8.797   1.00 31.77 ? 310  GLU   A CA  1 
ATOM   392  C  C   . GLU   A 1 48  ? 0.118   -10.127 8.067   1.00 27.38 ? 310  GLU   A C   1 
ATOM   393  O  O   . GLU   A 1 48  ? 0.860   -9.372  8.729   1.00 27.07 ? 310  GLU   A O   1 
ATOM   394  C  CB  . GLU   A 1 48  ? 0.043   -12.554 8.746   1.00 36.30 ? 310  GLU   A CB  1 
ATOM   395  C  CG  . GLU   A 1 48  ? -0.570  -13.612 9.655   1.00 43.88 ? 310  GLU   A CG  1 
ATOM   396  C  CD  . GLU   A 1 48  ? -1.935  -14.132 9.213   1.00 47.55 ? 310  GLU   A CD  1 
ATOM   397  O  OE1 . GLU   A 1 48  ? -2.189  -14.177 7.985   1.00 49.98 ? 310  GLU   A OE1 1 
ATOM   398  O  OE2 . GLU   A 1 48  ? -2.753  -14.472 10.098  1.00 55.86 ? 310  GLU   A OE2 1 
ATOM   399  N  N   . GLU   A 1 49  ? -0.037  -10.076 6.745   1.00 26.75 ? 311  GLU   A N   1 
ATOM   400  C  CA  . GLU   A 1 49  ? 0.638   -9.078  5.879   1.00 26.63 ? 311  GLU   A CA  1 
ATOM   401  C  C   . GLU   A 1 49  ? 0.132   -7.678  6.254   1.00 24.74 ? 311  GLU   A C   1 
ATOM   402  O  O   . GLU   A 1 49  ? 0.953   -6.754  6.433   1.00 24.64 ? 311  GLU   A O   1 
ATOM   403  C  CB  . GLU   A 1 49  ? 0.351   -9.406  4.420   1.00 25.36 ? 311  GLU   A CB  1 
ATOM   404  C  CG  . GLU   A 1 49  ? 1.082   -8.499  3.463   1.00 26.24 ? 311  GLU   A CG  1 
ATOM   405  C  CD  . GLU   A 1 49  ? 0.842   -8.831  1.996   1.00 26.60 ? 311  GLU   A CD  1 
ATOM   406  O  OE1 . GLU   A 1 49  ? 1.602   -8.318  1.140   1.00 26.56 ? 311  GLU   A OE1 1 
ATOM   407  O  OE2 . GLU   A 1 49  ? -0.104  -9.586  1.710   1.00 27.35 ? 311  GLU   A OE2 1 
ATOM   408  N  N   . GLN   A 1 50  ? -1.181  -7.509  6.354   1.00 24.19 ? 312  GLN   A N   1 
ATOM   409  C  CA  . GLN   A 1 50  ? -1.791  -6.221  6.801   1.00 25.11 ? 312  GLN   A CA  1 
ATOM   410  C  C   . GLN   A 1 50  ? -1.180  -5.849  8.171   1.00 26.38 ? 312  GLN   A C   1 
ATOM   411  O  O   . GLN   A 1 50  ? -0.849  -4.653  8.405   1.00 24.15 ? 312  GLN   A O   1 
ATOM   412  C  CB  . GLN   A 1 50  ? -3.321  -6.345  6.821   1.00 24.80 ? 312  GLN   A CB  1 
ATOM   413  C  CG  . GLN   A 1 50  ? -3.989  -5.520  7.907   1.00 25.11 ? 312  GLN   A CG  1 
ATOM   414  C  CD  . GLN   A 1 50  ? -3.864  -4.044  7.638   1.00 25.19 ? 312  GLN   A CD  1 
ATOM   415  O  OE1 . GLN   A 1 50  ? -3.574  -3.623  6.528   1.00 27.47 ? 312  GLN   A OE1 1 
ATOM   416  N  NE2 . GLN   A 1 50  ? -4.045  -3.244  8.665   1.00 25.20 ? 312  GLN   A NE2 1 
ATOM   417  N  N   . ASN   A 1 51  ? -1.067  -6.805  9.100   1.00 27.62 ? 313  ASN   A N   1 
ATOM   418  C  CA  A ASN   A 1 51  ? -0.547  -6.506  10.459  0.70 28.35 ? 313  ASN   A CA  1 
ATOM   419  C  CA  B ASN   A 1 51  ? -0.534  -6.507  10.457  0.30 26.94 ? 313  ASN   A CA  1 
ATOM   420  C  C   . ASN   A 1 51  ? 0.904   -6.009  10.304  1.00 26.39 ? 313  ASN   A C   1 
ATOM   421  O  O   . ASN   A 1 51  ? 1.231   -4.962  10.884  1.00 29.53 ? 313  ASN   A O   1 
ATOM   422  C  CB  A ASN   A 1 51  ? -0.757  -7.696  11.406  0.70 30.83 ? 313  ASN   A CB  1 
ATOM   423  C  CB  B ASN   A 1 51  ? -0.558  -7.690  11.427  0.30 27.13 ? 313  ASN   A CB  1 
ATOM   424  C  CG  A ASN   A 1 51  ? -2.223  -8.045  11.605  0.70 32.85 ? 313  ASN   A CG  1 
ATOM   425  C  CG  B ASN   A 1 51  ? -0.140  -7.270  12.822  0.30 26.99 ? 313  ASN   A CG  1 
ATOM   426  O  OD1 A ASN   A 1 51  ? -3.106  -7.201  11.460  0.70 39.28 ? 313  ASN   A OD1 1 
ATOM   427  O  OD1 B ASN   A 1 51  ? -0.694  -6.329  13.379  0.30 27.55 ? 313  ASN   A OD1 1 
ATOM   428  N  ND2 A ASN   A 1 51  ? -2.508  -9.296  11.918  0.70 35.86 ? 313  ASN   A ND2 1 
ATOM   429  N  ND2 B ASN   A 1 51  ? 0.836   -7.955  13.393  0.30 27.71 ? 313  ASN   A ND2 1 
ATOM   430  N  N   . PHE   A 1 52  ? 1.708   -6.720  9.519   1.00 25.11 ? 314  PHE   A N   1 
ATOM   431  C  CA  . PHE   A 1 52  ? 3.122   -6.377  9.216   1.00 26.34 ? 314  PHE   A CA  1 
ATOM   432  C  C   . PHE   A 1 52  ? 3.204   -4.921  8.720   1.00 26.48 ? 314  PHE   A C   1 
ATOM   433  O  O   . PHE   A 1 52  ? 3.924   -4.084  9.307   1.00 27.17 ? 314  PHE   A O   1 
ATOM   434  C  CB  . PHE   A 1 52  ? 3.673   -7.377  8.201   1.00 26.18 ? 314  PHE   A CB  1 
ATOM   435  C  CG  . PHE   A 1 52  ? 4.921   -6.917  7.498   1.00 29.67 ? 314  PHE   A CG  1 
ATOM   436  C  CD1 . PHE   A 1 52  ? 6.118   -6.791  8.188   1.00 32.74 ? 314  PHE   A CD1 1 
ATOM   437  C  CD2 . PHE   A 1 52  ? 4.883   -6.553  6.162   1.00 32.55 ? 314  PHE   A CD2 1 
ATOM   438  C  CE1 . PHE   A 1 52  ? 7.260   -6.330  7.548   1.00 35.63 ? 314  PHE   A CE1 1 
ATOM   439  C  CE2 . PHE   A 1 52  ? 6.022   -6.092  5.524   1.00 31.98 ? 314  PHE   A CE2 1 
ATOM   440  C  CZ  . PHE   A 1 52  ? 7.206   -5.968  6.221   1.00 34.41 ? 314  PHE   A CZ  1 
ATOM   441  N  N   . LEU   A 1 53  ? 2.436   -4.615  7.668   1.00 25.05 ? 315  LEU   A N   1 
ATOM   442  C  CA  . LEU   A 1 53  ? 2.462   -3.300  6.966   1.00 23.69 ? 315  LEU   A CA  1 
ATOM   443  C  C   . LEU   A 1 53  ? 1.971   -2.198  7.907   1.00 24.74 ? 315  LEU   A C   1 
ATOM   444  O  O   . LEU   A 1 53  ? 2.624   -1.150  7.968   1.00 24.02 ? 315  LEU   A O   1 
ATOM   445  C  CB  . LEU   A 1 53  ? 1.606   -3.376  5.697   1.00 24.75 ? 315  LEU   A CB  1 
ATOM   446  C  CG  . LEU   A 1 53  ? 2.155   -4.283  4.601   1.00 24.60 ? 315  LEU   A CG  1 
ATOM   447  C  CD1 . LEU   A 1 53  ? 1.119   -4.523  3.515   1.00 26.01 ? 315  LEU   A CD1 1 
ATOM   448  C  CD2 . LEU   A 1 53  ? 3.412   -3.678  3.991   1.00 26.33 ? 315  LEU   A CD2 1 
ATOM   449  N  N   . GLN   A 1 54  ? 0.872   -2.437  8.618   1.00 25.49 ? 316  GLN   A N   1 
ATOM   450  C  CA  . GLN   A 1 54  ? 0.271   -1.419  9.511   1.00 26.73 ? 316  GLN   A CA  1 
ATOM   451  C  C   . GLN   A 1 54  ? 1.283   -1.016  10.592  1.00 28.24 ? 316  GLN   A C   1 
ATOM   452  O  O   . GLN   A 1 54  ? 1.372   0.195   10.897  1.00 30.06 ? 316  GLN   A O   1 
ATOM   453  C  CB  . GLN   A 1 54  ? -1.021  -1.953  10.115  1.00 26.62 ? 316  GLN   A CB  1 
ATOM   454  C  CG  . GLN   A 1 54  ? -1.851  -0.842  10.731  1.00 27.25 ? 316  GLN   A CG  1 
ATOM   455  C  CD  . GLN   A 1 54  ? -2.456  0.034   9.662   1.00 26.09 ? 316  GLN   A CD  1 
ATOM   456  O  OE1 . GLN   A 1 54  ? -3.191  -0.449  8.789   1.00 27.34 ? 316  GLN   A OE1 1 
ATOM   457  N  NE2 . GLN   A 1 54  ? -2.183  1.325   9.741   1.00 25.02 ? 316  GLN   A NE2 1 
ATOM   458  N  N   . LEU   A 1 55  ? 2.035   -1.973  11.133  1.00 28.33 ? 317  LEU   A N   1 
ATOM   459  C  CA  . LEU   A 1 55  ? 3.017   -1.683  12.209  1.00 32.32 ? 317  LEU   A CA  1 
ATOM   460  C  C   . LEU   A 1 55  ? 4.251   -1.010  11.599  1.00 33.60 ? 317  LEU   A C   1 
ATOM   461  O  O   . LEU   A 1 55  ? 4.727   -0.046  12.216  1.00 36.48 ? 317  LEU   A O   1 
ATOM   462  C  CB  . LEU   A 1 55  ? 3.348   -2.958  12.995  1.00 34.25 ? 317  LEU   A CB  1 
ATOM   463  C  CG  . LEU   A 1 55  ? 2.132   -3.651  13.626  1.00 38.74 ? 317  LEU   A CG  1 
ATOM   464  C  CD1 . LEU   A 1 55  ? 2.541   -4.937  14.341  1.00 38.49 ? 317  LEU   A CD1 1 
ATOM   465  C  CD2 . LEU   A 1 55  ? 1.387   -2.715  14.582  1.00 41.47 ? 317  LEU   A CD2 1 
ATOM   466  N  N   . GLN   A 1 56  ? 4.693   -1.427  10.407  1.00 32.24 ? 318  GLN   A N   1 
ATOM   467  C  CA  . GLN   A 1 56  ? 5.798   -0.769  9.657   1.00 32.15 ? 318  GLN   A CA  1 
ATOM   468  C  C   . GLN   A 1 56  ? 5.494   0.714   9.500   1.00 30.02 ? 318  GLN   A C   1 
ATOM   469  O  O   . GLN   A 1 56  ? 6.421   1.526   9.626   1.00 29.73 ? 318  GLN   A O   1 
ATOM   470  C  CB  . GLN   A 1 56  ? 5.948   -1.242  8.211   1.00 35.14 ? 318  GLN   A CB  1 
ATOM   471  C  CG  . GLN   A 1 56  ? 6.563   -2.611  8.029   1.00 41.70 ? 318  GLN   A CG  1 
ATOM   472  C  CD  . GLN   A 1 56  ? 7.905   -2.681  8.700   1.00 41.53 ? 318  GLN   A CD  1 
ATOM   473  O  OE1 . GLN   A 1 56  ? 8.901   -2.167  8.196   1.00 45.65 ? 318  GLN   A OE1 1 
ATOM   474  N  NE2 . GLN   A 1 56  ? 7.917   -3.297  9.867   1.00 45.19 ? 318  GLN   A NE2 1 
ATOM   475  N  N   . THR   A 1 57  ? 4.265   1.025   9.096   1.00 29.07 ? 319  THR   A N   1 
ATOM   476  C  CA  . THR   A 1 57  ? 3.834   2.421   8.816   1.00 30.45 ? 319  THR   A CA  1 
ATOM   477  C  C   . THR   A 1 57  ? 3.598   3.132   10.147  1.00 30.51 ? 319  THR   A C   1 
ATOM   478  O  O   . THR   A 1 57  ? 4.075   4.270   10.285  1.00 28.73 ? 319  THR   A O   1 
ATOM   479  C  CB  . THR   A 1 57  ? 2.635   2.485   7.854   1.00 30.76 ? 319  THR   A CB  1 
ATOM   480  O  OG1 . THR   A 1 57  ? 1.452   1.922   8.427   1.00 34.81 ? 319  THR   A OG1 1 
ATOM   481  C  CG2 . THR   A 1 57  ? 2.939   1.778   6.556   1.00 29.06 ? 319  THR   A CG2 1 
ATOM   482  N  N   . SER   A 1 58  ? 2.926   2.477   11.095  1.00 35.18 ? 320  SER   A N   1 
ATOM   483  C  CA  . SER   A 1 58  ? 2.465   3.112   12.363  1.00 40.33 ? 320  SER   A CA  1 
ATOM   484  C  C   . SER   A 1 58  ? 3.658   3.660   13.152  1.00 44.26 ? 320  SER   A C   1 
ATOM   485  O  O   . SER   A 1 58  ? 3.516   4.750   13.747  1.00 40.25 ? 320  SER   A O   1 
ATOM   486  C  CB  . SER   A 1 58  ? 1.666   2.175   13.227  1.00 41.50 ? 320  SER   A CB  1 
ATOM   487  O  OG  . SER   A 1 58  ? 1.150   2.874   14.349  1.00 50.26 ? 320  SER   A OG  1 
ATOM   488  N  N   . ARG   A 1 59  ? 4.781   2.933   13.153  1.00 45.35 ? 321  ARG   A N   1 
ATOM   489  C  CA  . ARG   A 1 59  ? 5.967   3.232   14.011  1.00 50.33 ? 321  ARG   A CA  1 
ATOM   490  C  C   . ARG   A 1 59  ? 6.840   4.332   13.410  1.00 54.29 ? 321  ARG   A C   1 
ATOM   491  O  O   . ARG   A 1 59  ? 7.390   5.123   14.197  1.00 61.67 ? 321  ARG   A O   1 
ATOM   492  C  CB  . ARG   A 1 59  ? 6.866   2.013   14.153  1.00 49.30 ? 321  ARG   A CB  1 
ATOM   493  C  CG  . ARG   A 1 59  ? 7.361   1.466   12.829  1.00 51.76 ? 321  ARG   A CG  1 
ATOM   494  C  CD  . ARG   A 1 59  ? 7.727   0.030   13.110  1.00 56.69 ? 321  ARG   A CD  1 
ATOM   495  N  NE  . ARG   A 1 59  ? 8.714   -0.548  12.222  1.00 62.94 ? 321  ARG   A NE  1 
ATOM   496  C  CZ  . ARG   A 1 59  ? 9.305   -1.712  12.457  1.00 62.01 ? 321  ARG   A CZ  1 
ATOM   497  N  NH1 . ARG   A 1 59  ? 9.010   -2.397  13.551  1.00 60.98 ? 321  ARG   A NH1 1 
ATOM   498  N  NH2 . ARG   A 1 59  ? 10.192  -2.188  11.605  1.00 64.22 ? 321  ARG   A NH2 1 
ATOM   499  N  N   . SER   A 1 60  ? 7.049   4.316   12.091  1.00 54.69 ? 322  SER   A N   1 
ATOM   500  C  CA  A SER   A 1 60  ? 7.642   5.468   11.359  0.25 52.82 ? 322  SER   A CA  1 
ATOM   501  C  CA  B SER   A 1 60  ? 7.643   5.468   11.359  0.25 52.93 ? 322  SER   A CA  1 
ATOM   502  C  CA  C SER   A 1 60  ? 7.640   5.467   11.367  0.50 53.02 ? 322  SER   A CA  1 
ATOM   503  C  C   . SER   A 1 60  ? 6.607   6.599   11.328  1.00 54.76 ? 322  SER   A C   1 
ATOM   504  O  O   . SER   A 1 60  ? 6.967   7.700   10.864  1.00 48.35 ? 322  SER   A O   1 
ATOM   505  C  CB  A SER   A 1 60  ? 8.115   5.081   9.974   0.25 51.61 ? 322  SER   A CB  1 
ATOM   506  C  CB  B SER   A 1 60  ? 8.114   5.081   9.975   0.25 51.84 ? 322  SER   A CB  1 
ATOM   507  C  CB  C SER   A 1 60  ? 8.075   5.037   10.009  0.50 52.49 ? 322  SER   A CB  1 
ATOM   508  O  OG  A SER   A 1 60  ? 7.167   4.256   9.309   0.25 48.86 ? 322  SER   A OG  1 
ATOM   509  O  OG  B SER   A 1 60  ? 7.160   4.267   9.307   0.25 49.24 ? 322  SER   A OG  1 
ATOM   510  O  OG  C SER   A 1 60  ? 9.089   4.052   10.107  0.50 51.80 ? 322  SER   A OG  1 
ATOM   511  N  N   . ASN   A 1 61  ? 5.398   6.286   11.845  1.00 58.48 ? 323  ASN   A N   1 
ATOM   512  C  CA  A ASN   A 1 61  ? 4.181   7.148   11.924  0.50 60.72 ? 323  ASN   A CA  1 
ATOM   513  C  CA  B ASN   A 1 61  ? 4.171   7.133   11.931  0.50 60.31 ? 323  ASN   A CA  1 
ATOM   514  C  C   . ASN   A 1 61  ? 3.815   7.673   10.537  1.00 59.61 ? 323  ASN   A C   1 
ATOM   515  O  O   . ASN   A 1 61  ? 3.065   8.682   10.454  1.00 62.15 ? 323  ASN   A O   1 
ATOM   516  C  CB  A ASN   A 1 61  ? 4.346   8.288   12.926  0.50 64.63 ? 323  ASN   A CB  1 
ATOM   517  C  CB  B ASN   A 1 61  ? 4.307   8.217   13.005  0.50 63.62 ? 323  ASN   A CB  1 
ATOM   518  C  CG  A ASN   A 1 61  ? 4.032   7.844   14.332  0.50 67.07 ? 323  ASN   A CG  1 
ATOM   519  C  CG  B ASN   A 1 61  ? 2.984   8.864   13.344  0.50 65.50 ? 323  ASN   A CG  1 
ATOM   520  O  OD1 A ASN   A 1 61  ? 3.366   6.834   14.543  0.50 70.11 ? 323  ASN   A OD1 1 
ATOM   521  O  OD1 B ASN   A 1 61  ? 1.928   8.243   13.246  0.50 69.71 ? 323  ASN   A OD1 1 
ATOM   522  N  ND2 A ASN   A 1 61  ? 4.478   8.630   15.290  0.50 70.68 ? 323  ASN   A ND2 1 
ATOM   523  N  ND2 B ASN   A 1 61  ? 3.027   10.123  13.738  0.50 67.50 ? 323  ASN   A ND2 1 
ATOM   524  N  N   . ARG   A 1 62  ? 4.288   6.978   9.506   1.00 49.92 ? 324  ARG   A N   1 
ATOM   525  C  CA  . ARG   A 1 62  ? 4.208   7.459   8.115   1.00 50.24 ? 324  ARG   A CA  1 
ATOM   526  C  C   . ARG   A 1 62  ? 2.862   7.043   7.515   1.00 41.88 ? 324  ARG   A C   1 
ATOM   527  O  O   . ARG   A 1 62  ? 2.457   5.884   7.634   1.00 45.76 ? 324  ARG   A O   1 
ATOM   528  C  CB  . ARG   A 1 62  ? 5.392   6.937   7.299   1.00 52.83 ? 324  ARG   A CB  1 
ATOM   529  C  CG  . ARG   A 1 62  ? 6.525   7.937   7.163   1.00 55.80 ? 324  ARG   A CG  1 
ATOM   530  C  CD  . ARG   A 1 62  ? 7.668   7.320   6.387   1.00 60.11 ? 324  ARG   A CD  1 
ATOM   531  N  NE  . ARG   A 1 62  ? 8.729   8.282   6.128   1.00 67.00 ? 324  ARG   A NE  1 
ATOM   532  C  CZ  . ARG   A 1 62  ? 9.818   8.046   5.394   1.00 72.04 ? 324  ARG   A CZ  1 
ATOM   533  N  NH1 . ARG   A 1 62  ? 10.021  6.859   4.847   1.00 66.75 ? 324  ARG   A NH1 1 
ATOM   534  N  NH2 . ARG   A 1 62  ? 10.704  9.013   5.207   1.00 75.17 ? 324  ARG   A NH2 1 
ATOM   535  N  N   . PHE   A 1 63  ? 2.211   7.988   6.869   1.00 32.69 ? 325  PHE   A N   1 
ATOM   536  C  CA  . PHE   A 1 63  ? 1.057   7.758   5.970   1.00 28.61 ? 325  PHE   A CA  1 
ATOM   537  C  C   . PHE   A 1 63  ? 1.659   7.175   4.693   1.00 28.16 ? 325  PHE   A C   1 
ATOM   538  O  O   . PHE   A 1 63  ? 2.761   7.616   4.323   1.00 27.14 ? 325  PHE   A O   1 
ATOM   539  C  CB  . PHE   A 1 63  ? 0.313   9.066   5.724   1.00 25.33 ? 325  PHE   A CB  1 
ATOM   540  C  CG  . PHE   A 1 63  ? -0.179  9.715   6.991   1.00 24.01 ? 325  PHE   A CG  1 
ATOM   541  C  CD1 . PHE   A 1 63  ? 0.679   10.465  7.774   1.00 25.79 ? 325  PHE   A CD1 1 
ATOM   542  C  CD2 . PHE   A 1 63  ? -1.465  9.487   7.444   1.00 25.08 ? 325  PHE   A CD2 1 
ATOM   543  C  CE1 . PHE   A 1 63  ? 0.226   11.037  8.953   1.00 24.88 ? 325  PHE   A CE1 1 
ATOM   544  C  CE2 . PHE   A 1 63  ? -1.923  10.070  8.613   1.00 26.43 ? 325  PHE   A CE2 1 
ATOM   545  C  CZ  . PHE   A 1 63  ? -1.067  10.829  9.371   1.00 25.83 ? 325  PHE   A CZ  1 
ATOM   546  N  N   . SER   A 1 64  ? 1.044   6.152   4.112   1.00 26.34 ? 326  SER   A N   1 
ATOM   547  C  CA  . SER   A 1 64  ? 1.635   5.506   2.917   1.00 24.14 ? 326  SER   A CA  1 
ATOM   548  C  C   . SER   A 1 64  ? 0.532   4.960   2.017   1.00 22.59 ? 326  SER   A C   1 
ATOM   549  O  O   . SER   A 1 64  ? -0.406  4.317   2.515   1.00 22.34 ? 326  SER   A O   1 
ATOM   550  C  CB  . SER   A 1 64  ? 2.628   4.423   3.289   1.00 25.63 ? 326  SER   A CB  1 
ATOM   551  O  OG  . SER   A 1 64  ? 3.676   4.914   4.107   1.00 31.28 ? 326  SER   A OG  1 
ATOM   552  N  N   . TRP   A 1 65  ? 0.665   5.196   0.721   1.00 20.28 ? 327  TRP   A N   1 
ATOM   553  C  CA  . TRP   A 1 65  ? -0.240  4.612   -0.291  1.00 20.26 ? 327  TRP   A CA  1 
ATOM   554  C  C   . TRP   A 1 65  ? -0.193  3.089   -0.240  1.00 19.49 ? 327  TRP   A C   1 
ATOM   555  O  O   . TRP   A 1 65  ? 0.923   2.548   -0.132  1.00 20.54 ? 327  TRP   A O   1 
ATOM   556  C  CB  . TRP   A 1 65  ? 0.187   5.062   -1.696  1.00 20.54 ? 327  TRP   A CB  1 
ATOM   557  C  CG  . TRP   A 1 65  ? -0.084  6.490   -2.035  1.00 20.66 ? 327  TRP   A CG  1 
ATOM   558  C  CD1 . TRP   A 1 65  ? 0.775   7.334   -2.670  1.00 19.24 ? 327  TRP   A CD1 1 
ATOM   559  C  CD2 . TRP   A 1 65  ? -1.307  7.221   -1.837  1.00 19.71 ? 327  TRP   A CD2 1 
ATOM   560  N  NE1 . TRP   A 1 65  ? 0.149   8.519   -2.938  1.00 18.91 ? 327  TRP   A NE1 1 
ATOM   561  C  CE2 . TRP   A 1 65  ? -1.117  8.490   -2.420  1.00 20.18 ? 327  TRP   A CE2 1 
ATOM   562  C  CE3 . TRP   A 1 65  ? -2.545  6.927   -1.255  1.00 19.05 ? 327  TRP   A CE3 1 
ATOM   563  C  CZ2 . TRP   A 1 65  ? -2.094  9.479   -2.373  1.00 19.43 ? 327  TRP   A CZ2 1 
ATOM   564  C  CZ3 . TRP   A 1 65  ? -3.511  7.899   -1.225  1.00 19.36 ? 327  TRP   A CZ3 1 
ATOM   565  C  CH2 . TRP   A 1 65  ? -3.289  9.157   -1.782  1.00 20.01 ? 327  TRP   A CH2 1 
ATOM   566  N  N   . MET   A 1 66  ? -1.336  2.439   -0.457  1.00 19.70 ? 328  MET   A N   1 
ATOM   567  C  CA  . MET   A 1 66  ? -1.394  1.002   -0.825  1.00 21.02 ? 328  MET   A CA  1 
ATOM   568  C  C   . MET   A 1 66  ? -2.077  0.881   -2.191  1.00 19.31 ? 328  MET   A C   1 
ATOM   569  O  O   . MET   A 1 66  ? -2.597  1.903   -2.694  1.00 20.39 ? 328  MET   A O   1 
ATOM   570  C  CB  . MET   A 1 66  ? -2.157  0.169   0.211   1.00 21.14 ? 328  MET   A CB  1 
ATOM   571  C  CG  . MET   A 1 66  ? -3.644  0.487   0.240   1.00 20.90 ? 328  MET   A CG  1 
ATOM   572  S  SD  . MET   A 1 66  ? -4.460  -0.421  1.561   1.00 21.58 ? 328  MET   A SD  1 
ATOM   573  C  CE  . MET   A 1 66  ? -3.992  0.617   2.945   1.00 20.40 ? 328  MET   A CE  1 
ATOM   574  N  N   . GLY   A 1 67  ? -2.085  -0.314  -2.772  1.00 19.30 ? 329  GLY   A N   1 
ATOM   575  C  CA  . GLY   A 1 67  ? -2.552  -0.542  -4.161  1.00 19.80 ? 329  GLY   A CA  1 
ATOM   576  C  C   . GLY   A 1 67  ? -4.058  -0.746  -4.255  1.00 20.22 ? 329  GLY   A C   1 
ATOM   577  O  O   . GLY   A 1 67  ? -4.485  -1.766  -4.835  1.00 20.70 ? 329  GLY   A O   1 
ATOM   578  N  N   . LEU   A 1 68  ? -4.836  0.206   -3.730  1.00 17.94 ? 330  LEU   A N   1 
ATOM   579  C  CA  . LEU   A 1 68  ? -6.300  0.085   -3.517  1.00 19.99 ? 330  LEU   A CA  1 
ATOM   580  C  C   . LEU   A 1 68  ? -6.937  1.446   -3.825  1.00 19.58 ? 330  LEU   A C   1 
ATOM   581  O  O   . LEU   A 1 68  ? -6.488  2.481   -3.261  1.00 19.75 ? 330  LEU   A O   1 
ATOM   582  C  CB  . LEU   A 1 68  ? -6.586  -0.362  -2.074  1.00 20.21 ? 330  LEU   A CB  1 
ATOM   583  C  CG  . LEU   A 1 68  ? -8.044  -0.644  -1.687  1.00 21.79 ? 330  LEU   A CG  1 
ATOM   584  C  CD1 . LEU   A 1 68  ? -8.563  -1.898  -2.378  1.00 23.90 ? 330  LEU   A CD1 1 
ATOM   585  C  CD2 . LEU   A 1 68  ? -8.172  -0.793  -0.180  1.00 23.75 ? 330  LEU   A CD2 1 
ATOM   586  N  N   . SER   A 1 69  ? -7.982  1.420   -4.639  1.00 20.44 ? 331  SER   A N   1 
ATOM   587  C  CA  . SER   A 1 69  ? -8.704  2.614   -5.130  1.00 20.75 ? 331  SER   A CA  1 
ATOM   588  C  C   . SER   A 1 69  ? -10.139 2.204   -5.452  1.00 22.75 ? 331  SER   A C   1 
ATOM   589  O  O   . SER   A 1 69  ? -10.381 1.008   -5.636  1.00 24.00 ? 331  SER   A O   1 
ATOM   590  C  CB  . SER   A 1 69  ? -8.016  3.218   -6.319  1.00 19.58 ? 331  SER   A CB  1 
ATOM   591  O  OG  . SER   A 1 69  ? -8.447  2.589   -7.521  1.00 18.91 ? 331  SER   A OG  1 
ATOM   592  N  N   . ASP   A 1 70  ? -11.035 3.172   -5.563  1.00 22.79 ? 332  ASP   A N   1 
ATOM   593  C  CA  . ASP   A 1 70  ? -12.424 2.916   -6.016  1.00 23.53 ? 332  ASP   A CA  1 
ATOM   594  C  C   . ASP   A 1 70  ? -12.591 3.572   -7.384  1.00 21.39 ? 332  ASP   A C   1 
ATOM   595  O  O   . ASP   A 1 70  ? -13.691 4.037   -7.689  1.00 24.87 ? 332  ASP   A O   1 
ATOM   596  C  CB  . ASP   A 1 70  ? -13.417 3.370   -4.943  1.00 24.06 ? 332  ASP   A CB  1 
ATOM   597  C  CG  . ASP   A 1 70  ? -13.592 4.873   -4.836  1.00 25.24 ? 332  ASP   A CG  1 
ATOM   598  O  OD1 . ASP   A 1 70  ? -12.763 5.591   -5.419  1.00 23.20 ? 332  ASP   A OD1 1 
ATOM   599  O  OD2 . ASP   A 1 70  ? -14.551 5.304   -4.156  1.00 25.84 ? 332  ASP   A OD2 1 
ATOM   600  N  N   . LEU   A 1 71  ? -11.516 3.634   -8.169  1.00 20.55 ? 333  LEU   A N   1 
ATOM   601  C  CA  . LEU   A 1 71  ? -11.540 4.279   -9.508  1.00 20.37 ? 333  LEU   A CA  1 
ATOM   602  C  C   . LEU   A 1 71  ? -12.096 3.263   -10.520 1.00 22.12 ? 333  LEU   A C   1 
ATOM   603  O  O   . LEU   A 1 71  ? -11.393 2.902   -11.433 1.00 23.01 ? 333  LEU   A O   1 
ATOM   604  C  CB  . LEU   A 1 71  ? -10.138 4.796   -9.841  1.00 20.64 ? 333  LEU   A CB  1 
ATOM   605  C  CG  . LEU   A 1 71  ? -9.666  5.938   -8.936  1.00 20.81 ? 333  LEU   A CG  1 
ATOM   606  C  CD1 . LEU   A 1 71  ? -8.189  6.229   -9.156  1.00 20.44 ? 333  LEU   A CD1 1 
ATOM   607  C  CD2 . LEU   A 1 71  ? -10.496 7.188   -9.141  1.00 20.54 ? 333  LEU   A CD2 1 
ATOM   608  N  N   . ASN   A 1 72  ? -13.355 2.866   -10.347 1.00 23.14 ? 334  ASN   A N   1 
ATOM   609  C  CA  . ASN   A 1 72  ? -14.089 1.991   -11.300 1.00 27.23 ? 334  ASN   A CA  1 
ATOM   610  C  C   . ASN   A 1 72  ? -15.569 2.413   -11.359 1.00 26.33 ? 334  ASN   A C   1 
ATOM   611  O  O   . ASN   A 1 72  ? -16.013 3.248   -10.556 1.00 24.90 ? 334  ASN   A O   1 
ATOM   612  C  CB  . ASN   A 1 72  ? -13.896 0.515   -10.919 1.00 28.79 ? 334  ASN   A CB  1 
ATOM   613  C  CG  . ASN   A 1 72  ? -14.215 0.275   -9.465  1.00 30.75 ? 334  ASN   A CG  1 
ATOM   614  O  OD1 . ASN   A 1 72  ? -15.387 0.312   -9.099  1.00 33.58 ? 334  ASN   A OD1 1 
ATOM   615  N  ND2 . ASN   A 1 72  ? -13.191 0.089   -8.632  1.00 29.16 ? 334  ASN   A ND2 1 
ATOM   616  N  N   . GLN   A 1 73  ? -16.328 1.802   -12.268 1.00 28.62 ? 335  GLN   A N   1 
ATOM   617  C  CA  A GLN   A 1 73  ? -17.751 2.130   -12.555 0.50 28.94 ? 335  GLN   A CA  1 
ATOM   618  C  CA  B GLN   A 1 73  ? -17.741 2.182   -12.546 0.50 30.47 ? 335  GLN   A CA  1 
ATOM   619  C  C   . GLN   A 1 73  ? -18.605 1.939   -11.300 1.00 30.54 ? 335  GLN   A C   1 
ATOM   620  O  O   . GLN   A 1 73  ? -19.503 2.774   -11.054 1.00 31.90 ? 335  GLN   A O   1 
ATOM   621  C  CB  A GLN   A 1 73  ? -18.273 1.243   -13.690 0.50 29.68 ? 335  GLN   A CB  1 
ATOM   622  C  CB  B GLN   A 1 73  ? -18.256 1.444   -13.787 0.50 33.39 ? 335  GLN   A CB  1 
ATOM   623  C  CG  A GLN   A 1 73  ? -18.029 1.816   -15.076 0.50 28.86 ? 335  GLN   A CG  1 
ATOM   624  C  CG  B GLN   A 1 73  ? -19.709 1.758   -14.136 0.50 34.66 ? 335  GLN   A CG  1 
ATOM   625  C  CD  A GLN   A 1 73  ? -17.947 0.718   -16.102 0.50 28.29 ? 335  GLN   A CD  1 
ATOM   626  C  CD  B GLN   A 1 73  ? -19.929 3.058   -14.879 0.50 34.96 ? 335  GLN   A CD  1 
ATOM   627  O  OE1 A GLN   A 1 73  ? -17.960 -0.458  -15.767 0.50 26.93 ? 335  GLN   A OE1 1 
ATOM   628  O  OE1 B GLN   A 1 73  ? -19.209 3.398   -15.818 0.50 35.14 ? 335  GLN   A OE1 1 
ATOM   629  N  NE2 A GLN   A 1 73  ? -17.822 1.103   -17.357 0.50 27.54 ? 335  GLN   A NE2 1 
ATOM   630  N  NE2 B GLN   A 1 73  ? -20.964 3.781   -14.483 0.50 33.54 ? 335  GLN   A NE2 1 
ATOM   631  N  N   . GLU   A 1 74  ? -18.329 0.874   -10.541 1.00 31.60 ? 336  GLU   A N   1 
ATOM   632  C  CA  . GLU   A 1 74  ? -19.151 0.481   -9.367  1.00 33.42 ? 336  GLU   A CA  1 
ATOM   633  C  C   . GLU   A 1 74  ? -18.855 1.440   -8.209  1.00 34.18 ? 336  GLU   A C   1 
ATOM   634  O  O   . GLU   A 1 74  ? -19.737 1.637   -7.361  1.00 35.65 ? 336  GLU   A O   1 
ATOM   635  C  CB  . GLU   A 1 74  ? -18.889 -0.983  -9.000  1.00 36.73 ? 336  GLU   A CB  1 
ATOM   636  C  CG  . GLU   A 1 74  ? -19.251 -1.967  -10.115 1.00 40.06 ? 336  GLU   A CG  1 
ATOM   637  C  CD  . GLU   A 1 74  ? -18.266 -2.117  -11.276 1.00 44.63 ? 336  GLU   A CD  1 
ATOM   638  O  OE1 . GLU   A 1 74  ? -17.058 -1.710  -11.127 1.00 41.11 ? 336  GLU   A OE1 1 
ATOM   639  O  OE2 . GLU   A 1 74  ? -18.706 -2.642  -12.359 1.00 43.56 ? 336  GLU   A OE2 1 
ATOM   640  N  N   . GLY   A 1 75  ? -17.655 2.020   -8.179  1.00 33.32 ? 337  GLY   A N   1 
ATOM   641  C  CA  . GLY   A 1 75  ? -17.200 2.841   -7.048  1.00 33.33 ? 337  GLY   A CA  1 
ATOM   642  C  C   . GLY   A 1 75  ? -16.933 1.987   -5.825  1.00 32.00 ? 337  GLY   A C   1 
ATOM   643  O  O   . GLY   A 1 75  ? -17.049 2.508   -4.714  1.00 37.42 ? 337  GLY   A O   1 
ATOM   644  N  N   . THR   A 1 76  ? -16.555 0.721   -6.029  1.00 29.77 ? 338  THR   A N   1 
ATOM   645  C  CA  . THR   A 1 76  ? -16.145 -0.224  -4.956  1.00 29.96 ? 338  THR   A CA  1 
ATOM   646  C  C   . THR   A 1 76  ? -14.621 -0.269  -4.849  1.00 27.14 ? 338  THR   A C   1 
ATOM   647  O  O   . THR   A 1 76  ? -13.936 -0.017  -5.857  1.00 26.38 ? 338  THR   A O   1 
ATOM   648  C  CB  . THR   A 1 76  ? -16.696 -1.630  -5.240  1.00 30.76 ? 338  THR   A CB  1 
ATOM   649  O  OG1 . THR   A 1 76  ? -16.078 -2.140  -6.415  1.00 28.96 ? 338  THR   A OG1 1 
ATOM   650  C  CG2 . THR   A 1 76  ? -18.203 -1.641  -5.393  1.00 33.87 ? 338  THR   A CG2 1 
ATOM   651  N  N   . TRP   A 1 77  ? -14.090 -0.644  -3.686  1.00 26.20 ? 339  TRP   A N   1 
ATOM   652  C  CA  . TRP   A 1 77  ? -12.616 -0.678  -3.485  1.00 23.74 ? 339  TRP   A CA  1 
ATOM   653  C  C   . TRP   A 1 77  ? -12.060 -1.908  -4.184  1.00 24.56 ? 339  TRP   A C   1 
ATOM   654  O  O   . TRP   A 1 77  ? -12.556 -3.030  -3.926  1.00 25.49 ? 339  TRP   A O   1 
ATOM   655  C  CB  . TRP   A 1 77  ? -12.258 -0.585  -1.994  1.00 23.53 ? 339  TRP   A CB  1 
ATOM   656  C  CG  . TRP   A 1 77  ? -12.754 0.710   -1.447  1.00 22.33 ? 339  TRP   A CG  1 
ATOM   657  C  CD1 . TRP   A 1 77  ? -13.971 0.954   -0.885  1.00 23.20 ? 339  TRP   A CD1 1 
ATOM   658  C  CD2 . TRP   A 1 77  ? -12.085 1.980   -1.547  1.00 22.26 ? 339  TRP   A CD2 1 
ATOM   659  N  NE1 . TRP   A 1 77  ? -14.093 2.289   -0.603  1.00 22.40 ? 339  TRP   A NE1 1 
ATOM   660  C  CE2 . TRP   A 1 77  ? -12.946 2.943   -0.988  1.00 22.80 ? 339  TRP   A CE2 1 
ATOM   661  C  CE3 . TRP   A 1 77  ? -10.840 2.388   -2.050  1.00 21.80 ? 339  TRP   A CE3 1 
ATOM   662  C  CZ2 . TRP   A 1 77  ? -12.584 4.291   -0.897  1.00 22.52 ? 339  TRP   A CZ2 1 
ATOM   663  C  CZ3 . TRP   A 1 77  ? -10.484 3.716   -1.960  1.00 23.57 ? 339  TRP   A CZ3 1 
ATOM   664  C  CH2 . TRP   A 1 77  ? -11.354 4.657   -1.402  1.00 23.71 ? 339  TRP   A CH2 1 
ATOM   665  N  N   . GLN   A 1 78  ? -11.091 -1.717  -5.072  1.00 22.52 ? 340  GLN   A N   1 
ATOM   666  C  CA  A GLN   A 1 78  ? -10.471 -2.879  -5.754  0.70 23.52 ? 340  GLN   A CA  1 
ATOM   667  C  CA  B GLN   A 1 78  ? -10.479 -2.825  -5.851  0.30 22.28 ? 340  GLN   A CA  1 
ATOM   668  C  C   . GLN   A 1 78  ? -8.957  -2.658  -5.821  1.00 23.34 ? 340  GLN   A C   1 
ATOM   669  O  O   . GLN   A 1 78  ? -8.496  -1.486  -5.945  1.00 21.35 ? 340  GLN   A O   1 
ATOM   670  C  CB  A GLN   A 1 78  ? -11.199 -3.183  -7.067  0.70 26.17 ? 340  GLN   A CB  1 
ATOM   671  C  CB  B GLN   A 1 78  ? -11.067 -2.837  -7.266  0.30 22.04 ? 340  GLN   A CB  1 
ATOM   672  C  CG  A GLN   A 1 78  ? -10.693 -2.451  -8.286  0.70 29.01 ? 340  GLN   A CG  1 
ATOM   673  C  CG  B GLN   A 1 78  ? -12.559 -3.144  -7.277  0.30 22.45 ? 340  GLN   A CG  1 
ATOM   674  C  CD  A GLN   A 1 78  ? -11.225 -3.049  -9.572  0.70 30.60 ? 340  GLN   A CD  1 
ATOM   675  C  CD  B GLN   A 1 78  ? -13.012 -3.955  -8.464  0.30 22.75 ? 340  GLN   A CD  1 
ATOM   676  O  OE1 A GLN   A 1 78  ? -12.067 -3.946  -9.582  0.70 35.11 ? 340  GLN   A OE1 1 
ATOM   677  O  OE1 B GLN   A 1 78  ? -13.081 -3.454  -9.584  0.30 23.19 ? 340  GLN   A OE1 1 
ATOM   678  N  NE2 A GLN   A 1 78  ? -10.712 -2.564  -10.682 0.70 30.88 ? 340  GLN   A NE2 1 
ATOM   679  N  NE2 B GLN   A 1 78  ? -13.351 -5.213  -8.222  0.30 22.57 ? 340  GLN   A NE2 1 
ATOM   680  N  N   . TRP   A 1 79  ? -8.230  -3.762  -5.649  1.00 21.27 ? 341  TRP   A N   1 
ATOM   681  C  CA  . TRP   A 1 79  ? -6.751  -3.778  -5.658  1.00 21.31 ? 341  TRP   A CA  1 
ATOM   682  C  C   . TRP   A 1 79  ? -6.239  -3.534  -7.073  1.00 21.98 ? 341  TRP   A C   1 
ATOM   683  O  O   . TRP   A 1 79  ? -6.997  -3.788  -8.065  1.00 21.21 ? 341  TRP   A O   1 
ATOM   684  C  CB  . TRP   A 1 79  ? -6.251  -5.097  -5.081  1.00 20.00 ? 341  TRP   A CB  1 
ATOM   685  C  CG  . TRP   A 1 79  ? -6.635  -5.310  -3.650  1.00 21.52 ? 341  TRP   A CG  1 
ATOM   686  C  CD1 . TRP   A 1 79  ? -7.637  -6.103  -3.179  1.00 22.56 ? 341  TRP   A CD1 1 
ATOM   687  C  CD2 . TRP   A 1 79  ? -6.046  -4.686  -2.488  1.00 22.18 ? 341  TRP   A CD2 1 
ATOM   688  N  NE1 . TRP   A 1 79  ? -7.690  -6.050  -1.813  1.00 23.06 ? 341  TRP   A NE1 1 
ATOM   689  C  CE2 . TRP   A 1 79  ? -6.716  -5.201  -1.356  1.00 21.62 ? 341  TRP   A CE2 1 
ATOM   690  C  CE3 . TRP   A 1 79  ? -5.001  -3.772  -2.293  1.00 21.10 ? 341  TRP   A CE3 1 
ATOM   691  C  CZ2 . TRP   A 1 79  ? -6.412  -4.798  -0.051  1.00 21.06 ? 341  TRP   A CZ2 1 
ATOM   692  C  CZ3 . TRP   A 1 79  ? -4.683  -3.393  -1.002  1.00 24.25 ? 341  TRP   A CZ3 1 
ATOM   693  C  CH2 . TRP   A 1 79  ? -5.380  -3.905  0.103   1.00 22.45 ? 341  TRP   A CH2 1 
ATOM   694  N  N   . VAL   A 1 80  ? -5.010  -3.036  -7.178  1.00 21.90 ? 342  VAL   A N   1 
ATOM   695  C  CA  . VAL   A 1 80  ? -4.386  -2.695  -8.492  1.00 23.89 ? 342  VAL   A CA  1 
ATOM   696  C  C   . VAL   A 1 80  ? -4.175  -3.965  -9.327  1.00 24.95 ? 342  VAL   A C   1 
ATOM   697  O  O   . VAL   A 1 80  ? -4.005  -3.816  -10.551 1.00 24.60 ? 342  VAL   A O   1 
ATOM   698  C  CB  . VAL   A 1 80  ? -3.075  -1.893  -8.367  1.00 22.92 ? 342  VAL   A CB  1 
ATOM   699  C  CG1 . VAL   A 1 80  ? -3.372  -0.475  -7.926  1.00 24.89 ? 342  VAL   A CG1 1 
ATOM   700  C  CG2 . VAL   A 1 80  ? -2.045  -2.556  -7.478  1.00 24.85 ? 342  VAL   A CG2 1 
ATOM   701  N  N   . ASP   A 1 81  ? -4.251  -5.152  -8.721  1.00 24.32 ? 343  ASP   A N   1 
ATOM   702  C  CA  . ASP   A 1 81  ? -4.221  -6.433  -9.486  1.00 26.07 ? 343  ASP   A CA  1 
ATOM   703  C  C   . ASP   A 1 81  ? -5.623  -6.823  -9.986  1.00 30.31 ? 343  ASP   A C   1 
ATOM   704  O  O   . ASP   A 1 81  ? -5.739  -7.919  -10.579 1.00 29.65 ? 343  ASP   A O   1 
ATOM   705  C  CB  . ASP   A 1 81  ? -3.608  -7.554  -8.655  1.00 26.65 ? 343  ASP   A CB  1 
ATOM   706  C  CG  . ASP   A 1 81  ? -4.446  -8.012  -7.472  1.00 25.00 ? 343  ASP   A CG  1 
ATOM   707  O  OD1 . ASP   A 1 81  ? -5.527  -7.439  -7.235  1.00 26.48 ? 343  ASP   A OD1 1 
ATOM   708  O  OD2 . ASP   A 1 81  ? -4.017  -8.964  -6.809  1.00 28.19 ? 343  ASP   A OD2 1 
ATOM   709  N  N   . GLY   A 1 82  ? -6.642  -5.979  -9.775  1.00 30.59 ? 344  GLY   A N   1 
ATOM   710  C  CA  . GLY   A 1 82  ? -7.999  -6.176  -10.311 1.00 33.73 ? 344  GLY   A CA  1 
ATOM   711  C  C   . GLY   A 1 82  ? -8.913  -6.938  -9.365  1.00 34.62 ? 344  GLY   A C   1 
ATOM   712  O  O   . GLY   A 1 82  ? -10.112 -6.998  -9.664  1.00 39.06 ? 344  GLY   A O   1 
ATOM   713  N  N   . SER   A 1 83  ? -8.380  -7.464  -8.258  1.00 29.67 ? 345  SER   A N   1 
ATOM   714  C  CA  . SER   A 1 83  ? -9.127  -8.253  -7.245  1.00 29.78 ? 345  SER   A CA  1 
ATOM   715  C  C   . SER   A 1 83  ? -9.910  -7.324  -6.314  1.00 30.40 ? 345  SER   A C   1 
ATOM   716  O  O   . SER   A 1 83  ? -9.486  -6.207  -5.989  1.00 27.65 ? 345  SER   A O   1 
ATOM   717  C  CB  . SER   A 1 83  ? -8.229  -9.194  -6.483  1.00 29.63 ? 345  SER   A CB  1 
ATOM   718  O  OG  . SER   A 1 83  ? -7.370  -8.498  -5.593  1.00 29.63 ? 345  SER   A OG  1 
ATOM   719  N  N   . PRO   A 1 84  ? -11.123 -7.737  -5.895  1.00 28.36 ? 346  PRO   A N   1 
ATOM   720  C  CA  . PRO   A 1 84  ? -11.940 -6.909  -5.016  1.00 27.36 ? 346  PRO   A CA  1 
ATOM   721  C  C   . PRO   A 1 84  ? -11.424 -6.926  -3.575  1.00 26.09 ? 346  PRO   A C   1 
ATOM   722  O  O   . PRO   A 1 84  ? -10.732 -7.864  -3.172  1.00 24.05 ? 346  PRO   A O   1 
ATOM   723  C  CB  . PRO   A 1 84  ? -13.324 -7.561  -5.099  1.00 28.49 ? 346  PRO   A CB  1 
ATOM   724  C  CG  . PRO   A 1 84  ? -13.010 -9.019  -5.363  1.00 30.50 ? 346  PRO   A CG  1 
ATOM   725  C  CD  . PRO   A 1 84  ? -11.783 -9.009  -6.253  1.00 30.03 ? 346  PRO   A CD  1 
ATOM   726  N  N   . LEU   A 1 85  ? -11.753 -5.869  -2.841  1.00 24.84 ? 347  LEU   A N   1 
ATOM   727  C  CA  . LEU   A 1 85  ? -11.545 -5.818  -1.383  1.00 24.03 ? 347  LEU   A CA  1 
ATOM   728  C  C   . LEU   A 1 85  ? -12.471 -6.845  -0.747  1.00 25.10 ? 347  LEU   A C   1 
ATOM   729  O  O   . LEU   A 1 85  ? -13.711 -6.685  -0.857  1.00 26.53 ? 347  LEU   A O   1 
ATOM   730  C  CB  . LEU   A 1 85  ? -11.845 -4.412  -0.850  1.00 24.98 ? 347  LEU   A CB  1 
ATOM   731  C  CG  . LEU   A 1 85  ? -11.442 -4.227  0.612   1.00 24.00 ? 347  LEU   A CG  1 
ATOM   732  C  CD1 . LEU   A 1 85  ? -9.967  -4.489  0.791   1.00 23.29 ? 347  LEU   A CD1 1 
ATOM   733  C  CD2 . LEU   A 1 85  ? -11.811 -2.834  1.103   1.00 24.62 ? 347  LEU   A CD2 1 
ATOM   734  N  N   . SER   A 1 86  ? -11.904 -7.833  -0.062  1.00 25.51 ? 348  SER   A N   1 
ATOM   735  C  CA  . SER   A 1 86  ? -12.724 -8.891  0.564   1.00 27.29 ? 348  SER   A CA  1 
ATOM   736  C  C   . SER   A 1 86  ? -13.349 -8.364  1.850   1.00 24.76 ? 348  SER   A C   1 
ATOM   737  O  O   . SER   A 1 86  ? -12.856 -7.428  2.489   1.00 22.44 ? 348  SER   A O   1 
ATOM   738  C  CB  . SER   A 1 86  ? -11.956 -10.163 0.747   1.00 30.56 ? 348  SER   A CB  1 
ATOM   739  O  OG  . SER   A 1 86  ? -10.981 -10.014 1.750   1.00 35.50 ? 348  SER   A OG  1 
ATOM   740  N  N   . PRO   A 1 87  ? -14.529 -8.908  2.197   1.00 26.46 ? 349  PRO   A N   1 
ATOM   741  C  CA  . PRO   A 1 87  ? -15.272 -8.474  3.375   1.00 26.63 ? 349  PRO   A CA  1 
ATOM   742  C  C   . PRO   A 1 87  ? -14.453 -8.470  4.670   1.00 26.45 ? 349  PRO   A C   1 
ATOM   743  O  O   . PRO   A 1 87  ? -14.687 -7.563  5.459   1.00 27.26 ? 349  PRO   A O   1 
ATOM   744  C  CB  . PRO   A 1 87  ? -16.461 -9.452  3.454   1.00 27.93 ? 349  PRO   A CB  1 
ATOM   745  C  CG  . PRO   A 1 87  ? -16.654 -9.933  2.034   1.00 26.56 ? 349  PRO   A CG  1 
ATOM   746  C  CD  . PRO   A 1 87  ? -15.282 -9.882  1.385   1.00 26.57 ? 349  PRO   A CD  1 
ATOM   747  N  N   . SER   A 1 88  ? -13.525 -9.423  4.857   1.00 26.91 ? 350  SER   A N   1 
ATOM   748  C  CA  . SER   A 1 88  ? -12.756 -9.561  6.127   1.00 27.83 ? 350  SER   A CA  1 
ATOM   749  C  C   . SER   A 1 88  ? -11.672 -8.478  6.253   1.00 26.76 ? 350  SER   A C   1 
ATOM   750  O  O   . SER   A 1 88  ? -10.993 -8.463  7.267   1.00 23.50 ? 350  SER   A O   1 
ATOM   751  C  CB  . SER   A 1 88  ? -12.194 -10.948 6.291   1.00 28.26 ? 350  SER   A CB  1 
ATOM   752  O  OG  . SER   A 1 88  ? -11.262 -11.245 5.278   1.00 30.65 ? 350  SER   A OG  1 
ATOM   753  N  N   . PHE   A 1 89  ? -11.554 -7.580  5.269   1.00 28.77 ? 351  PHE   A N   1 
ATOM   754  C  CA  . PHE   A 1 89  ? -10.595 -6.439  5.256   1.00 28.51 ? 351  PHE   A CA  1 
ATOM   755  C  C   . PHE   A 1 89  ? -11.332 -5.122  5.508   1.00 26.01 ? 351  PHE   A C   1 
ATOM   756  O  O   . PHE   A 1 89  ? -10.671 -4.132  5.808   1.00 27.96 ? 351  PHE   A O   1 
ATOM   757  C  CB  . PHE   A 1 89  ? -9.798  -6.389  3.945   1.00 29.20 ? 351  PHE   A CB  1 
ATOM   758  C  CG  . PHE   A 1 89  ? -8.757  -7.476  3.827   1.00 35.81 ? 351  PHE   A CG  1 
ATOM   759  C  CD1 . PHE   A 1 89  ? -9.132  -8.808  3.728   1.00 39.83 ? 351  PHE   A CD1 1 
ATOM   760  C  CD2 . PHE   A 1 89  ? -7.402  -7.188  3.869   1.00 40.95 ? 351  PHE   A CD2 1 
ATOM   761  C  CE1 . PHE   A 1 89  ? -8.186  -9.818  3.633   1.00 41.85 ? 351  PHE   A CE1 1 
ATOM   762  C  CE2 . PHE   A 1 89  ? -6.453  -8.199  3.787   1.00 42.59 ? 351  PHE   A CE2 1 
ATOM   763  C  CZ  . PHE   A 1 89  ? -6.843  -9.513  3.660   1.00 43.53 ? 351  PHE   A CZ  1 
ATOM   764  N  N   . GLN   A 1 90  ? -12.658 -5.098  5.426   1.00 27.82 ? 352  GLN   A N   1 
ATOM   765  C  CA  . GLN   A 1 90  ? -13.417 -3.855  5.723   1.00 27.92 ? 352  GLN   A CA  1 
ATOM   766  C  C   . GLN   A 1 90  ? -13.087 -3.381  7.145   1.00 26.71 ? 352  GLN   A C   1 
ATOM   767  O  O   . GLN   A 1 90  ? -13.252 -2.180  7.411   1.00 26.14 ? 352  GLN   A O   1 
ATOM   768  C  CB  . GLN   A 1 90  ? -14.925 -4.038  5.533   1.00 29.76 ? 352  GLN   A CB  1 
ATOM   769  C  CG  . GLN   A 1 90  ? -15.342 -4.358  4.100   1.00 31.68 ? 352  GLN   A CG  1 
ATOM   770  C  CD  . GLN   A 1 90  ? -15.074 -3.244  3.114   1.00 33.59 ? 352  GLN   A CD  1 
ATOM   771  O  OE1 . GLN   A 1 90  ? -14.775 -2.103  3.477   1.00 29.58 ? 352  GLN   A OE1 1 
ATOM   772  N  NE2 . GLN   A 1 90  ? -15.169 -3.578  1.839   1.00 33.99 ? 352  GLN   A NE2 1 
ATOM   773  N  N   . ARG   A 1 91  ? -12.621 -4.258  8.040   1.00 25.42 ? 353  ARG   A N   1 
ATOM   774  C  CA  A ARG   A 1 91  ? -12.339 -3.883  9.458   0.70 25.35 ? 353  ARG   A CA  1 
ATOM   775  C  CA  B ARG   A 1 91  ? -12.335 -3.891  9.461   0.30 25.36 ? 353  ARG   A CA  1 
ATOM   776  C  C   . ARG   A 1 91  ? -11.148 -2.912  9.574   1.00 25.29 ? 353  ARG   A C   1 
ATOM   777  O  O   . ARG   A 1 91  ? -11.059 -2.211  10.618  1.00 25.18 ? 353  ARG   A O   1 
ATOM   778  C  CB  A ARG   A 1 91  ? -12.109 -5.122  10.336  0.70 25.44 ? 353  ARG   A CB  1 
ATOM   779  C  CB  B ARG   A 1 91  ? -12.105 -5.140  10.325  0.30 25.33 ? 353  ARG   A CB  1 
ATOM   780  C  CG  A ARG   A 1 91  ? -10.882 -5.960  10.004  0.70 26.47 ? 353  ARG   A CG  1 
ATOM   781  C  CG  B ARG   A 1 91  ? -10.962 -6.045  9.885   0.30 25.74 ? 353  ARG   A CG  1 
ATOM   782  C  CD  A ARG   A 1 91  ? -10.447 -6.842  11.169  0.70 27.51 ? 353  ARG   A CD  1 
ATOM   783  C  CD  B ARG   A 1 91  ? -10.828 -7.289  10.750  0.30 25.83 ? 353  ARG   A CD  1 
ATOM   784  N  NE  A ARG   A 1 91  ? -10.017 -6.032  12.311  0.70 26.64 ? 353  ARG   A NE  1 
ATOM   785  N  NE  B ARG   A 1 91  ? -9.656  -8.071  10.379  0.30 26.65 ? 353  ARG   A NE  1 
ATOM   786  C  CZ  A ARG   A 1 91  ? -10.752 -5.727  13.381  0.70 28.00 ? 353  ARG   A CZ  1 
ATOM   787  C  CZ  B ARG   A 1 91  ? -9.687  -9.192  9.674   0.30 26.38 ? 353  ARG   A CZ  1 
ATOM   788  N  NH1 A ARG   A 1 91  ? -11.976 -6.196  13.519  0.70 26.72 ? 353  ARG   A NH1 1 
ATOM   789  N  NH1 B ARG   A 1 91  ? -10.842 -9.688  9.278   0.30 25.98 ? 353  ARG   A NH1 1 
ATOM   790  N  NH2 A ARG   A 1 91  ? -10.257 -4.935  14.317  0.70 27.77 ? 353  ARG   A NH2 1 
ATOM   791  N  NH2 B ARG   A 1 91  ? -8.568  -9.815  9.357   0.30 28.26 ? 353  ARG   A NH2 1 
ATOM   792  N  N   . TYR   A 1 92  ? -10.249 -2.866  8.588   1.00 24.06 ? 354  TYR   A N   1 
ATOM   793  C  CA  . TYR   A 1 92  ? -8.972  -2.114  8.712   1.00 24.87 ? 354  TYR   A CA  1 
ATOM   794  C  C   . TYR   A 1 92  ? -9.160  -0.616  8.453   1.00 23.67 ? 354  TYR   A C   1 
ATOM   795  O  O   . TYR   A 1 92  ? -8.271  0.167   8.847   1.00 23.89 ? 354  TYR   A O   1 
ATOM   796  C  CB  . TYR   A 1 92  ? -7.898  -2.742  7.832   1.00 25.03 ? 354  TYR   A CB  1 
ATOM   797  C  CG  . TYR   A 1 92  ? -7.625  -4.174  8.194   1.00 24.79 ? 354  TYR   A CG  1 
ATOM   798  C  CD1 . TYR   A 1 92  ? -7.228  -4.507  9.476   1.00 29.31 ? 354  TYR   A CD1 1 
ATOM   799  C  CD2 . TYR   A 1 92  ? -7.771  -5.192  7.262   1.00 27.90 ? 354  TYR   A CD2 1 
ATOM   800  C  CE1 . TYR   A 1 92  ? -6.989  -5.824  9.843   1.00 28.85 ? 354  TYR   A CE1 1 
ATOM   801  C  CE2 . TYR   A 1 92  ? -7.504  -6.512  7.598   1.00 27.81 ? 354  TYR   A CE2 1 
ATOM   802  C  CZ  . TYR   A 1 92  ? -7.129  -6.826  8.895   1.00 29.96 ? 354  TYR   A CZ  1 
ATOM   803  O  OH  . TYR   A 1 92  ? -6.891  -8.118  9.235   1.00 34.78 ? 354  TYR   A OH  1 
ATOM   804  N  N   . TRP   A 1 93  ? -10.267 -0.208  7.839   1.00 23.55 ? 355  TRP   A N   1 
ATOM   805  C  CA  . TRP   A 1 93  ? -10.568 1.244   7.714   1.00 22.74 ? 355  TRP   A CA  1 
ATOM   806  C  C   . TRP   A 1 93  ? -10.550 1.874   9.108   1.00 23.78 ? 355  TRP   A C   1 
ATOM   807  O  O   . TRP   A 1 93  ? -11.171 1.292   10.024  1.00 22.99 ? 355  TRP   A O   1 
ATOM   808  C  CB  . TRP   A 1 93  ? -11.927 1.481   7.072   1.00 22.78 ? 355  TRP   A CB  1 
ATOM   809  C  CG  . TRP   A 1 93  ? -12.032 1.087   5.637   1.00 21.61 ? 355  TRP   A CG  1 
ATOM   810  C  CD1 . TRP   A 1 93  ? -12.741 0.042   5.126   1.00 22.91 ? 355  TRP   A CD1 1 
ATOM   811  C  CD2 . TRP   A 1 93  ? -11.402 1.745   4.530   1.00 20.09 ? 355  TRP   A CD2 1 
ATOM   812  N  NE1 . TRP   A 1 93  ? -12.598 0.001   3.769   1.00 21.11 ? 355  TRP   A NE1 1 
ATOM   813  C  CE2 . TRP   A 1 93  ? -11.775 1.028   3.373   1.00 20.45 ? 355  TRP   A CE2 1 
ATOM   814  C  CE3 . TRP   A 1 93  ? -10.559 2.861   4.401   1.00 20.65 ? 355  TRP   A CE3 1 
ATOM   815  C  CZ2 . TRP   A 1 93  ? -11.357 1.418   2.102   1.00 21.48 ? 355  TRP   A CZ2 1 
ATOM   816  C  CZ3 . TRP   A 1 93  ? -10.133 3.233   3.143   1.00 20.04 ? 355  TRP   A CZ3 1 
ATOM   817  C  CH2 . TRP   A 1 93  ? -10.523 2.514   2.011   1.00 20.41 ? 355  TRP   A CH2 1 
ATOM   818  N  N   . ASN   A 1 94  ? -9.949  3.048   9.260   1.00 23.73 ? 356  ASN   A N   1 
ATOM   819  C  CA  . ASN   A 1 94  ? -10.091 3.835   10.511  1.00 24.09 ? 356  ASN   A CA  1 
ATOM   820  C  C   . ASN   A 1 94  ? -11.570 4.116   10.795  1.00 24.88 ? 356  ASN   A C   1 
ATOM   821  O  O   . ASN   A 1 94  ? -12.385 4.161   9.844   1.00 23.38 ? 356  ASN   A O   1 
ATOM   822  C  CB  . ASN   A 1 94  ? -9.287  5.130   10.478  1.00 22.18 ? 356  ASN   A CB  1 
ATOM   823  C  CG  . ASN   A 1 94  ? -7.790  4.893   10.465  1.00 23.08 ? 356  ASN   A CG  1 
ATOM   824  O  OD1 . ASN   A 1 94  ? -7.288  3.876   10.961  1.00 22.11 ? 356  ASN   A OD1 1 
ATOM   825  N  ND2 . ASN   A 1 94  ? -7.067  5.814   9.861   1.00 21.40 ? 356  ASN   A ND2 1 
ATOM   826  N  N   . SER   A 1 95  ? -11.903 4.275   12.079  1.00 27.19 ? 357  SER   A N   1 
ATOM   827  C  CA  . SER   A 1 95  ? -13.234 4.776   12.518  1.00 28.92 ? 357  SER   A CA  1 
ATOM   828  C  C   . SER   A 1 95  ? -13.637 5.976   11.644  1.00 29.62 ? 357  SER   A C   1 
ATOM   829  O  O   . SER   A 1 95  ? -12.816 6.902   11.479  1.00 30.62 ? 357  SER   A O   1 
ATOM   830  C  CB  . SER   A 1 95  ? -13.241 5.152   13.973  1.00 31.65 ? 357  SER   A CB  1 
ATOM   831  O  OG  . SER   A 1 95  ? -14.508 5.702   14.325  1.00 31.77 ? 357  SER   A OG  1 
ATOM   832  N  N   . GLY   A 1 96  ? -14.834 5.935   11.068  1.00 29.98 ? 358  GLY   A N   1 
ATOM   833  C  CA  . GLY   A 1 96  ? -15.365 6.991   10.187  1.00 30.05 ? 358  GLY   A CA  1 
ATOM   834  C  C   . GLY   A 1 96  ? -14.898 6.909   8.742   1.00 30.23 ? 358  GLY   A C   1 
ATOM   835  O  O   . GLY   A 1 96  ? -15.353 7.737   7.956   1.00 30.70 ? 358  GLY   A O   1 
ATOM   836  N  N   . GLU   A 1 97  ? -14.024 5.968   8.385   1.00 27.32 ? 359  GLU   A N   1 
ATOM   837  C  CA  . GLU   A 1 97  ? -13.506 5.865   6.997   1.00 24.85 ? 359  GLU   A CA  1 
ATOM   838  C  C   . GLU   A 1 97  ? -14.106 4.618   6.350   1.00 26.00 ? 359  GLU   A C   1 
ATOM   839  O  O   . GLU   A 1 97  ? -14.534 3.689   7.049   1.00 22.49 ? 359  GLU   A O   1 
ATOM   840  C  CB  . GLU   A 1 97  ? -11.977 5.800   6.950   1.00 24.70 ? 359  GLU   A CB  1 
ATOM   841  C  CG  . GLU   A 1 97  ? -11.270 6.870   7.748   1.00 24.48 ? 359  GLU   A CG  1 
ATOM   842  C  CD  . GLU   A 1 97  ? -11.324 8.278   7.190   1.00 26.32 ? 359  GLU   A CD  1 
ATOM   843  O  OE1 . GLU   A 1 97  ? -11.822 8.430   6.069   1.00 25.49 ? 359  GLU   A OE1 1 
ATOM   844  O  OE2 . GLU   A 1 97  ? -10.829 9.228   7.889   1.00 29.06 ? 359  GLU   A OE2 1 
ATOM   845  N  N   . PRO   A 1 98  ? -14.193 4.565   5.004   1.00 22.32 ? 360  PRO   A N   1 
ATOM   846  C  CA  . PRO   A 1 98  ? -13.827 5.699   4.153   1.00 23.46 ? 360  PRO   A CA  1 
ATOM   847  C  C   . PRO   A 1 98  ? -14.927 6.770   4.194   1.00 24.94 ? 360  PRO   A C   1 
ATOM   848  O  O   . PRO   A 1 98  ? -16.119 6.435   4.306   1.00 25.10 ? 360  PRO   A O   1 
ATOM   849  C  CB  . PRO   A 1 98  ? -13.637 5.062   2.763   1.00 23.15 ? 360  PRO   A CB  1 
ATOM   850  C  CG  . PRO   A 1 98  ? -14.497 3.819   2.778   1.00 23.49 ? 360  PRO   A CG  1 
ATOM   851  C  CD  . PRO   A 1 98  ? -14.590 3.375   4.230   1.00 21.89 ? 360  PRO   A CD  1 
ATOM   852  N  N   . ASN   A 1 99  ? -14.541 8.043   4.128   1.00 23.46 ? 361  ASN   A N   1 
ATOM   853  C  CA  . ASN   A 1 99  ? -15.515 9.149   4.313   1.00 24.40 ? 361  ASN   A CA  1 
ATOM   854  C  C   . ASN   A 1 99  ? -15.603 10.047  3.074   1.00 26.67 ? 361  ASN   A C   1 
ATOM   855  O  O   . ASN   A 1 99  ? -16.418 10.984  3.103   1.00 29.39 ? 361  ASN   A O   1 
ATOM   856  C  CB  . ASN   A 1 99  ? -15.214 9.944   5.578   1.00 24.41 ? 361  ASN   A CB  1 
ATOM   857  C  CG  . ASN   A 1 99  ? -13.943 10.744  5.484   1.00 24.79 ? 361  ASN   A CG  1 
ATOM   858  O  OD1 . ASN   A 1 99  ? -13.147 10.559  4.559   1.00 24.73 ? 361  ASN   A OD1 1 
ATOM   859  N  ND2 . ASN   A 1 99  ? -13.744 11.618  6.448   1.00 26.32 ? 361  ASN   A ND2 1 
ATOM   860  N  N   . ASN   A 1 100 ? -14.783 9.832   2.046   1.00 25.86 ? 362  ASN   A N   1 
ATOM   861  C  CA  . ASN   A 1 100 ? -14.852 10.649  0.810   1.00 28.54 ? 362  ASN   A CA  1 
ATOM   862  C  C   . ASN   A 1 100 ? -14.855 12.137  1.167   1.00 28.78 ? 362  ASN   A C   1 
ATOM   863  O  O   . ASN   A 1 100 ? -15.706 12.902  0.653   1.00 28.65 ? 362  ASN   A O   1 
ATOM   864  C  CB  . ASN   A 1 100 ? -16.104 10.318  0.000   1.00 30.48 ? 362  ASN   A CB  1 
ATOM   865  C  CG  . ASN   A 1 100 ? -16.014 10.911  -1.384  1.00 31.50 ? 362  ASN   A CG  1 
ATOM   866  O  OD1 . ASN   A 1 100 ? -14.918 11.120  -1.896  1.00 30.88 ? 362  ASN   A OD1 1 
ATOM   867  N  ND2 . ASN   A 1 100 ? -17.153 11.217  -1.971  1.00 33.76 ? 362  ASN   A ND2 1 
ATOM   868  N  N   . SER   A 1 101 ? -13.914 12.541  2.006   1.00 26.84 ? 363  SER   A N   1 
ATOM   869  C  CA  . SER   A 1 101 ? -13.746 13.941  2.442   1.00 26.97 ? 363  SER   A CA  1 
ATOM   870  C  C   . SER   A 1 101 ? -12.986 14.719  1.356   1.00 24.97 ? 363  SER   A C   1 
ATOM   871  O  O   . SER   A 1 101 ? -11.771 14.791  1.400   1.00 27.58 ? 363  SER   A O   1 
ATOM   872  C  CB  . SER   A 1 101 ? -13.080 13.973  3.776   1.00 26.29 ? 363  SER   A CB  1 
ATOM   873  O  OG  . SER   A 1 101 ? -13.039 15.286  4.266   1.00 27.25 ? 363  SER   A OG  1 
ATOM   874  N  N   . GLY   A 1 102 ? -13.683 15.234  0.351   1.00 28.14 ? 364  GLY   A N   1 
ATOM   875  C  CA  . GLY   A 1 102 ? -13.033 16.022  -0.720  1.00 29.08 ? 364  GLY   A CA  1 
ATOM   876  C  C   . GLY   A 1 102 ? -12.640 15.186  -1.929  1.00 28.48 ? 364  GLY   A C   1 
ATOM   877  O  O   . GLY   A 1 102 ? -11.608 15.510  -2.516  1.00 31.79 ? 364  GLY   A O   1 
ATOM   878  N  N   . ASN   A 1 103 ? -13.464 14.206  -2.334  1.00 27.91 ? 365  ASN   A N   1 
ATOM   879  C  CA  . ASN   A 1 103 ? -13.237 13.346  -3.535  1.00 27.93 ? 365  ASN   A CA  1 
ATOM   880  C  C   . ASN   A 1 103 ? -11.997 12.476  -3.326  1.00 26.15 ? 365  ASN   A C   1 
ATOM   881  O  O   . ASN   A 1 103 ? -10.957 12.717  -3.983  1.00 22.37 ? 365  ASN   A O   1 
ATOM   882  C  CB  . ASN   A 1 103 ? -13.109 14.157  -4.825  1.00 28.65 ? 365  ASN   A CB  1 
ATOM   883  C  CG  . ASN   A 1 103 ? -14.319 15.032  -5.067  1.00 34.64 ? 365  ASN   A CG  1 
ATOM   884  O  OD1 . ASN   A 1 103 ? -15.454 14.643  -4.770  1.00 36.96 ? 365  ASN   A OD1 1 
ATOM   885  N  ND2 . ASN   A 1 103 ? -14.087 16.219  -5.609  1.00 37.67 ? 365  ASN   A ND2 1 
ATOM   886  N  N   . GLU   A 1 104 ? -12.121 11.522  -2.406  1.00 23.05 ? 366  GLU   A N   1 
ATOM   887  C  CA  . GLU   A 1 104 ? -11.035 10.615  -1.968  1.00 22.45 ? 366  GLU   A CA  1 
ATOM   888  C  C   . GLU   A 1 104 ? -11.249 9.235   -2.588  1.00 22.27 ? 366  GLU   A C   1 
ATOM   889  O  O   . GLU   A 1 104 ? -12.162 8.515   -2.133  1.00 22.66 ? 366  GLU   A O   1 
ATOM   890  C  CB  . GLU   A 1 104 ? -11.019 10.563  -0.444  1.00 22.58 ? 366  GLU   A CB  1 
ATOM   891  C  CG  . GLU   A 1 104 ? -10.969 11.936  0.167   1.00 22.59 ? 366  GLU   A CG  1 
ATOM   892  C  CD  . GLU   A 1 104 ? -10.580 11.947  1.623   1.00 21.29 ? 366  GLU   A CD  1 
ATOM   893  O  OE1 . GLU   A 1 104 ? -11.329 11.373  2.424   1.00 20.49 ? 366  GLU   A OE1 1 
ATOM   894  O  OE2 . GLU   A 1 104 ? -9.519  12.524  1.948   1.00 23.50 ? 366  GLU   A OE2 1 
ATOM   895  N  N   . ASP   A 1 105 ? -10.409 8.843   -3.552  1.00 21.78 ? 367  ASP   A N   1 
ATOM   896  C  CA  . ASP   A 1 105 ? -10.570 7.540   -4.255  1.00 21.79 ? 367  ASP   A CA  1 
ATOM   897  C  C   . ASP   A 1 105 ? -9.409  6.567   -4.011  1.00 23.63 ? 367  ASP   A C   1 
ATOM   898  O  O   . ASP   A 1 105 ? -9.429  5.472   -4.617  1.00 21.69 ? 367  ASP   A O   1 
ATOM   899  C  CB  . ASP   A 1 105 ? -10.717 7.784   -5.753  1.00 25.16 ? 367  ASP   A CB  1 
ATOM   900  C  CG  . ASP   A 1 105 ? -11.983 8.535   -6.087  1.00 25.48 ? 367  ASP   A CG  1 
ATOM   901  O  OD1 . ASP   A 1 105 ? -13.069 8.069   -5.679  1.00 27.59 ? 367  ASP   A OD1 1 
ATOM   902  O  OD2 . ASP   A 1 105 ? -11.864 9.563   -6.737  1.00 27.12 ? 367  ASP   A OD2 1 
ATOM   903  N  N   . CYS   A 1 106 ? -8.399  6.945   -3.222  1.00 21.66 ? 368  CYS   A N   1 
ATOM   904  C  CA  . CYS   A 1 106 ? -7.126  6.181   -3.129  1.00 21.87 ? 368  CYS   A CA  1 
ATOM   905  C  C   . CYS   A 1 106 ? -6.864  5.813   -1.661  1.00 22.24 ? 368  CYS   A C   1 
ATOM   906  O  O   . CYS   A 1 106 ? -6.941  6.722   -0.790  1.00 19.91 ? 368  CYS   A O   1 
ATOM   907  C  CB  . CYS   A 1 106 ? -5.980  6.968   -3.766  1.00 22.67 ? 368  CYS   A CB  1 
ATOM   908  S  SG  . CYS   A 1 106 ? -6.080  6.970   -5.580  1.00 23.22 ? 368  CYS   A SG  1 
ATOM   909  N  N   . ALA   A 1 107 ? -6.554  4.545   -1.383  1.00 21.21 ? 369  ALA   A N   1 
ATOM   910  C  CA  . ALA   A 1 107 ? -6.416  4.064   0.017   1.00 20.26 ? 369  ALA   A CA  1 
ATOM   911  C  C   . ALA   A 1 107 ? -4.968  4.237   0.503   1.00 18.73 ? 369  ALA   A C   1 
ATOM   912  O  O   . ALA   A 1 107 ? -4.007  4.080   -0.295  1.00 18.82 ? 369  ALA   A O   1 
ATOM   913  C  CB  . ALA   A 1 107 ? -6.891  2.639   0.177   1.00 20.08 ? 369  ALA   A CB  1 
ATOM   914  N  N   . GLU   A 1 108 ? -4.818  4.539   1.788   1.00 17.97 ? 370  GLU   A N   1 
ATOM   915  C  CA  . GLU   A 1 108 ? -3.499  4.642   2.451   1.00 18.27 ? 370  GLU   A CA  1 
ATOM   916  C  C   . GLU   A 1 108 ? -3.563  4.044   3.856   1.00 18.78 ? 370  GLU   A C   1 
ATOM   917  O  O   . GLU   A 1 108 ? -4.645  4.027   4.459   1.00 20.07 ? 370  GLU   A O   1 
ATOM   918  C  CB  . GLU   A 1 108 ? -3.050  6.095   2.548   1.00 19.09 ? 370  GLU   A CB  1 
ATOM   919  C  CG  . GLU   A 1 108 ? -3.958  6.938   3.428   1.00 18.90 ? 370  GLU   A CG  1 
ATOM   920  C  CD  . GLU   A 1 108 ? -3.488  8.354   3.695   1.00 20.14 ? 370  GLU   A CD  1 
ATOM   921  O  OE1 . GLU   A 1 108 ? -4.307  9.140   4.173   1.00 20.41 ? 370  GLU   A OE1 1 
ATOM   922  O  OE2 . GLU   A 1 108 ? -2.291  8.671   3.410   1.00 23.24 ? 370  GLU   A OE2 1 
ATOM   923  N  N   . PHE   A 1 109 ? -2.397  3.686   4.371   1.00 20.01 ? 371  PHE   A N   1 
ATOM   924  C  CA  . PHE   A 1 109 ? -2.156  3.424   5.807   1.00 20.81 ? 371  PHE   A CA  1 
ATOM   925  C  C   . PHE   A 1 109 ? -2.178  4.785   6.502   1.00 20.66 ? 371  PHE   A C   1 
ATOM   926  O  O   . PHE   A 1 109 ? -1.580  5.751   5.977   1.00 19.05 ? 371  PHE   A O   1 
ATOM   927  C  CB  . PHE   A 1 109 ? -0.822  2.720   6.027   1.00 21.15 ? 371  PHE   A CB  1 
ATOM   928  C  CG  . PHE   A 1 109 ? -0.763  1.370   5.381   1.00 22.82 ? 371  PHE   A CG  1 
ATOM   929  C  CD1 . PHE   A 1 109 ? -1.375  0.280   5.984   1.00 20.88 ? 371  PHE   A CD1 1 
ATOM   930  C  CD2 . PHE   A 1 109 ? -0.136  1.200   4.153   1.00 21.56 ? 371  PHE   A CD2 1 
ATOM   931  C  CE1 . PHE   A 1 109 ? -1.341  -0.965  5.380   1.00 22.36 ? 371  PHE   A CE1 1 
ATOM   932  C  CE2 . PHE   A 1 109 ? -0.109  -0.044  3.554   1.00 21.74 ? 371  PHE   A CE2 1 
ATOM   933  C  CZ  . PHE   A 1 109 ? -0.715  -1.123  4.166   1.00 20.99 ? 371  PHE   A CZ  1 
ATOM   934  N  N   . SER   A 1 110 ? -2.983  4.898   7.550   1.00 22.93 ? 372  SER   A N   1 
ATOM   935  C  CA  . SER   A 1 110 ? -3.121  6.150   8.335   1.00 23.87 ? 372  SER   A CA  1 
ATOM   936  C  C   . SER   A 1 110 ? -3.263  5.795   9.812   1.00 24.00 ? 372  SER   A C   1 
ATOM   937  O  O   . SER   A 1 110 ? -4.282  5.192   10.168  1.00 26.60 ? 372  SER   A O   1 
ATOM   938  C  CB  . SER   A 1 110 ? -4.277  6.963   7.862   1.00 26.22 ? 372  SER   A CB  1 
ATOM   939  O  OG  . SER   A 1 110 ? -4.420  8.126   8.671   1.00 26.91 ? 372  SER   A OG  1 
ATOM   940  N  N   . GLY   A 1 111 ? -2.246  6.074   10.621  1.00 25.01 ? 373  GLY   A N   1 
ATOM   941  C  CA  . GLY   A 1 111 ? -2.256  5.683   12.044  1.00 27.42 ? 373  GLY   A CA  1 
ATOM   942  C  C   . GLY   A 1 111 ? -2.424  4.185   12.205  1.00 25.81 ? 373  GLY   A C   1 
ATOM   943  O  O   . GLY   A 1 111 ? -1.574  3.440   11.678  1.00 28.90 ? 373  GLY   A O   1 
ATOM   944  N  N   . SER   A 1 112 ? -3.495  3.737   12.870  1.00 23.70 ? 374  SER   A N   1 
ATOM   945  C  CA  . SER   A 1 112 ? -3.707  2.307   13.230  1.00 26.60 ? 374  SER   A CA  1 
ATOM   946  C  C   . SER   A 1 112 ? -4.518  1.555   12.160  1.00 24.64 ? 374  SER   A C   1 
ATOM   947  O  O   . SER   A 1 112 ? -4.621  0.342   12.271  1.00 26.67 ? 374  SER   A O   1 
ATOM   948  C  CB  . SER   A 1 112 ? -4.359  2.166   14.606  1.00 28.29 ? 374  SER   A CB  1 
ATOM   949  O  OG  . SER   A 1 112 ? -5.577  2.903   14.672  1.00 31.82 ? 374  SER   A OG  1 
ATOM   950  N  N   . GLY   A 1 113 ? -5.042  2.228   11.138  1.00 22.54 ? 375  GLY   A N   1 
ATOM   951  C  CA  . GLY   A 1 113 ? -5.815  1.561   10.073  1.00 22.56 ? 375  GLY   A CA  1 
ATOM   952  C  C   . GLY   A 1 113 ? -5.661  2.253   8.726   1.00 22.15 ? 375  GLY   A C   1 
ATOM   953  O  O   . GLY   A 1 113 ? -4.550  2.739   8.406   1.00 22.84 ? 375  GLY   A O   1 
ATOM   954  N  N   . TRP   A 1 114 ? -6.730  2.228   7.933   1.00 20.54 ? 376  TRP   A N   1 
ATOM   955  C  CA  . TRP   A 1 114 ? -6.723  2.753   6.543   1.00 20.15 ? 376  TRP   A CA  1 
ATOM   956  C  C   . TRP   A 1 114 ? -7.548  4.032   6.435   1.00 20.64 ? 376  TRP   A C   1 
ATOM   957  O  O   . TRP   A 1 114 ? -8.558  4.188   7.123   1.00 21.64 ? 376  TRP   A O   1 
ATOM   958  C  CB  . TRP   A 1 114 ? -7.254  1.724   5.554   1.00 19.88 ? 376  TRP   A CB  1 
ATOM   959  C  CG  . TRP   A 1 114 ? -6.608  0.380   5.571   1.00 20.69 ? 376  TRP   A CG  1 
ATOM   960  C  CD1 . TRP   A 1 114 ? -5.499  -0.046  6.240   1.00 21.09 ? 376  TRP   A CD1 1 
ATOM   961  C  CD2 . TRP   A 1 114 ? -7.044  -0.722  4.764   1.00 21.12 ? 376  TRP   A CD2 1 
ATOM   962  N  NE1 . TRP   A 1 114 ? -5.227  -1.347  5.913   1.00 22.55 ? 376  TRP   A NE1 1 
ATOM   963  C  CE2 . TRP   A 1 114 ? -6.160  -1.786  5.010   1.00 21.42 ? 376  TRP   A CE2 1 
ATOM   964  C  CE3 . TRP   A 1 114 ? -8.094  -0.883  3.852   1.00 20.64 ? 376  TRP   A CE3 1 
ATOM   965  C  CZ2 . TRP   A 1 114 ? -6.309  -3.019  4.378   1.00 22.27 ? 376  TRP   A CZ2 1 
ATOM   966  C  CZ3 . TRP   A 1 114 ? -8.255  -2.109  3.254   1.00 20.94 ? 376  TRP   A CZ3 1 
ATOM   967  C  CH2 . TRP   A 1 114 ? -7.362  -3.151  3.504   1.00 20.31 ? 376  TRP   A CH2 1 
ATOM   968  N  N   . ASN   A 1 115 ? -7.142  4.890   5.513   1.00 20.85 ? 377  ASN   A N   1 
ATOM   969  C  CA  . ASN   A 1 115 ? -7.880  6.117   5.173   1.00 22.05 ? 377  ASN   A CA  1 
ATOM   970  C  C   . ASN   A 1 115 ? -8.049  6.188   3.656   1.00 20.82 ? 377  ASN   A C   1 
ATOM   971  O  O   . ASN   A 1 115 ? -7.133  5.763   2.928   1.00 20.69 ? 377  ASN   A O   1 
ATOM   972  C  CB  . ASN   A 1 115 ? -7.148  7.323   5.743   1.00 21.34 ? 377  ASN   A CB  1 
ATOM   973  C  CG  . ASN   A 1 115 ? -7.825  8.612   5.345   1.00 21.44 ? 377  ASN   A CG  1 
ATOM   974  O  OD1 . ASN   A 1 115 ? -9.026  8.771   5.550   1.00 22.55 ? 377  ASN   A OD1 1 
ATOM   975  N  ND2 . ASN   A 1 115 ? -7.072  9.497   4.730   1.00 20.30 ? 377  ASN   A ND2 1 
ATOM   976  N  N   . ASP   A 1 116 ? -9.172  6.729   3.197   1.00 20.68 ? 378  ASP   A N   1 
ATOM   977  C  CA  . ASP   A 1 116 ? -9.319  7.131   1.771   1.00 21.43 ? 378  ASP   A CA  1 
ATOM   978  C  C   . ASP   A 1 116 ? -8.825  8.579   1.669   1.00 21.50 ? 378  ASP   A C   1 
ATOM   979  O  O   . ASP   A 1 116 ? -9.259  9.433   2.488   1.00 20.99 ? 378  ASP   A O   1 
ATOM   980  C  CB  . ASP   A 1 116 ? -10.741 6.915   1.244   1.00 22.88 ? 378  ASP   A CB  1 
ATOM   981  C  CG  . ASP   A 1 116 ? -11.784 7.736   1.979   1.00 23.64 ? 378  ASP   A CG  1 
ATOM   982  O  OD1 . ASP   A 1 116 ? -11.504 8.104   3.134   1.00 22.68 ? 378  ASP   A OD1 1 
ATOM   983  O  OD2 . ASP   A 1 116 ? -12.841 8.015   1.387   1.00 23.52 ? 378  ASP   A OD2 1 
ATOM   984  N  N   . ASN   A 1 117 ? -7.933  8.835   0.716   1.00 20.04 ? 379  ASN   A N   1 
ATOM   985  C  CA  . ASN   A 1 117 ? -7.358  10.178  0.488   1.00 20.67 ? 379  ASN   A CA  1 
ATOM   986  C  C   . ASN   A 1 117 ? -7.544  10.582  -0.972  1.00 20.90 ? 379  ASN   A C   1 
ATOM   987  O  O   . ASN   A 1 117 ? -7.849  9.713   -1.841  1.00 18.99 ? 379  ASN   A O   1 
ATOM   988  C  CB  . ASN   A 1 117 ? -5.891  10.240  0.905   1.00 21.06 ? 379  ASN   A CB  1 
ATOM   989  C  CG  . ASN   A 1 117 ? -5.518  11.594  1.470   1.00 23.20 ? 379  ASN   A CG  1 
ATOM   990  O  OD1 . ASN   A 1 117 ? -5.995  12.621  0.998   1.00 24.16 ? 379  ASN   A OD1 1 
ATOM   991  N  ND2 . ASN   A 1 117 ? -4.682  11.609  2.495   1.00 26.57 ? 379  ASN   A ND2 1 
ATOM   992  N  N   . ARG   A 1 118 ? -7.406  11.875  -1.236  1.00 23.21 ? 380  ARG   A N   1 
ATOM   993  C  CA  . ARG   A 1 118 ? -7.371  12.374  -2.639  1.00 22.02 ? 380  ARG   A CA  1 
ATOM   994  C  C   . ARG   A 1 118 ? -6.146  11.762  -3.336  1.00 19.54 ? 380  ARG   A C   1 
ATOM   995  O  O   . ARG   A 1 118 ? -5.002  11.842  -2.768  1.00 20.76 ? 380  ARG   A O   1 
ATOM   996  C  CB  . ARG   A 1 118 ? -7.330  13.904  -2.655  1.00 23.99 ? 380  ARG   A CB  1 
ATOM   997  C  CG  . ARG   A 1 118 ? -8.626  14.577  -2.232  1.00 27.23 ? 380  ARG   A CG  1 
ATOM   998  C  CD  . ARG   A 1 118 ? -8.458  16.095  -2.168  1.00 29.31 ? 380  ARG   A CD  1 
ATOM   999  N  NE  . ARG   A 1 118 ? -8.022  16.608  -3.461  1.00 31.55 ? 380  ARG   A NE  1 
ATOM   1000 C  CZ  . ARG   A 1 118 ? -8.832  17.034  -4.431  1.00 36.28 ? 380  ARG   A CZ  1 
ATOM   1001 N  NH1 . ARG   A 1 118 ? -10.147 17.031  -4.262  1.00 39.19 ? 380  ARG   A NH1 1 
ATOM   1002 N  NH2 . ARG   A 1 118 ? -8.325  17.473  -5.574  1.00 36.53 ? 380  ARG   A NH2 1 
ATOM   1003 N  N   . CYS   A 1 119 ? -6.333  11.253  -4.553  1.00 18.88 ? 381  CYS   A N   1 
ATOM   1004 C  CA  . CYS   A 1 119 ? -5.297  10.516  -5.320  1.00 19.61 ? 381  CYS   A CA  1 
ATOM   1005 C  C   . CYS   A 1 119 ? -4.156  11.482  -5.667  1.00 20.67 ? 381  CYS   A C   1 
ATOM   1006 O  O   . CYS   A 1 119 ? -3.018  10.997  -5.861  1.00 20.36 ? 381  CYS   A O   1 
ATOM   1007 C  CB  . CYS   A 1 119 ? -5.893  9.830   -6.546  1.00 21.72 ? 381  CYS   A CB  1 
ATOM   1008 S  SG  . CYS   A 1 119 ? -7.148  8.602   -6.091  1.00 26.55 ? 381  CYS   A SG  1 
ATOM   1009 N  N   . ASP   A 1 120 ? -4.423  12.796  -5.674  1.00 22.18 ? 382  ASP   A N   1 
ATOM   1010 C  CA  . ASP   A 1 120 ? -3.466  13.832  -6.143  1.00 23.82 ? 382  ASP   A CA  1 
ATOM   1011 C  C   . ASP   A 1 120 ? -2.516  14.259  -5.001  1.00 23.54 ? 382  ASP   A C   1 
ATOM   1012 O  O   . ASP   A 1 120 ? -1.560  14.980  -5.275  1.00 23.51 ? 382  ASP   A O   1 
ATOM   1013 C  CB  . ASP   A 1 120 ? -4.229  14.974  -6.839  1.00 28.16 ? 382  ASP   A CB  1 
ATOM   1014 C  CG  . ASP   A 1 120 ? -5.095  15.847  -5.942  1.00 31.27 ? 382  ASP   A CG  1 
ATOM   1015 O  OD1 . ASP   A 1 120 ? -5.145  15.605  -4.722  1.00 31.08 ? 382  ASP   A OD1 1 
ATOM   1016 O  OD2 . ASP   A 1 120 ? -5.713  16.782  -6.477  1.00 36.94 ? 382  ASP   A OD2 1 
ATOM   1017 N  N   . VAL   A 1 121 ? -2.694  13.767  -3.779  1.00 21.39 ? 383  VAL   A N   1 
ATOM   1018 C  CA  . VAL   A 1 121 ? -1.831  14.079  -2.594  1.00 23.72 ? 383  VAL   A CA  1 
ATOM   1019 C  C   . VAL   A 1 121 ? -0.457  13.381  -2.724  1.00 21.56 ? 383  VAL   A C   1 
ATOM   1020 O  O   . VAL   A 1 121 ? -0.387  12.172  -3.021  1.00 20.31 ? 383  VAL   A O   1 
ATOM   1021 C  CB  . VAL   A 1 121 ? -2.570  13.707  -1.291  1.00 23.40 ? 383  VAL   A CB  1 
ATOM   1022 C  CG1 . VAL   A 1 121 ? -1.670  13.724  -0.078  1.00 24.93 ? 383  VAL   A CG1 1 
ATOM   1023 C  CG2 . VAL   A 1 121 ? -3.781  14.597  -1.067  1.00 23.74 ? 383  VAL   A CG2 1 
ATOM   1024 N  N   . ASP   A 1 122 ? 0.627   14.114  -2.463  1.00 21.42 ? 384  ASP   A N   1 
ATOM   1025 C  CA  . ASP   A 1 122 ? 1.986   13.524  -2.353  1.00 22.17 ? 384  ASP   A CA  1 
ATOM   1026 C  C   . ASP   A 1 122 ? 2.071   12.745  -1.042  1.00 21.80 ? 384  ASP   A C   1 
ATOM   1027 O  O   . ASP   A 1 122 ? 1.858   13.332  0.041   1.00 21.78 ? 384  ASP   A O   1 
ATOM   1028 C  CB  . ASP   A 1 122 ? 3.107   14.559  -2.403  1.00 23.62 ? 384  ASP   A CB  1 
ATOM   1029 C  CG  . ASP   A 1 122 ? 3.412   15.075  -3.791  1.00 27.22 ? 384  ASP   A CG  1 
ATOM   1030 O  OD1 . ASP   A 1 122 ? 3.061   14.398  -4.767  1.00 26.48 ? 384  ASP   A OD1 1 
ATOM   1031 O  OD2 . ASP   A 1 122 ? 4.022   16.153  -3.865  1.00 30.85 ? 384  ASP   A OD2 1 
ATOM   1032 N  N   . ASN   A 1 123 ? 2.367   11.457  -1.144  1.00 20.85 ? 385  ASN   A N   1 
ATOM   1033 C  CA  . ASN   A 1 123 ? 2.360   10.532  0.009   1.00 21.57 ? 385  ASN   A CA  1 
ATOM   1034 C  C   . ASN   A 1 123 ? 3.526   9.567   -0.161  1.00 21.06 ? 385  ASN   A C   1 
ATOM   1035 O  O   . ASN   A 1 123 ? 3.958   9.321   -1.299  1.00 20.57 ? 385  ASN   A O   1 
ATOM   1036 C  CB  . ASN   A 1 123 ? 1.012   9.811   0.096   1.00 22.83 ? 385  ASN   A CB  1 
ATOM   1037 C  CG  . ASN   A 1 123 ? 0.679   9.272   1.472   1.00 24.55 ? 385  ASN   A CG  1 
ATOM   1038 O  OD1 . ASN   A 1 123 ? 1.337   9.601   2.459   1.00 27.27 ? 385  ASN   A OD1 1 
ATOM   1039 N  ND2 . ASN   A 1 123 ? -0.363  8.459   1.535   1.00 24.72 ? 385  ASN   A ND2 1 
ATOM   1040 N  N   . TYR   A 1 124 ? 4.004   9.001   0.937   1.00 20.49 ? 386  TYR   A N   1 
ATOM   1041 C  CA  . TYR   A 1 124 ? 4.919   7.841   0.876   1.00 20.23 ? 386  TYR   A CA  1 
ATOM   1042 C  C   . TYR   A 1 124 ? 4.136   6.702   0.220   1.00 19.97 ? 386  TYR   A C   1 
ATOM   1043 O  O   . TYR   A 1 124 ? 2.863   6.743   0.183   1.00 19.66 ? 386  TYR   A O   1 
ATOM   1044 C  CB  . TYR   A 1 124 ? 5.467   7.469   2.258   1.00 21.57 ? 386  TYR   A CB  1 
ATOM   1045 C  CG  . TYR   A 1 124 ? 6.307   8.570   2.842   1.00 23.89 ? 386  TYR   A CG  1 
ATOM   1046 C  CD1 . TYR   A 1 124 ? 7.605   8.783   2.390   1.00 23.68 ? 386  TYR   A CD1 1 
ATOM   1047 C  CD2 . TYR   A 1 124 ? 5.799   9.423   3.805   1.00 25.73 ? 386  TYR   A CD2 1 
ATOM   1048 C  CE1 . TYR   A 1 124 ? 8.381   9.817   2.883   1.00 26.82 ? 386  TYR   A CE1 1 
ATOM   1049 C  CE2 . TYR   A 1 124 ? 6.565   10.462  4.314   1.00 24.98 ? 386  TYR   A CE2 1 
ATOM   1050 C  CZ  . TYR   A 1 124 ? 7.861   10.654  3.858   1.00 28.53 ? 386  TYR   A CZ  1 
ATOM   1051 O  OH  . TYR   A 1 124 ? 8.641   11.673  4.349   1.00 27.11 ? 386  TYR   A OH  1 
ATOM   1052 N  N   . TRP   A 1 125 ? 4.867   5.705   -0.253  1.00 19.52 ? 387  TRP   A N   1 
ATOM   1053 C  CA  . TRP   A 1 125 ? 4.257   4.492   -0.849  1.00 20.31 ? 387  TRP   A CA  1 
ATOM   1054 C  C   . TRP   A 1 125 ? 5.050   3.248   -0.451  1.00 21.28 ? 387  TRP   A C   1 
ATOM   1055 O  O   . TRP   A 1 125 ? 6.207   3.369   -0.016  1.00 20.68 ? 387  TRP   A O   1 
ATOM   1056 C  CB  . TRP   A 1 125 ? 4.120   4.645   -2.356  1.00 20.65 ? 387  TRP   A CB  1 
ATOM   1057 C  CG  . TRP   A 1 125 ? 5.396   4.566   -3.122  1.00 21.06 ? 387  TRP   A CG  1 
ATOM   1058 C  CD1 . TRP   A 1 125 ? 5.949   3.435   -3.641  1.00 21.61 ? 387  TRP   A CD1 1 
ATOM   1059 C  CD2 . TRP   A 1 125 ? 6.269   5.653   -3.489  1.00 21.71 ? 387  TRP   A CD2 1 
ATOM   1060 N  NE1 . TRP   A 1 125 ? 7.126   3.733   -4.274  1.00 21.75 ? 387  TRP   A NE1 1 
ATOM   1061 C  CE2 . TRP   A 1 125 ? 7.341   5.089   -4.211  1.00 21.03 ? 387  TRP   A CE2 1 
ATOM   1062 C  CE3 . TRP   A 1 125 ? 6.283   7.031   -3.237  1.00 21.55 ? 387  TRP   A CE3 1 
ATOM   1063 C  CZ2 . TRP   A 1 125 ? 8.385   5.859   -4.716  1.00 21.57 ? 387  TRP   A CZ2 1 
ATOM   1064 C  CZ3 . TRP   A 1 125 ? 7.318   7.792   -3.746  1.00 21.17 ? 387  TRP   A CZ3 1 
ATOM   1065 C  CH2 . TRP   A 1 125 ? 8.347   7.211   -4.479  1.00 22.06 ? 387  TRP   A CH2 1 
ATOM   1066 N  N   . ILE   A 1 126 ? 4.425   2.086   -0.639  1.00 20.44 ? 388  ILE   A N   1 
ATOM   1067 C  CA  . ILE   A 1 126 ? 5.040   0.761   -0.379  1.00 19.83 ? 388  ILE   A CA  1 
ATOM   1068 C  C   . ILE   A 1 126 ? 4.848   -0.080  -1.642  1.00 18.93 ? 388  ILE   A C   1 
ATOM   1069 O  O   . ILE   A 1 126 ? 3.698   -0.235  -2.091  1.00 18.67 ? 388  ILE   A O   1 
ATOM   1070 C  CB  . ILE   A 1 126 ? 4.413   0.085   0.862   1.00 20.86 ? 388  ILE   A CB  1 
ATOM   1071 C  CG1 . ILE   A 1 126 ? 4.502   0.980   2.100   1.00 22.42 ? 388  ILE   A CG1 1 
ATOM   1072 C  CG2 . ILE   A 1 126 ? 5.058   -1.274  1.122   1.00 20.08 ? 388  ILE   A CG2 1 
ATOM   1073 C  CD1 . ILE   A 1 126 ? 3.751   0.444   3.280   1.00 21.59 ? 388  ILE   A CD1 1 
ATOM   1074 N  N   . CYS   A 1 127 ? 5.950   -0.613  -2.148  1.00 18.92 ? 389  CYS   A N   1 
ATOM   1075 C  CA  . CYS   A 1 127 ? 5.965   -1.597  -3.262  1.00 20.18 ? 389  CYS   A CA  1 
ATOM   1076 C  C   . CYS   A 1 127 ? 6.117   -3.006  -2.691  1.00 20.06 ? 389  CYS   A C   1 
ATOM   1077 O  O   . CYS   A 1 127 ? 6.725   -3.176  -1.619  1.00 21.34 ? 389  CYS   A O   1 
ATOM   1078 C  CB  . CYS   A 1 127 ? 7.099   -1.316  -4.238  1.00 19.68 ? 389  CYS   A CB  1 
ATOM   1079 S  SG  . CYS   A 1 127 ? 7.084   0.395   -4.841  1.00 23.85 ? 389  CYS   A SG  1 
ATOM   1080 N  N   . LYS   A 1 128 ? 5.612   -3.993  -3.424  1.00 20.01 ? 390  LYS   A N   1 
ATOM   1081 C  CA  . LYS   A 1 128 ? 5.773   -5.419  -3.070  1.00 19.87 ? 390  LYS   A CA  1 
ATOM   1082 C  C   . LYS   A 1 128 ? 6.187   -6.172  -4.328  1.00 18.82 ? 390  LYS   A C   1 
ATOM   1083 O  O   . LYS   A 1 128 ? 5.612   -5.891  -5.401  1.00 19.74 ? 390  LYS   A O   1 
ATOM   1084 C  CB  . LYS   A 1 128 ? 4.461   -5.962  -2.502  1.00 21.51 ? 390  LYS   A CB  1 
ATOM   1085 C  CG  . LYS   A 1 128 ? 4.408   -7.444  -2.155  1.00 23.78 ? 390  LYS   A CG  1 
ATOM   1086 C  CD  . LYS   A 1 128 ? 2.954   -7.855  -2.032  1.00 24.50 ? 390  LYS   A CD  1 
ATOM   1087 C  CE  . LYS   A 1 128 ? 2.665   -9.280  -1.663  1.00 27.87 ? 390  LYS   A CE  1 
ATOM   1088 N  NZ  . LYS   A 1 128 ? 1.245   -9.403  -1.244  1.00 24.07 ? 390  LYS   A NZ  1 
ATOM   1089 N  N   . LYS   A 1 129 ? 7.173   -7.045  -4.190  1.00 19.51 ? 391  LYS   A N   1 
ATOM   1090 C  CA  . LYS   A 1 129 ? 7.510   -8.054  -5.222  1.00 20.07 ? 391  LYS   A CA  1 
ATOM   1091 C  C   . LYS   A 1 129 ? 8.012   -9.303  -4.507  1.00 21.00 ? 391  LYS   A C   1 
ATOM   1092 O  O   . LYS   A 1 129 ? 8.462   -9.234  -3.370  1.00 19.70 ? 391  LYS   A O   1 
ATOM   1093 C  CB  . LYS   A 1 129 ? 8.531   -7.538  -6.239  1.00 21.07 ? 391  LYS   A CB  1 
ATOM   1094 C  CG  . LYS   A 1 129 ? 9.878   -7.086  -5.704  1.00 22.86 ? 391  LYS   A CG  1 
ATOM   1095 C  CD  . LYS   A 1 129 ? 10.803  -6.630  -6.838  1.00 22.59 ? 391  LYS   A CD  1 
ATOM   1096 C  CE  . LYS   A 1 129 ? 12.101  -6.016  -6.364  1.00 23.95 ? 391  LYS   A CE  1 
ATOM   1097 N  NZ  . LYS   A 1 129 ? 12.869  -5.429  -7.486  1.00 23.42 ? 391  LYS   A NZ  1 
ATOM   1098 N  N   . PRO   A 1 130 ? 7.926   -10.474 -5.157  1.00 22.82 ? 392  PRO   A N   1 
ATOM   1099 C  CA  . PRO   A 1 130 ? 8.483   -11.706 -4.596  1.00 25.40 ? 392  PRO   A CA  1 
ATOM   1100 C  C   . PRO   A 1 130 ? 9.984   -11.639 -4.268  1.00 24.69 ? 392  PRO   A C   1 
ATOM   1101 O  O   . PRO   A 1 130 ? 10.762  -10.978 -4.956  1.00 25.47 ? 392  PRO   A O   1 
ATOM   1102 C  CB  . PRO   A 1 130 ? 8.201   -12.732 -5.703  1.00 24.43 ? 392  PRO   A CB  1 
ATOM   1103 C  CG  . PRO   A 1 130 ? 6.969   -12.186 -6.363  1.00 25.58 ? 392  PRO   A CG  1 
ATOM   1104 C  CD  . PRO   A 1 130 ? 7.264   -10.697 -6.455  1.00 24.25 ? 392  PRO   A CD  1 
ATOM   1105 N  N   . ALA   A 1 131 ? 10.341  -12.280 -3.165  1.00 25.51 ? 393  ALA   A N   1 
ATOM   1106 C  CA  . ALA   A 1 131 ? 11.740  -12.507 -2.764  1.00 27.98 ? 393  ALA   A CA  1 
ATOM   1107 C  C   . ALA   A 1 131 ? 12.383  -13.349 -3.862  1.00 30.14 ? 393  ALA   A C   1 
ATOM   1108 O  O   . ALA   A 1 131 ? 11.647  -14.040 -4.582  1.00 28.89 ? 393  ALA   A O   1 
ATOM   1109 C  CB  . ALA   A 1 131 ? 11.800  -13.175 -1.411  1.00 29.26 ? 393  ALA   A CB  1 
ATOM   1110 N  N   . ALA   A 1 132 ? 13.699  -13.253 -4.008  1.00 32.14 ? 394  ALA   A N   1 
ATOM   1111 C  CA  . ALA   A 1 132 ? 14.466  -13.955 -5.061  1.00 35.92 ? 394  ALA   A CA  1 
ATOM   1112 C  C   . ALA   A 1 132 ? 15.709  -14.608 -4.446  1.00 36.40 ? 394  ALA   A C   1 
ATOM   1113 O  O   . ALA   A 1 132 ? 16.022  -14.413 -3.261  1.00 37.83 ? 394  ALA   A O   1 
ATOM   1114 C  CB  . ALA   A 1 132 ? 14.811  -12.978 -6.164  1.00 36.29 ? 394  ALA   A CB  1 
HETATM 1115 N  N   . CSO   A 1 133 ? 16.375  -15.417 -5.281  1.00 34.95 ? 395  CSO   A N   1 
HETATM 1116 C  CA  . CSO   A 1 133 ? 17.627  -16.080 -4.944  1.00 39.05 ? 395  CSO   A CA  1 
HETATM 1117 C  CB  . CSO   A 1 133 ? 17.885  -17.211 -5.935  1.00 42.14 ? 395  CSO   A CB  1 
HETATM 1118 S  SG  . CSO   A 1 133 ? 16.628  -18.527 -5.882  1.00 47.11 ? 395  CSO   A SG  1 
HETATM 1119 C  C   . CSO   A 1 133 ? 18.776  -15.072 -4.912  1.00 37.04 ? 395  CSO   A C   1 
HETATM 1120 O  O   . CSO   A 1 133 ? 19.848  -15.368 -4.384  1.00 41.94 ? 395  CSO   A O   1 
HETATM 1121 O  OD  . CSO   A 1 133 ? 16.488  -18.915 -4.281  1.00 40.89 ? 395  CSO   A OD  1 
ATOM   1122 N  N   . PHE   A 1 134 ? 18.536  -13.876 -5.461  1.00 38.00 ? 396  PHE   A N   1 
ATOM   1123 C  CA  . PHE   A 1 134 ? 19.547  -12.831 -5.563  1.00 40.00 ? 396  PHE   A CA  1 
ATOM   1124 C  C   . PHE   A 1 134 ? 18.923  -11.493 -5.142  1.00 37.15 ? 396  PHE   A C   1 
ATOM   1125 O  O   . PHE   A 1 134 ? 17.669  -11.404 -5.052  1.00 35.33 ? 396  PHE   A O   1 
ATOM   1126 C  CB  . PHE   A 1 134 ? 20.109  -12.772 -6.988  1.00 43.92 ? 396  PHE   A CB  1 
ATOM   1127 C  CG  . PHE   A 1 134 ? 19.106  -12.345 -8.033  1.00 44.64 ? 396  PHE   A CG  1 
ATOM   1128 C  CD1 . PHE   A 1 134 ? 18.267  -13.275 -8.632  1.00 46.80 ? 396  PHE   A CD1 1 
ATOM   1129 C  CD2 . PHE   A 1 134 ? 18.999  -11.011 -8.412  1.00 47.12 ? 396  PHE   A CD2 1 
ATOM   1130 C  CE1 . PHE   A 1 134 ? 17.334  -12.874 -9.577  1.00 51.54 ? 396  PHE   A CE1 1 
ATOM   1131 C  CE2 . PHE   A 1 134 ? 18.062  -10.612 -9.353  1.00 48.55 ? 396  PHE   A CE2 1 
ATOM   1132 C  CZ  . PHE   A 1 134 ? 17.231  -11.546 -9.937  1.00 51.14 ? 396  PHE   A CZ  1 
ATOM   1133 N  N   . ARG   A 1 135 ? 19.771  -10.501 -4.848  1.00 34.69 ? 397  ARG   A N   1 
ATOM   1134 C  CA  . ARG   A 1 135 ? 19.325  -9.117  -4.515  1.00 36.32 ? 397  ARG   A CA  1 
ATOM   1135 C  C   . ARG   A 1 135 ? 19.053  -8.351  -5.821  1.00 35.54 ? 397  ARG   A C   1 
ATOM   1136 O  O   . ARG   A 1 135 ? 20.011  -8.108  -6.569  1.00 31.98 ? 397  ARG   A O   1 
ATOM   1137 C  CB  . ARG   A 1 135 ? 20.383  -8.422  -3.653  1.00 38.68 ? 397  ARG   A CB  1 
ATOM   1138 C  CG  . ARG   A 1 135 ? 20.688  -9.136  -2.343  1.00 41.62 ? 397  ARG   A CG  1 
ATOM   1139 C  CD  . ARG   A 1 135 ? 22.034  -8.743  -1.761  1.00 46.32 ? 397  ARG   A CD  1 
ATOM   1140 N  NE  . ARG   A 1 135 ? 22.687  -9.857  -1.061  1.00 49.45 ? 397  ARG   A NE  1 
ATOM   1141 C  CZ  . ARG   A 1 135 ? 22.874  -9.945  0.257   1.00 53.61 ? 397  ARG   A CZ  1 
ATOM   1142 N  NH1 . ARG   A 1 135 ? 22.446  -8.990  1.065   1.00 62.75 ? 397  ARG   A NH1 1 
ATOM   1143 N  NH2 . ARG   A 1 135 ? 23.497  -10.993 0.772   1.00 53.78 ? 397  ARG   A NH2 1 
ATOM   1144 N  N   . ASP   A 1 136 ? 17.785  -8.023  -6.095  1.00 33.52 ? 398  ASP   A N   1 
ATOM   1145 C  CA  . ASP   A 1 136 ? 17.301  -7.506  -7.412  1.00 32.99 ? 398  ASP   A CA  1 
ATOM   1146 C  C   . ASP   A 1 136 ? 17.442  -5.978  -7.450  1.00 34.57 ? 398  ASP   A C   1 
ATOM   1147 O  O   . ASP   A 1 136 ? 16.395  -5.284  -7.273  1.00 35.49 ? 398  ASP   A O   1 
ATOM   1148 C  CB  . ASP   A 1 136 ? 15.862  -7.968  -7.679  1.00 32.07 ? 398  ASP   A CB  1 
ATOM   1149 C  CG  . ASP   A 1 136 ? 15.257  -7.515  -9.006  1.00 29.08 ? 398  ASP   A CG  1 
ATOM   1150 O  OD1 . ASP   A 1 136 ? 16.028  -7.305  -9.976  1.00 28.02 ? 398  ASP   A OD1 1 
ATOM   1151 O  OD2 . ASP   A 1 136 ? 14.023  -7.449  -9.074  1.00 25.85 ? 398  ASP   A OD2 1 
ATOM   1152 N  N   . GLU   A 1 137 ? 18.667  -5.490  -7.703  1.00 35.24 ? 399  GLU   A N   1 
ATOM   1153 C  CA  . GLU   A 1 137 ? 19.043  -4.047  -7.631  1.00 41.30 ? 399  GLU   A CA  1 
ATOM   1154 C  C   . GLU   A 1 137 ? 18.933  -3.395  -9.012  1.00 44.99 ? 399  GLU   A C   1 
ATOM   1155 O  O   . GLU   A 1 137 ? 19.095  -4.063  -10.045 1.00 44.67 ? 399  GLU   A O   1 
ATOM   1156 C  CB  . GLU   A 1 137 ? 20.481  -3.877  -7.137  1.00 43.82 ? 399  GLU   A CB  1 
ATOM   1157 C  CG  . GLU   A 1 137 ? 20.764  -4.607  -5.844  1.00 43.49 ? 399  GLU   A CG  1 
ATOM   1158 C  CD  . GLU   A 1 137 ? 20.046  -4.046  -4.631  1.00 44.35 ? 399  GLU   A CD  1 
ATOM   1159 O  OE1 . GLU   A 1 137 ? 19.465  -2.930  -4.724  1.00 45.00 ? 399  GLU   A OE1 1 
ATOM   1160 O  OE2 . GLU   A 1 137 ? 20.096  -4.714  -3.592  1.00 37.40 ? 399  GLU   A OE2 1 
ATOM   1161 O  OXT . GLU   A 1 137 ? 18.692  -2.178  -9.092  1.00 46.63 ? 399  GLU   A OXT 1 
HETATM 1162 CA CA  . CA    B 2 .   ? -10.804 9.922   4.281   1.00 21.78 ? 1001 CA    A CA  1 
HETATM 1163 CL CL  . CL    C 3 .   ? 11.999  6.945   -2.757  1.00 37.41 ? 1002 CL    A CL  1 
HETATM 1164 N  N1  . A1H0Q D 4 .   ? -1.429  13.095  4.847   1.00 20.67 ? 1003 A1H0Q A N1  1 
HETATM 1165 N  N3  . A1H0Q D 4 .   ? -2.881  11.324  5.097   1.00 21.94 ? 1003 A1H0Q A N3  1 
HETATM 1166 C  C4  . A1H0Q D 4 .   ? -6.190  12.483  6.064   1.00 18.51 ? 1003 A1H0Q A C4  1 
HETATM 1167 C  C5  . A1H0Q D 4 .   ? -8.246  13.812  5.338   1.00 20.35 ? 1003 A1H0Q A C5  1 
HETATM 1168 C  C6  . A1H0Q D 4 .   ? -9.340  12.778  5.206   1.00 20.65 ? 1003 A1H0Q A C6  1 
HETATM 1169 C  C7  . A1H0Q D 4 .   ? -9.662  12.162  6.545   1.00 22.54 ? 1003 A1H0Q A C7  1 
HETATM 1170 C  C8  . A1H0Q D 4 .   ? -9.662  13.087  7.745   1.00 22.11 ? 1003 A1H0Q A C8  1 
HETATM 1171 C  C10 . A1H0Q D 4 .   ? -8.501  14.762  6.478   1.00 21.90 ? 1003 A1H0Q A C10 1 
HETATM 1172 C  C1  . A1H0Q D 4 .   ? -1.873  11.909  4.468   1.00 21.24 ? 1003 A1H0Q A C1  1 
HETATM 1173 N  N2  . A1H0Q D 4 .   ? -1.330  11.317  3.420   1.00 21.57 1 1003 A1H0Q A N2  1 
HETATM 1174 C  C2  . A1H0Q D 4 .   ? -3.673  11.901  6.176   1.00 20.88 ? 1003 A1H0Q A C2  1 
HETATM 1175 C  C3  . A1H0Q D 4 .   ? -4.887  12.645  5.731   1.00 19.77 ? 1003 A1H0Q A C3  1 
HETATM 1176 N  N4  . A1H0Q D 4 .   ? -6.847  13.419  5.314   1.00 20.12 ? 1003 A1H0Q A N4  1 
HETATM 1177 N  N5  . A1H0Q D 4 .   ? -6.005  14.144  4.587   1.00 21.52 ? 1003 A1H0Q A N5  1 
HETATM 1178 N  N6  . A1H0Q D 4 .   ? -4.820  13.661  4.828   1.00 19.06 ? 1003 A1H0Q A N6  1 
HETATM 1179 O  O1  . A1H0Q D 4 .   ? -8.984  11.756  4.263   1.00 19.35 ? 1003 A1H0Q A O1  1 
HETATM 1180 O  O2  . A1H0Q D 4 .   ? -10.689 11.195  6.504   1.00 21.85 ? 1003 A1H0Q A O2  1 
HETATM 1181 C  C9  . A1H0Q D 4 .   ? -9.520  12.351  9.047   1.00 24.66 ? 1003 A1H0Q A C9  1 
HETATM 1182 O  O3  . A1H0Q D 4 .   ? -9.863  13.262  10.079  1.00 28.52 ? 1003 A1H0Q A O3  1 
HETATM 1183 O  O4  . A1H0Q D 4 .   ? -8.563  14.019  7.701   1.00 21.81 ? 1003 A1H0Q A O4  1 
HETATM 1184 O  O5  . A1H0Q D 4 .   ? -9.669  15.509  6.284   1.00 24.62 ? 1003 A1H0Q A O5  1 
HETATM 1185 C  C11 . A1H0Q D 4 .   ? -9.680  16.728  7.077   1.00 26.32 ? 1003 A1H0Q A C11 1 
HETATM 1186 C  C12 . A1H0Q D 4 .   ? -9.518  17.897  6.198   1.00 26.48 ? 1003 A1H0Q A C12 1 
HETATM 1187 CL CL1 . A1H0Q D 4 .   ? -7.866  18.022  5.566   1.00 26.35 ? 1003 A1H0Q A CL1 1 
HETATM 1188 O  O   . HOH   E 5 .   ? 2.336   9.049   15.835  1.00 53.38 ? 1101 HOH   A O   1 
HETATM 1189 O  O   . HOH   E 5 .   ? 4.521   17.795  -5.413  1.00 34.19 ? 1102 HOH   A O   1 
HETATM 1190 O  O   . HOH   E 5 .   ? 17.965  -1.081  -3.215  1.00 35.31 ? 1103 HOH   A O   1 
HETATM 1191 O  O   . HOH   E 5 .   ? -17.868 5.145   5.276   1.00 41.23 ? 1104 HOH   A O   1 
HETATM 1192 O  O   . HOH   E 5 .   ? 10.445  6.026   -10.235 1.00 35.45 ? 1105 HOH   A O   1 
HETATM 1193 O  O   . HOH   E 5 .   ? 10.853  -19.749 0.736   1.00 31.95 ? 1106 HOH   A O   1 
HETATM 1194 O  O   . HOH   E 5 .   ? 8.380   6.792   -11.720 1.00 45.84 ? 1107 HOH   A O   1 
HETATM 1195 O  O   . HOH   E 5 .   ? 12.071  0.684   -15.267 1.00 26.06 ? 1108 HOH   A O   1 
HETATM 1196 O  O   . HOH   E 5 .   ? 9.090   5.545   15.898  1.00 43.15 ? 1109 HOH   A O   1 
HETATM 1197 O  O   . HOH   E 5 .   ? 6.033   -4.552  10.836  1.00 35.69 ? 1110 HOH   A O   1 
HETATM 1198 O  O   . HOH   E 5 .   ? 20.253  -17.363 -2.973  1.00 44.91 ? 1111 HOH   A O   1 
HETATM 1199 O  O   . HOH   E 5 .   ? 24.691  -13.152 0.484   1.00 32.08 ? 1112 HOH   A O   1 
HETATM 1200 O  O   . HOH   E 5 .   ? -6.747  -9.867  -3.613  1.00 35.23 ? 1113 HOH   A O   1 
HETATM 1201 O  O   . HOH   E 5 .   ? 1.000   6.047   14.242  1.00 39.65 ? 1114 HOH   A O   1 
HETATM 1202 O  O   . HOH   E 5 .   ? -6.964  -10.094 -10.295 1.00 36.95 ? 1115 HOH   A O   1 
HETATM 1203 O  O   . HOH   E 5 .   ? 16.919  -6.083  1.728   1.00 47.41 ? 1116 HOH   A O   1 
HETATM 1204 O  O   . HOH   E 5 .   ? -22.007 2.808   -10.820 1.00 42.81 ? 1117 HOH   A O   1 
HETATM 1205 O  O   . HOH   E 5 .   ? 14.122  0.923   -12.019 1.00 32.66 ? 1118 HOH   A O   1 
HETATM 1206 O  O   . HOH   E 5 .   ? -16.781 3.996   -2.681  1.00 42.49 ? 1119 HOH   A O   1 
HETATM 1207 O  O   . HOH   E 5 .   ? -7.574  2.420   13.176  1.00 45.36 ? 1120 HOH   A O   1 
HETATM 1208 O  O   . HOH   E 5 .   ? 0.231   -12.091 2.029   1.00 46.52 ? 1121 HOH   A O   1 
HETATM 1209 O  O   . HOH   E 5 .   ? 1.837   2.891   -14.605 1.00 36.27 ? 1122 HOH   A O   1 
HETATM 1210 O  O   . HOH   E 5 .   ? 8.282   5.318   3.764   1.00 33.92 ? 1123 HOH   A O   1 
HETATM 1211 O  O   . HOH   E 5 .   ? 14.682  -3.440  -6.802  1.00 24.53 ? 1124 HOH   A O   1 
HETATM 1212 O  O   . HOH   E 5 .   ? -13.868 -7.504  12.357  1.00 26.68 ? 1125 HOH   A O   1 
HETATM 1213 O  O   . HOH   E 5 .   ? 4.483   -11.559 2.230   1.00 23.61 ? 1126 HOH   A O   1 
HETATM 1214 O  O   . HOH   E 5 .   ? -14.030 -0.558  9.259   1.00 38.90 ? 1127 HOH   A O   1 
HETATM 1215 O  O   . HOH   E 5 .   ? 3.035   13.406  -12.314 1.00 25.86 ? 1128 HOH   A O   1 
HETATM 1216 O  O   . HOH   E 5 .   ? 12.016  -0.522  2.584   1.00 46.45 ? 1129 HOH   A O   1 
HETATM 1217 O  O   . HOH   E 5 .   ? -10.046 14.311  -5.842  1.00 45.47 ? 1130 HOH   A O   1 
HETATM 1218 O  O   . HOH   E 5 .   ? 10.514  -10.200 -7.441  1.00 32.66 ? 1131 HOH   A O   1 
HETATM 1219 O  O   . HOH   E 5 .   ? -9.727  10.581  -7.850  1.00 26.34 ? 1132 HOH   A O   1 
HETATM 1220 O  O   . HOH   E 5 .   ? -6.334  9.843   8.174   1.00 23.95 ? 1133 HOH   A O   1 
HETATM 1221 O  O   . HOH   E 5 .   ? -15.868 -5.888  0.808   1.00 27.14 ? 1134 HOH   A O   1 
HETATM 1222 O  O   . HOH   E 5 .   ? -0.475  15.277  -7.652  1.00 34.75 ? 1135 HOH   A O   1 
HETATM 1223 O  O   . HOH   E 5 .   ? 2.184   -9.921  10.945  1.00 26.90 ? 1136 HOH   A O   1 
HETATM 1224 O  O   . HOH   E 5 .   ? -17.175 -6.858  6.027   1.00 34.93 ? 1137 HOH   A O   1 
HETATM 1225 O  O   . HOH   E 5 .   ? -6.712  -12.095 -0.121  1.00 32.99 ? 1138 HOH   A O   1 
HETATM 1226 O  O   . HOH   E 5 .   ? 15.551  -15.631 -7.791  1.00 49.42 ? 1139 HOH   A O   1 
HETATM 1227 O  O   . HOH   E 5 .   ? -14.533 7.805   -3.090  1.00 41.86 ? 1140 HOH   A O   1 
HETATM 1228 O  O   . HOH   E 5 .   ? -9.218  11.186  -5.283  1.00 25.56 ? 1141 HOH   A O   1 
HETATM 1229 O  O   . HOH   E 5 .   ? -16.301 -0.203  4.554   1.00 37.38 ? 1142 HOH   A O   1 
HETATM 1230 O  O   . HOH   E 5 .   ? 0.215   3.934   9.663   1.00 33.39 ? 1143 HOH   A O   1 
HETATM 1231 O  O   . HOH   E 5 .   ? -7.523  -0.009  -7.939  1.00 28.75 ? 1144 HOH   A O   1 
HETATM 1232 O  O   . HOH   E 5 .   ? 18.828  -10.304 1.321   1.00 31.85 ? 1145 HOH   A O   1 
HETATM 1233 O  O   . HOH   E 5 .   ? -10.559 -12.259 9.958   1.00 29.96 ? 1146 HOH   A O   1 
HETATM 1234 O  O   . HOH   E 5 .   ? 0.238   11.548  -12.170 1.00 32.72 ? 1147 HOH   A O   1 
HETATM 1235 O  O   . HOH   E 5 .   ? 8.022   13.485  6.228   1.00 29.67 ? 1148 HOH   A O   1 
HETATM 1236 O  O   . HOH   E 5 .   ? 9.568   13.444  1.722   1.00 32.96 ? 1149 HOH   A O   1 
HETATM 1237 O  O   . HOH   E 5 .   ? 0.292   6.786   8.945   1.00 40.31 ? 1150 HOH   A O   1 
HETATM 1238 O  O   . HOH   E 5 .   ? 3.057   2.830   16.254  1.00 33.19 ? 1151 HOH   A O   1 
HETATM 1239 O  O   . HOH   E 5 .   ? 1.774   -0.853  -15.899 1.00 40.64 ? 1152 HOH   A O   1 
HETATM 1240 O  O   . HOH   E 5 .   ? -14.627 -4.153  -5.331  1.00 46.61 ? 1153 HOH   A O   1 
HETATM 1241 O  O   . HOH   E 5 .   ? 18.443  -6.933  -11.148 1.00 33.42 ? 1154 HOH   A O   1 
HETATM 1242 O  O   . HOH   E 5 .   ? -5.526  5.490   13.817  1.00 29.82 ? 1155 HOH   A O   1 
HETATM 1243 O  O   . HOH   E 5 .   ? 2.918   11.326  3.861   1.00 24.32 ? 1156 HOH   A O   1 
HETATM 1244 O  O   . HOH   E 5 .   ? -16.215 14.507  -1.495  1.00 38.19 ? 1157 HOH   A O   1 
HETATM 1245 O  O   . HOH   E 5 .   ? -12.294 9.274   10.224  1.00 28.92 ? 1158 HOH   A O   1 
HETATM 1246 O  O   . HOH   E 5 .   ? -3.947  8.835   11.280  1.00 35.16 ? 1159 HOH   A O   1 
HETATM 1247 O  O   . HOH   E 5 .   ? -11.048 -6.407  -12.181 1.00 46.42 ? 1160 HOH   A O   1 
HETATM 1248 O  O   . HOH   E 5 .   ? -2.907  10.120  -8.465  1.00 46.29 ? 1161 HOH   A O   1 
HETATM 1249 O  O   . HOH   E 5 .   ? -14.650 7.133   -0.491  1.00 27.94 ? 1162 HOH   A O   1 
HETATM 1250 O  O   . HOH   E 5 .   ? -0.288  4.926   -12.828 1.00 26.91 ? 1163 HOH   A O   1 
HETATM 1251 O  O   . HOH   E 5 .   ? -15.266 9.116   -6.981  1.00 33.95 ? 1164 HOH   A O   1 
HETATM 1252 O  O   . HOH   E 5 .   ? 1.037   12.840  2.636   1.00 24.60 ? 1165 HOH   A O   1 
HETATM 1253 O  O   . HOH   E 5 .   ? -15.756 1.232   6.707   1.00 30.55 ? 1166 HOH   A O   1 
HETATM 1254 O  O   . HOH   E 5 .   ? 13.086  -9.764  -7.885  1.00 31.54 ? 1167 HOH   A O   1 
HETATM 1255 O  O   . HOH   E 5 .   ? -1.133  -8.807  -6.743  1.00 51.17 ? 1168 HOH   A O   1 
HETATM 1256 O  O   . HOH   E 5 .   ? -9.974  -10.507 -3.579  1.00 52.03 ? 1169 HOH   A O   1 
HETATM 1257 O  O   . HOH   E 5 .   ? 1.250   -12.156 -1.662  1.00 33.65 ? 1170 HOH   A O   1 
HETATM 1258 O  O   . HOH   E 5 .   ? 8.843   -9.138  -9.640  1.00 33.71 ? 1171 HOH   A O   1 
HETATM 1259 O  O   . HOH   E 5 .   ? 11.151  6.893   -14.425 1.00 38.60 ? 1172 HOH   A O   1 
HETATM 1260 O  O   . HOH   E 5 .   ? -10.467 0.447   -9.200  1.00 31.27 ? 1173 HOH   A O   1 
HETATM 1261 O  O   . HOH   E 5 .   ? -8.954  -12.178 6.574   1.00 48.46 ? 1174 HOH   A O   1 
HETATM 1262 O  O   . HOH   E 5 .   ? 4.911   -7.422  -7.654  1.00 30.03 ? 1175 HOH   A O   1 
HETATM 1263 O  O   . HOH   E 5 .   ? -13.324 -2.511  12.264  1.00 42.63 ? 1176 HOH   A O   1 
HETATM 1264 O  O   . HOH   E 5 .   ? -0.608  0.680   14.643  1.00 35.57 ? 1177 HOH   A O   1 
HETATM 1265 O  O   . HOH   E 5 .   ? 15.845  -9.359  -4.354  1.00 33.11 ? 1178 HOH   A O   1 
HETATM 1266 O  O   . HOH   E 5 .   ? -4.366  17.583  -8.842  1.00 42.94 ? 1179 HOH   A O   1 
HETATM 1267 O  O   . HOH   E 5 .   ? 2.137   7.914   -13.381 1.00 25.44 ? 1180 HOH   A O   1 
HETATM 1268 O  O   . HOH   E 5 .   ? -9.066  -8.007  -0.206  1.00 29.12 ? 1181 HOH   A O   1 
HETATM 1269 O  O   . HOH   E 5 .   ? -8.379  8.494   9.139   1.00 20.55 ? 1182 HOH   A O   1 
HETATM 1270 O  O   . HOH   E 5 .   ? 5.714   -5.032  -11.850 1.00 31.58 ? 1183 HOH   A O   1 
HETATM 1271 O  O   . HOH   E 5 .   ? -16.666 3.752   11.262  1.00 28.65 ? 1184 HOH   A O   1 
HETATM 1272 O  O   . HOH   E 5 .   ? 2.102   -0.643  -9.100  1.00 19.33 ? 1185 HOH   A O   1 
HETATM 1273 O  O   . HOH   E 5 .   ? 11.070  3.473   -8.872  1.00 24.78 ? 1186 HOH   A O   1 
HETATM 1274 O  O   . HOH   E 5 .   ? 0.242   16.839  -1.642  1.00 27.27 ? 1187 HOH   A O   1 
HETATM 1275 O  O   . HOH   E 5 .   ? 8.854   13.910  -1.129  1.00 37.42 ? 1188 HOH   A O   1 
HETATM 1276 O  O   . HOH   E 5 .   ? -14.703 -4.700  -2.969  1.00 43.32 ? 1189 HOH   A O   1 
HETATM 1277 O  O   . HOH   E 5 .   ? -3.680  -4.377  11.586  1.00 31.14 ? 1190 HOH   A O   1 
HETATM 1278 O  O   . HOH   E 5 .   ? -9.304  -0.247  11.831  1.00 38.86 ? 1191 HOH   A O   1 
HETATM 1279 O  O   . HOH   E 5 .   ? 9.711   12.315  -6.728  1.00 50.00 ? 1192 HOH   A O   1 
HETATM 1280 O  O   . HOH   E 5 .   ? 13.209  -9.413  -5.135  1.00 27.72 ? 1193 HOH   A O   1 
HETATM 1281 O  O   . HOH   E 5 .   ? -16.210 4.244   -0.120  1.00 37.74 ? 1194 HOH   A O   1 
HETATM 1282 O  O   . HOH   E 5 .   ? -9.981  3.574   14.178  1.00 27.05 ? 1195 HOH   A O   1 
HETATM 1283 O  O   . HOH   E 5 .   ? 14.903  -0.350  -5.235  1.00 36.96 ? 1196 HOH   A O   1 
HETATM 1284 O  O   . HOH   E 5 .   ? 12.895  7.412   -8.207  1.00 44.16 ? 1197 HOH   A O   1 
HETATM 1285 O  O   . HOH   E 5 .   ? 6.237   3.849   2.929   1.00 30.91 ? 1198 HOH   A O   1 
HETATM 1286 O  O   . HOH   E 5 .   ? 9.065   -13.893 7.210   1.00 29.36 ? 1199 HOH   A O   1 
HETATM 1287 O  O   . HOH   E 5 .   ? 13.805  2.288   1.609   1.00 48.09 ? 1200 HOH   A O   1 
HETATM 1288 O  O   . HOH   E 5 .   ? 1.510   -6.106  -4.618  1.00 25.84 ? 1201 HOH   A O   1 
HETATM 1289 O  O   . HOH   E 5 .   ? 9.312   2.488   -5.927  1.00 32.15 ? 1202 HOH   A O   1 
HETATM 1290 O  O   . HOH   E 5 .   ? 3.278   15.695  1.269   1.00 34.23 ? 1203 HOH   A O   1 
HETATM 1291 O  O   . HOH   E 5 .   ? 0.348   -9.327  -4.128  1.00 30.85 ? 1204 HOH   A O   1 
HETATM 1292 O  O   . HOH   E 5 .   ? -14.599 2.106   9.747   1.00 38.50 ? 1205 HOH   A O   1 
HETATM 1293 O  O   . HOH   E 5 .   ? -7.188  13.558  -6.637  1.00 32.19 ? 1206 HOH   A O   1 
HETATM 1294 O  O   . HOH   E 5 .   ? -6.881  -9.668  -1.138  1.00 38.20 ? 1207 HOH   A O   1 
HETATM 1295 O  O   . HOH   E 5 .   ? -2.672  4.038   -12.122 1.00 32.98 ? 1208 HOH   A O   1 
HETATM 1296 O  O   . HOH   E 5 .   ? -5.194  17.537  -2.365  1.00 40.38 ? 1209 HOH   A O   1 
HETATM 1297 O  O   . HOH   E 5 .   ? -0.489  0.788   -14.711 1.00 38.06 ? 1210 HOH   A O   1 
HETATM 1298 O  O   . HOH   E 5 .   ? -15.520 10.909  8.835   1.00 35.12 ? 1211 HOH   A O   1 
HETATM 1299 O  O   . HOH   E 5 .   ? -0.823  -7.741  -11.229 1.00 31.84 ? 1212 HOH   A O   1 
HETATM 1300 O  O   . HOH   E 5 .   ? -8.453  19.112  -1.718  1.00 46.04 ? 1213 HOH   A O   1 
HETATM 1301 O  O   . HOH   E 5 .   ? 14.577  -7.612  5.790   1.00 28.90 ? 1214 HOH   A O   1 
HETATM 1302 O  O   . HOH   E 5 .   ? -17.007 6.903   1.297   1.00 45.80 ? 1215 HOH   A O   1 
HETATM 1303 O  O   . HOH   E 5 .   ? 0.305   -2.412  -10.910 1.00 12.30 ? 1216 HOH   A O   1 
HETATM 1304 O  O   . HOH   E 5 .   ? -15.675 -8.983  -1.890  1.00 38.74 ? 1217 HOH   A O   1 
HETATM 1305 O  O   . HOH   E 5 .   ? -15.607 -2.315  -1.366  1.00 28.55 ? 1218 HOH   A O   1 
HETATM 1306 O  O   . HOH   E 5 .   ? -7.732  10.018  -9.641  1.00 32.67 ? 1219 HOH   A O   1 
HETATM 1307 O  O   . HOH   E 5 .   ? 16.803  -10.977 3.079   1.00 36.30 ? 1220 HOH   A O   1 
HETATM 1308 O  O   . HOH   E 5 .   ? 3.262   15.331  3.932   1.00 35.60 ? 1221 HOH   A O   1 
HETATM 1309 O  O   . HOH   E 5 .   ? 1.055   15.054  -11.316 1.00 29.70 ? 1222 HOH   A O   1 
HETATM 1310 O  O   . HOH   E 5 .   ? -17.418 6.069   -5.720  1.00 35.58 ? 1223 HOH   A O   1 
HETATM 1311 O  O   . HOH   E 5 .   ? 2.400   -13.092 3.145   1.00 31.13 ? 1224 HOH   A O   1 
HETATM 1312 O  O   . HOH   E 5 .   ? 23.188  -3.477  -2.892  1.00 49.10 ? 1225 HOH   A O   1 
HETATM 1313 O  O   . HOH   E 5 .   ? 18.342  -17.390 -1.396  1.00 42.07 ? 1226 HOH   A O   1 
HETATM 1314 O  O   . HOH   E 5 .   ? -17.642 0.884   -1.688  1.00 36.79 ? 1227 HOH   A O   1 
HETATM 1315 O  O   . HOH   E 5 .   ? 2.915   -8.158  -5.453  1.00 37.36 ? 1228 HOH   A O   1 
HETATM 1316 O  O   . HOH   E 5 .   ? 7.152   3.891   17.597  1.00 39.40 ? 1229 HOH   A O   1 
HETATM 1317 O  O   . HOH   E 5 .   ? -3.634  12.455  -9.292  1.00 39.61 ? 1230 HOH   A O   1 
HETATM 1318 O  O   . HOH   E 5 .   ? 15.113  -5.151  6.710   1.00 43.82 ? 1231 HOH   A O   1 
HETATM 1319 O  O   . HOH   E 5 .   ? -6.252  12.244  -9.016  1.00 40.50 ? 1232 HOH   A O   1 
HETATM 1320 O  O   . HOH   E 5 .   ? -10.435 -1.118  14.959  1.00 51.51 ? 1233 HOH   A O   1 
HETATM 1321 O  O   . HOH   E 5 .   ? -8.597  9.009   11.693  1.00 30.44 ? 1234 HOH   A O   1 
HETATM 1322 O  O   . HOH   E 5 .   ? -6.008  -0.090  -10.492 1.00 43.83 ? 1235 HOH   A O   1 
HETATM 1323 O  O   . HOH   E 5 .   ? 11.997  5.810   -5.362  1.00 45.19 ? 1236 HOH   A O   1 
HETATM 1324 O  O   . HOH   E 5 .   ? 11.821  3.440   -6.312  1.00 30.00 ? 1237 HOH   A O   1 
HETATM 1325 O  O   . HOH   E 5 .   ? 13.498  1.825   -5.245  1.00 48.54 ? 1238 HOH   A O   1 
# 
